data_2OCD
#
_entry.id   2OCD
#
_cell.length_a   53.235
_cell.length_b   117.838
_cell.length_c   121.431
_cell.angle_alpha   90.00
_cell.angle_beta   91.44
_cell.angle_gamma   90.00
#
_symmetry.space_group_name_H-M   'P 1 21 1'
#
loop_
_entity.id
_entity.type
_entity.pdbx_description
1 polymer 'L-asparaginase I'
2 non-polymer 'ACETATE ION'
3 non-polymer GLYCEROL
4 water water
#
_entity_poly.entity_id   1
_entity_poly.type   'polypeptide(L)'
_entity_poly.pdbx_seq_one_letter_code
;(MSE)ARKHIYIAYTGGTIG(MSE)KKSDHGYVPVAGF(MSE)EKQLAS(MSE)PEFHRPE(MSE)PLFTIHEYDPL
(MSE)DSSD(MSE)TPADWQLIADDIAANYDKYDGFVILHGTDT(MSE)AYTASALSF(MSE)FENLGKPVIVTGSQIPL
ADLRSDGQANLLNALHVAANYPINEVTLFFNNRL(MSE)RGNRSRKSHADGFSAFSSPNLPPLLEAGINIELSTNVKVDE
KPSGEFKVNPITPQPIGVIT(MSE)YPGISHEVIRNTLLQPVNA(MSE)ILLTFGVGNAPQNPELLAQLKAASERGVIVV
NLTQCLAGKVN(MSE)GGYATGCALADAGVISGYD(MSE)TPEAALAKLHYLLSQNLSYEEVKAK(MSE)QQVLRGE
(MSE)TL
;
_entity_poly.pdbx_strand_id   A,B,C,D
#
loop_
_chem_comp.id
_chem_comp.type
_chem_comp.name
_chem_comp.formula
ACT non-polymer 'ACETATE ION' 'C2 H3 O2 -1'
GOL non-polymer GLYCEROL 'C3 H8 O3'
#
# COMPACT_ATOMS: atom_id res chain seq x y z
N ALA A 2 -8.06 32.70 -22.60
CA ALA A 2 -8.35 31.39 -21.94
C ALA A 2 -7.48 31.25 -20.72
N ARG A 3 -6.71 32.28 -20.36
CA ARG A 3 -5.96 32.27 -19.08
C ARG A 3 -6.79 32.79 -17.90
N LYS A 4 -6.79 32.03 -16.82
CA LYS A 4 -7.45 32.41 -15.55
C LYS A 4 -6.49 33.24 -14.66
N HIS A 5 -7.03 33.97 -13.70
CA HIS A 5 -6.21 34.73 -12.78
C HIS A 5 -6.44 34.24 -11.32
N ILE A 6 -5.37 33.78 -10.64
CA ILE A 6 -5.51 33.22 -9.30
C ILE A 6 -4.86 34.10 -8.25
N TYR A 7 -5.55 34.30 -7.12
CA TYR A 7 -5.02 35.08 -6.05
C TYR A 7 -4.28 34.21 -5.12
N ILE A 8 -3.05 34.56 -4.77
CA ILE A 8 -2.27 33.80 -3.74
C ILE A 8 -2.10 34.65 -2.51
N ALA A 9 -2.73 34.24 -1.41
CA ALA A 9 -2.59 34.86 -0.09
C ALA A 9 -1.52 34.08 0.62
N TYR A 10 -0.34 34.69 0.81
CA TYR A 10 0.71 34.06 1.60
C TYR A 10 0.45 34.52 3.02
N THR A 11 -0.30 33.72 3.78
CA THR A 11 -0.60 34.05 5.15
C THR A 11 0.60 33.84 6.06
N GLY A 12 1.44 32.89 5.68
CA GLY A 12 2.53 32.47 6.52
C GLY A 12 2.95 31.04 6.23
N GLY A 13 4.00 30.62 6.91
CA GLY A 13 4.43 29.24 6.92
C GLY A 13 5.76 29.03 6.23
N THR A 14 6.31 27.84 6.48
CA THR A 14 7.63 27.48 5.98
C THR A 14 7.84 27.71 4.47
N ILE A 15 6.80 27.58 3.66
CA ILE A 15 6.98 27.67 2.21
C ILE A 15 7.60 29.01 1.79
N GLY A 16 7.31 30.09 2.52
CA GLY A 16 7.90 31.40 2.20
C GLY A 16 9.14 31.87 2.97
N MSE A 17 9.86 30.95 3.57
CA MSE A 17 10.95 31.36 4.44
C MSE A 17 12.32 31.09 3.84
O MSE A 17 12.45 30.63 2.72
CB MSE A 17 10.78 30.61 5.76
CG MSE A 17 9.43 30.87 6.48
SE MSE A 17 9.54 30.12 8.31
CE MSE A 17 7.63 29.93 8.90
N LYS A 18 13.35 31.40 4.62
CA LYS A 18 14.71 30.96 4.30
C LYS A 18 15.36 30.27 5.49
N LYS A 19 16.44 29.56 5.24
CA LYS A 19 17.07 28.75 6.28
C LYS A 19 17.95 29.56 7.18
N SER A 20 18.26 29.00 8.36
CA SER A 20 19.21 29.59 9.29
C SER A 20 19.71 28.53 10.25
N ASP A 21 20.44 28.94 11.27
CA ASP A 21 20.87 28.04 12.32
C ASP A 21 19.86 28.11 13.47
N PRO A 26 14.26 31.75 9.26
CA PRO A 26 13.26 32.74 9.59
C PRO A 26 12.47 33.11 8.37
N VAL A 27 11.43 33.91 8.56
CA VAL A 27 10.79 34.50 7.41
C VAL A 27 11.35 35.91 7.06
N ALA A 28 11.42 36.25 5.77
CA ALA A 28 11.87 37.57 5.31
C ALA A 28 10.75 38.27 4.53
N GLY A 29 10.44 39.50 4.92
CA GLY A 29 9.49 40.34 4.20
C GLY A 29 9.73 40.36 2.69
N PHE A 30 8.76 39.85 1.93
CA PHE A 30 8.64 40.02 0.46
C PHE A 30 9.52 39.05 -0.41
N MSE A 31 10.10 38.05 0.25
CA MSE A 31 10.93 37.04 -0.40
C MSE A 31 10.11 36.17 -1.34
O MSE A 31 10.57 35.87 -2.45
CB MSE A 31 11.67 36.14 0.61
CG MSE A 31 12.99 35.64 0.02
SE MSE A 31 13.51 33.75 0.24
CE MSE A 31 14.94 33.62 -1.09
N GLU A 32 8.95 35.72 -0.89
CA GLU A 32 8.05 34.89 -1.69
C GLU A 32 7.83 35.48 -3.07
N LYS A 33 7.41 36.72 -3.12
CA LYS A 33 7.02 37.28 -4.41
C LYS A 33 8.27 37.41 -5.28
N GLN A 34 9.39 37.66 -4.62
CA GLN A 34 10.69 37.64 -5.27
C GLN A 34 11.05 36.25 -5.77
N LEU A 35 10.70 35.22 -5.02
CA LEU A 35 10.91 33.83 -5.45
C LEU A 35 10.00 33.45 -6.61
N ALA A 36 8.75 33.92 -6.62
CA ALA A 36 7.77 33.42 -7.57
C ALA A 36 8.21 33.61 -9.02
N SER A 37 9.26 34.39 -9.27
N SER A 37 9.22 34.47 -9.20
CA SER A 37 9.79 34.50 -10.65
CA SER A 37 10.24 34.52 -10.31
C SER A 37 10.75 33.33 -11.05
C SER A 37 10.89 33.24 -10.95
N MSE A 38 10.19 32.12 -10.99
CA MSE A 38 10.79 30.94 -11.55
C MSE A 38 9.96 30.62 -12.78
O MSE A 38 8.71 30.54 -12.70
CB MSE A 38 10.75 29.81 -10.53
CG MSE A 38 11.31 30.19 -9.18
SE MSE A 38 10.33 29.45 -7.65
CE MSE A 38 10.83 27.53 -7.78
N PRO A 39 10.61 30.48 -13.92
CA PRO A 39 9.91 30.55 -15.18
C PRO A 39 8.78 29.56 -15.34
N GLU A 40 8.84 28.41 -14.64
CA GLU A 40 7.71 27.48 -14.67
C GLU A 40 6.35 28.10 -14.28
N PHE A 41 6.34 29.16 -13.49
CA PHE A 41 5.06 29.87 -13.22
C PHE A 41 4.60 30.88 -14.29
N HIS A 42 5.47 31.30 -15.19
CA HIS A 42 5.17 32.39 -16.14
C HIS A 42 5.12 31.80 -17.55
N ARG A 43 4.16 30.91 -17.71
CA ARG A 43 4.01 30.22 -18.97
C ARG A 43 2.55 30.16 -19.28
N PRO A 44 2.22 30.20 -20.55
CA PRO A 44 0.81 30.40 -20.94
C PRO A 44 -0.17 29.32 -20.48
N GLU A 45 0.33 28.10 -20.27
CA GLU A 45 -0.49 26.99 -19.76
C GLU A 45 -0.75 27.10 -18.29
N MSE A 46 -0.13 28.05 -17.62
CA MSE A 46 -0.36 28.30 -16.22
C MSE A 46 -1.20 29.56 -16.12
O MSE A 46 -1.12 30.42 -16.99
CB MSE A 46 0.95 28.52 -15.44
CG MSE A 46 1.78 27.25 -15.18
SE MSE A 46 0.94 26.09 -13.78
CE MSE A 46 1.34 27.33 -12.29
N PRO A 47 -2.01 29.65 -15.07
CA PRO A 47 -2.77 30.87 -14.84
C PRO A 47 -1.86 32.04 -14.48
N LEU A 48 -2.32 33.25 -14.66
CA LEU A 48 -1.63 34.38 -14.08
C LEU A 48 -1.96 34.46 -12.60
N PHE A 49 -1.07 35.05 -11.83
CA PHE A 49 -1.30 35.16 -10.40
C PHE A 49 -0.92 36.53 -9.86
N THR A 50 -1.65 36.94 -8.81
CA THR A 50 -1.24 38.03 -7.97
C THR A 50 -1.04 37.52 -6.55
N ILE A 51 0.14 37.74 -6.02
CA ILE A 51 0.48 37.27 -4.68
C ILE A 51 0.39 38.43 -3.69
N HIS A 52 -0.14 38.16 -2.50
CA HIS A 52 -0.24 39.14 -1.42
C HIS A 52 0.38 38.54 -0.16
N GLU A 53 1.41 39.19 0.35
CA GLU A 53 2.02 38.76 1.58
C GLU A 53 1.31 39.42 2.77
N TYR A 54 0.91 38.64 3.76
CA TYR A 54 0.18 39.23 4.87
C TYR A 54 1.17 40.04 5.74
N ASP A 55 0.71 41.19 6.24
CA ASP A 55 1.53 41.94 7.17
C ASP A 55 0.62 42.26 8.33
N PRO A 56 0.92 41.70 9.52
CA PRO A 56 2.09 40.82 9.77
C PRO A 56 1.85 39.36 9.33
N LEU A 57 2.95 38.64 9.24
CA LEU A 57 2.94 37.28 8.81
C LEU A 57 2.38 36.42 9.90
N MSE A 58 1.50 35.49 9.55
CA MSE A 58 0.92 34.60 10.55
C MSE A 58 1.78 33.35 10.92
O MSE A 58 2.33 32.68 10.07
CB MSE A 58 -0.50 34.19 10.11
CG MSE A 58 -1.55 35.31 10.11
SE MSE A 58 -3.28 34.75 9.28
CE MSE A 58 -4.33 36.38 9.67
N ASP A 59 1.85 33.04 12.20
CA ASP A 59 2.48 31.78 12.67
C ASP A 59 1.38 30.77 12.95
N SER A 60 1.50 29.62 12.29
CA SER A 60 0.46 28.55 12.23
C SER A 60 -0.05 28.14 13.62
N SER A 61 0.88 28.00 14.55
CA SER A 61 0.55 27.58 15.89
C SER A 61 0.00 28.72 16.76
N ASP A 62 0.22 29.97 16.41
CA ASP A 62 -0.39 31.03 17.21
C ASP A 62 -1.70 31.57 16.63
N MSE A 63 -2.33 30.84 15.71
CA MSE A 63 -3.53 31.30 15.03
C MSE A 63 -4.71 31.34 15.98
O MSE A 63 -4.81 30.56 16.91
CB MSE A 63 -4.00 30.36 13.90
CG MSE A 63 -3.04 30.08 12.74
SE MSE A 63 -3.21 31.14 11.08
CE MSE A 63 -5.12 30.95 10.61
N THR A 64 -5.64 32.21 15.65
CA THR A 64 -6.88 32.36 16.36
C THR A 64 -8.00 32.53 15.33
N PRO A 65 -9.25 32.34 15.73
CA PRO A 65 -10.40 32.65 14.90
C PRO A 65 -10.41 34.06 14.28
N ALA A 66 -9.76 35.02 14.95
CA ALA A 66 -9.51 36.35 14.36
C ALA A 66 -8.68 36.31 13.10
N ASP A 67 -7.72 35.40 13.07
CA ASP A 67 -6.90 35.22 11.87
C ASP A 67 -7.75 34.52 10.79
N TRP A 68 -8.66 33.62 11.19
CA TRP A 68 -9.54 33.05 10.20
C TRP A 68 -10.33 34.19 9.53
N GLN A 69 -10.91 35.04 10.35
CA GLN A 69 -11.76 36.13 9.88
C GLN A 69 -10.97 37.04 8.94
N LEU A 70 -9.72 37.33 9.32
CA LEU A 70 -8.84 38.12 8.46
C LEU A 70 -8.69 37.44 7.09
N ILE A 71 -8.42 36.13 7.09
CA ILE A 71 -8.26 35.45 5.82
C ILE A 71 -9.56 35.52 5.05
N ALA A 72 -10.68 35.19 5.70
CA ALA A 72 -11.99 35.14 5.01
C ALA A 72 -12.27 36.45 4.30
N ASP A 73 -11.94 37.59 4.95
CA ASP A 73 -12.32 38.94 4.47
C ASP A 73 -11.44 39.38 3.34
N ASP A 74 -10.19 38.92 3.39
CA ASP A 74 -9.23 39.19 2.32
C ASP A 74 -9.74 38.51 1.05
N ILE A 75 -10.19 37.27 1.18
CA ILE A 75 -10.81 36.53 0.11
C ILE A 75 -12.12 37.24 -0.39
N ALA A 76 -12.96 37.69 0.55
CA ALA A 76 -14.18 38.47 0.22
C ALA A 76 -13.84 39.74 -0.55
N ALA A 77 -12.88 40.51 -0.03
CA ALA A 77 -12.37 41.73 -0.64
C ALA A 77 -11.87 41.50 -2.07
N ASN A 78 -11.40 40.30 -2.39
CA ASN A 78 -10.85 40.01 -3.72
C ASN A 78 -11.70 39.07 -4.53
N TYR A 79 -12.90 38.78 -4.08
CA TYR A 79 -13.64 37.66 -4.63
C TYR A 79 -14.00 37.83 -6.10
N ASP A 80 -14.40 39.06 -6.48
CA ASP A 80 -14.88 39.33 -7.83
C ASP A 80 -13.74 39.52 -8.80
N LYS A 81 -12.61 39.96 -8.27
CA LYS A 81 -11.42 40.23 -9.05
C LYS A 81 -10.74 38.98 -9.66
N TYR A 82 -10.75 37.86 -8.97
CA TYR A 82 -9.96 36.73 -9.44
C TYR A 82 -10.85 35.56 -9.78
N ASP A 83 -10.26 34.55 -10.41
CA ASP A 83 -11.00 33.29 -10.72
C ASP A 83 -10.91 32.16 -9.66
N GLY A 84 -9.95 32.20 -8.77
CA GLY A 84 -9.83 31.16 -7.74
C GLY A 84 -8.75 31.56 -6.79
N PHE A 85 -8.66 30.89 -5.66
CA PHE A 85 -7.80 31.37 -4.61
C PHE A 85 -6.97 30.28 -4.02
N VAL A 86 -5.69 30.59 -3.80
CA VAL A 86 -4.72 29.71 -3.13
C VAL A 86 -4.27 30.38 -1.86
N ILE A 87 -4.49 29.69 -0.75
CA ILE A 87 -4.05 30.17 0.52
C ILE A 87 -2.79 29.40 0.95
N LEU A 88 -1.68 30.13 1.08
CA LEU A 88 -0.44 29.55 1.63
C LEU A 88 -0.41 29.72 3.15
N HIS A 89 -0.01 28.66 3.82
CA HIS A 89 -0.25 28.53 5.25
C HIS A 89 0.74 27.56 5.81
N GLY A 90 0.94 27.63 7.11
CA GLY A 90 1.85 26.71 7.80
C GLY A 90 1.15 25.43 8.09
N THR A 91 1.87 24.31 8.14
CA THR A 91 1.19 23.01 8.24
C THR A 91 0.52 22.72 9.58
N ASP A 92 0.92 23.39 10.69
CA ASP A 92 0.52 22.92 12.04
C ASP A 92 -0.98 22.92 12.20
N THR A 93 -1.60 24.02 11.77
CA THR A 93 -3.08 24.13 11.88
C THR A 93 -3.74 24.39 10.56
N MSE A 94 -3.14 23.85 9.53
CA MSE A 94 -3.69 23.99 8.20
C MSE A 94 -5.11 23.42 8.14
O MSE A 94 -6.03 24.06 7.64
CB MSE A 94 -2.79 23.32 7.19
CG MSE A 94 -3.01 23.88 5.85
SE MSE A 94 -1.70 23.29 4.54
CE MSE A 94 -2.35 21.54 4.11
N ALA A 95 -5.30 22.23 8.72
CA ALA A 95 -6.56 21.53 8.62
C ALA A 95 -7.62 22.31 9.41
N TYR A 96 -7.20 22.98 10.47
CA TYR A 96 -8.13 23.78 11.24
C TYR A 96 -8.65 24.97 10.40
N THR A 97 -7.73 25.73 9.82
CA THR A 97 -8.10 26.91 9.07
C THR A 97 -9.09 26.52 7.99
N ALA A 98 -8.76 25.47 7.26
CA ALA A 98 -9.49 25.07 6.06
C ALA A 98 -10.92 24.61 6.41
N SER A 99 -11.04 23.97 7.55
CA SER A 99 -12.30 23.52 8.02
C SER A 99 -13.07 24.74 8.38
N ALA A 100 -12.45 25.64 9.13
CA ALA A 100 -13.09 26.90 9.51
C ALA A 100 -13.68 27.65 8.30
N LEU A 101 -12.84 27.87 7.29
CA LEU A 101 -13.22 28.59 6.10
C LEU A 101 -14.39 28.00 5.40
N SER A 102 -14.42 26.67 5.32
CA SER A 102 -15.51 25.96 4.65
C SER A 102 -16.88 26.42 5.15
N PHE A 103 -17.00 26.59 6.46
CA PHE A 103 -18.27 27.00 7.05
C PHE A 103 -18.52 28.47 6.90
N MSE A 104 -17.48 29.26 7.11
CA MSE A 104 -17.56 30.72 7.01
C MSE A 104 -17.96 31.26 5.62
O MSE A 104 -18.57 32.37 5.54
CB MSE A 104 -16.22 31.36 7.40
CG MSE A 104 -15.88 31.19 8.85
SE MSE A 104 -14.09 31.93 9.17
CE MSE A 104 -14.63 33.87 9.30
N PHE A 105 -17.59 30.50 4.59
CA PHE A 105 -17.96 30.82 3.20
C PHE A 105 -19.32 30.22 2.89
N GLU A 106 -20.25 31.05 2.39
CA GLU A 106 -21.55 30.59 1.89
C GLU A 106 -21.71 30.85 0.37
N ASN A 107 -22.27 29.85 -0.30
CA ASN A 107 -22.33 29.84 -1.74
C ASN A 107 -20.98 30.11 -2.45
N LEU A 108 -19.95 29.41 -2.01
CA LEU A 108 -18.65 29.55 -2.66
C LEU A 108 -18.82 29.12 -4.08
N GLY A 109 -18.37 29.95 -5.01
CA GLY A 109 -18.49 29.65 -6.41
C GLY A 109 -17.17 29.67 -7.14
N LYS A 110 -16.06 29.78 -6.43
CA LYS A 110 -14.74 29.66 -7.04
C LYS A 110 -13.90 28.78 -6.08
N PRO A 111 -12.84 28.15 -6.58
CA PRO A 111 -12.10 27.29 -5.65
C PRO A 111 -11.20 28.03 -4.69
N VAL A 112 -11.09 27.47 -3.49
CA VAL A 112 -10.16 27.95 -2.49
C VAL A 112 -9.31 26.75 -2.03
N ILE A 113 -8.02 26.78 -2.35
CA ILE A 113 -7.17 25.68 -2.03
C ILE A 113 -6.22 26.18 -1.00
N VAL A 114 -6.16 25.45 0.10
CA VAL A 114 -5.17 25.70 1.13
C VAL A 114 -4.00 24.74 0.92
N THR A 115 -2.77 25.26 0.92
CA THR A 115 -1.57 24.49 0.92
C THR A 115 -0.40 25.22 1.60
N GLY A 116 0.72 24.51 1.64
CA GLY A 116 2.02 24.99 1.95
C GLY A 116 3.09 23.88 1.75
N SER A 117 4.07 23.82 2.65
CA SER A 117 5.13 22.85 2.54
C SER A 117 5.95 22.66 3.78
N GLN A 118 6.64 21.52 3.75
CA GLN A 118 7.54 21.14 4.80
C GLN A 118 8.91 21.85 4.61
N ILE A 119 9.39 21.94 3.37
CA ILE A 119 10.66 22.62 3.09
C ILE A 119 10.35 23.96 2.40
N PRO A 120 11.13 25.03 2.71
CA PRO A 120 10.89 26.30 2.02
C PRO A 120 11.09 26.14 0.54
N LEU A 121 10.31 26.90 -0.23
CA LEU A 121 10.36 26.90 -1.68
C LEU A 121 11.78 27.19 -2.14
N ALA A 122 12.54 27.95 -1.35
CA ALA A 122 13.87 28.41 -1.73
C ALA A 122 15.00 27.39 -1.59
N ASP A 123 14.69 26.18 -1.12
CA ASP A 123 15.68 25.10 -0.93
C ASP A 123 15.57 23.98 -1.94
N LEU A 124 16.69 23.28 -2.06
CA LEU A 124 16.80 22.07 -2.87
C LEU A 124 15.63 21.14 -2.57
N ARG A 125 14.95 20.72 -3.62
CA ARG A 125 13.95 19.65 -3.51
C ARG A 125 12.84 19.99 -2.52
N SER A 126 12.40 21.24 -2.52
CA SER A 126 11.19 21.65 -1.83
C SER A 126 9.95 21.00 -2.45
N ASP A 127 9.12 20.43 -1.59
CA ASP A 127 7.80 19.99 -1.96
C ASP A 127 6.90 21.20 -2.27
N GLY A 128 7.35 22.36 -1.86
CA GLY A 128 6.60 23.55 -2.07
C GLY A 128 6.36 23.79 -3.51
N GLN A 129 7.26 23.28 -4.34
CA GLN A 129 7.23 23.63 -5.75
C GLN A 129 6.05 23.00 -6.44
N ALA A 130 5.91 21.71 -6.18
CA ALA A 130 4.87 20.89 -6.73
C ALA A 130 3.53 21.42 -6.18
N ASN A 131 3.51 21.65 -4.87
CA ASN A 131 2.27 22.00 -4.21
C ASN A 131 1.83 23.32 -4.78
N LEU A 132 2.75 24.23 -5.02
CA LEU A 132 2.30 25.49 -5.54
C LEU A 132 1.95 25.39 -7.02
N LEU A 133 2.78 24.72 -7.81
CA LEU A 133 2.43 24.42 -9.19
C LEU A 133 1.07 23.72 -9.36
N ASN A 134 0.80 22.68 -8.59
CA ASN A 134 -0.38 21.93 -8.83
C ASN A 134 -1.64 22.66 -8.27
N ALA A 135 -1.48 23.33 -7.15
CA ALA A 135 -2.55 24.11 -6.61
C ALA A 135 -3.05 25.09 -7.64
N LEU A 136 -2.12 25.84 -8.24
CA LEU A 136 -2.47 26.85 -9.20
C LEU A 136 -3.14 26.21 -10.36
N HIS A 137 -2.51 25.14 -10.83
CA HIS A 137 -2.96 24.48 -12.06
C HIS A 137 -4.37 23.86 -11.91
N VAL A 138 -4.59 23.28 -10.75
CA VAL A 138 -5.87 22.67 -10.42
C VAL A 138 -6.97 23.71 -10.18
N ALA A 139 -6.64 24.84 -9.56
CA ALA A 139 -7.58 25.99 -9.42
C ALA A 139 -8.02 26.50 -10.80
N ALA A 140 -7.05 26.84 -11.63
CA ALA A 140 -7.29 27.16 -13.03
C ALA A 140 -8.04 26.06 -13.78
N ASN A 141 -7.51 24.83 -13.81
CA ASN A 141 -8.04 23.79 -14.78
C ASN A 141 -9.07 22.78 -14.30
N TYR A 142 -9.22 22.66 -12.99
CA TYR A 142 -10.17 21.74 -12.40
C TYR A 142 -10.78 22.43 -11.19
N PRO A 143 -11.46 23.57 -11.40
CA PRO A 143 -11.99 24.33 -10.29
C PRO A 143 -13.08 23.58 -9.57
N ILE A 144 -12.89 23.42 -8.25
CA ILE A 144 -13.87 22.75 -7.41
C ILE A 144 -14.26 23.79 -6.40
N ASN A 145 -15.53 24.13 -6.35
CA ASN A 145 -15.97 25.25 -5.54
C ASN A 145 -16.18 24.81 -4.12
N GLU A 146 -15.07 24.49 -3.47
CA GLU A 146 -15.02 24.21 -2.07
C GLU A 146 -13.73 24.76 -1.49
N VAL A 147 -13.65 24.81 -0.16
CA VAL A 147 -12.39 24.98 0.49
C VAL A 147 -11.81 23.59 0.53
N THR A 148 -10.68 23.46 -0.13
CA THR A 148 -10.00 22.22 -0.24
C THR A 148 -8.59 22.45 0.27
N LEU A 149 -7.90 21.34 0.52
CA LEU A 149 -6.56 21.33 1.10
C LEU A 149 -5.73 20.42 0.24
N PHE A 150 -4.56 20.91 -0.19
CA PHE A 150 -3.73 20.20 -1.19
C PHE A 150 -2.40 19.85 -0.61
N PHE A 151 -2.09 18.57 -0.51
CA PHE A 151 -0.78 18.15 -0.01
C PHE A 151 -0.54 16.71 -0.47
N ASN A 152 0.72 16.26 -0.43
CA ASN A 152 1.07 14.88 -0.80
C ASN A 152 0.40 14.41 -2.13
N ASN A 153 0.32 15.26 -3.14
CA ASN A 153 -0.29 14.90 -4.43
C ASN A 153 -1.78 14.59 -4.39
N ARG A 154 -2.49 15.07 -3.38
CA ARG A 154 -3.94 14.91 -3.32
C ARG A 154 -4.61 16.19 -2.90
N LEU A 155 -5.77 16.45 -3.49
CA LEU A 155 -6.64 17.54 -3.12
C LEU A 155 -7.76 16.91 -2.29
N MSE A 156 -7.86 17.31 -1.04
CA MSE A 156 -8.86 16.75 -0.14
C MSE A 156 -9.85 17.86 0.27
O MSE A 156 -9.52 19.06 0.27
CB MSE A 156 -8.15 16.17 1.12
CG MSE A 156 -7.05 15.18 0.87
SE MSE A 156 -5.68 15.07 2.31
CE MSE A 156 -4.56 16.55 1.68
N ARG A 157 -11.07 17.46 0.64
CA ARG A 157 -12.03 18.42 1.17
C ARG A 157 -11.49 19.03 2.48
N GLY A 158 -11.58 20.34 2.60
CA GLY A 158 -10.98 21.00 3.70
C GLY A 158 -11.44 20.43 5.01
N ASN A 159 -12.76 20.43 5.21
CA ASN A 159 -13.31 19.93 6.46
C ASN A 159 -13.29 18.42 6.67
N ARG A 160 -12.56 17.70 5.80
CA ARG A 160 -12.41 16.27 5.96
C ARG A 160 -10.97 15.90 6.28
N SER A 161 -10.07 16.88 6.24
CA SER A 161 -8.66 16.59 6.31
C SER A 161 -8.10 16.76 7.69
N ARG A 162 -7.01 16.03 7.93
CA ARG A 162 -6.26 16.03 9.20
C ARG A 162 -4.78 15.83 8.94
N LYS A 163 -3.96 16.45 9.77
CA LYS A 163 -2.52 16.22 9.74
C LYS A 163 -2.26 14.92 10.50
N SER A 164 -1.76 13.92 9.78
CA SER A 164 -1.58 12.56 10.27
C SER A 164 -0.15 12.33 10.78
N HIS A 165 0.84 12.84 10.08
CA HIS A 165 2.20 12.77 10.55
C HIS A 165 2.70 14.16 10.64
N ALA A 166 3.61 14.39 11.57
CA ALA A 166 4.59 15.42 11.44
C ALA A 166 5.83 14.89 12.08
N ASP A 167 6.90 14.77 11.31
CA ASP A 167 8.26 14.76 11.85
C ASP A 167 9.27 15.22 10.81
N GLY A 168 9.92 14.25 10.16
CA GLY A 168 10.53 14.49 8.87
C GLY A 168 9.74 13.83 7.74
N PHE A 169 8.41 13.90 7.83
CA PHE A 169 7.56 13.55 6.70
C PHE A 169 6.11 13.98 6.97
N SER A 170 5.89 15.29 7.02
CA SER A 170 4.56 15.81 7.21
C SER A 170 3.56 15.36 6.13
N ALA A 171 2.34 15.04 6.55
CA ALA A 171 1.33 14.54 5.65
C ALA A 171 -0.10 14.80 6.12
N PHE A 172 -0.99 14.96 5.15
CA PHE A 172 -2.42 15.15 5.44
C PHE A 172 -3.25 14.05 4.87
N SER A 173 -4.31 13.70 5.59
CA SER A 173 -5.25 12.68 5.08
C SER A 173 -6.66 13.11 5.32
N SER A 174 -7.52 12.53 4.48
CA SER A 174 -8.96 12.64 4.51
C SER A 174 -9.46 11.24 4.90
N PRO A 175 -9.42 10.89 6.19
CA PRO A 175 -9.62 9.45 6.51
C PRO A 175 -11.01 8.89 6.25
N ASN A 176 -12.00 9.78 6.27
CA ASN A 176 -13.37 9.34 6.03
C ASN A 176 -14.00 9.77 4.72
N LEU A 177 -13.19 10.19 3.75
CA LEU A 177 -13.66 10.56 2.38
C LEU A 177 -12.48 10.51 1.41
N PRO A 178 -12.65 9.84 0.28
CA PRO A 178 -11.55 9.81 -0.64
C PRO A 178 -11.19 11.19 -1.04
N PRO A 179 -9.93 11.38 -1.45
CA PRO A 179 -9.51 12.64 -2.05
C PRO A 179 -10.43 12.99 -3.23
N LEU A 180 -10.71 14.28 -3.37
CA LEU A 180 -11.56 14.78 -4.42
C LEU A 180 -10.88 14.64 -5.80
N LEU A 181 -9.55 14.60 -5.75
CA LEU A 181 -8.72 14.74 -6.90
C LEU A 181 -7.32 14.27 -6.51
N GLU A 182 -6.69 13.46 -7.36
CA GLU A 182 -5.33 12.97 -7.10
C GLU A 182 -4.41 13.56 -8.14
N ALA A 183 -3.22 14.00 -7.74
CA ALA A 183 -2.28 14.62 -8.70
C ALA A 183 -0.98 13.84 -8.88
N GLY A 184 -1.12 12.71 -9.55
CA GLY A 184 0.03 11.98 -10.02
C GLY A 184 0.54 12.57 -11.32
N ILE A 185 1.12 11.73 -12.16
CA ILE A 185 1.50 12.09 -13.50
C ILE A 185 0.28 12.59 -14.30
N ASN A 186 -0.87 12.02 -14.01
CA ASN A 186 -2.14 12.56 -14.49
C ASN A 186 -2.97 13.12 -13.35
N ILE A 187 -3.89 14.00 -13.70
CA ILE A 187 -4.89 14.45 -12.76
C ILE A 187 -6.05 13.47 -12.82
N GLU A 188 -6.42 12.85 -11.72
CA GLU A 188 -7.62 12.00 -11.71
C GLU A 188 -8.62 12.56 -10.70
N LEU A 189 -9.82 12.90 -11.17
CA LEU A 189 -10.89 13.28 -10.28
C LEU A 189 -11.54 12.05 -9.66
N SER A 190 -12.04 12.20 -8.43
CA SER A 190 -12.93 11.20 -7.78
C SER A 190 -14.33 11.26 -8.46
N THR A 191 -15.19 10.24 -8.22
CA THR A 191 -16.49 10.13 -8.94
C THR A 191 -17.58 11.12 -8.53
N ASN A 192 -17.86 11.28 -7.25
CA ASN A 192 -18.97 12.18 -6.91
C ASN A 192 -18.52 13.64 -6.76
N VAL A 193 -17.37 13.95 -7.37
CA VAL A 193 -16.84 15.29 -7.37
C VAL A 193 -17.26 15.99 -8.63
N LYS A 194 -17.75 17.23 -8.51
CA LYS A 194 -18.08 18.01 -9.70
C LYS A 194 -17.21 19.23 -9.90
N VAL A 195 -16.81 19.39 -11.14
CA VAL A 195 -15.92 20.44 -11.51
C VAL A 195 -16.78 21.65 -11.78
N ASP A 196 -16.42 22.75 -11.13
CA ASP A 196 -17.11 24.01 -11.20
C ASP A 196 -18.65 23.89 -11.05
N GLU A 197 -19.10 23.38 -9.91
CA GLU A 197 -20.52 23.35 -9.62
C GLU A 197 -20.96 24.76 -9.24
N LYS A 198 -21.96 25.27 -9.92
CA LYS A 198 -22.34 26.65 -9.72
C LYS A 198 -23.28 26.82 -8.51
N PRO A 199 -23.11 27.93 -7.80
CA PRO A 199 -23.77 28.03 -6.50
C PRO A 199 -25.12 28.65 -6.71
N SER A 200 -26.02 28.49 -5.74
CA SER A 200 -27.42 28.86 -5.93
C SER A 200 -27.79 30.22 -5.35
N GLY A 201 -26.84 30.86 -4.70
CA GLY A 201 -27.07 32.21 -4.17
C GLY A 201 -25.80 33.03 -4.16
N GLU A 202 -25.91 34.21 -3.57
CA GLU A 202 -24.84 35.19 -3.52
C GLU A 202 -23.83 34.65 -2.54
N PHE A 203 -22.56 34.76 -2.86
CA PHE A 203 -21.47 34.33 -1.98
C PHE A 203 -21.38 35.30 -0.79
N LYS A 204 -21.40 34.77 0.43
CA LYS A 204 -21.17 35.66 1.57
C LYS A 204 -20.25 35.00 2.56
N VAL A 205 -19.72 35.81 3.47
CA VAL A 205 -18.89 35.33 4.56
C VAL A 205 -19.63 35.46 5.86
N ASN A 206 -19.92 34.35 6.51
CA ASN A 206 -20.42 34.43 7.87
C ASN A 206 -19.23 34.61 8.79
N PRO A 207 -19.38 35.43 9.82
CA PRO A 207 -18.27 35.68 10.74
C PRO A 207 -18.07 34.57 11.79
N ILE A 208 -16.86 34.56 12.37
CA ILE A 208 -16.53 33.66 13.46
C ILE A 208 -15.87 34.43 14.60
N THR A 209 -16.17 34.01 15.83
CA THR A 209 -15.51 34.50 17.05
C THR A 209 -15.05 33.33 17.94
N PRO A 210 -14.03 33.56 18.77
CA PRO A 210 -13.61 32.44 19.60
C PRO A 210 -14.71 31.96 20.51
N GLN A 211 -14.81 30.65 20.64
CA GLN A 211 -15.78 30.02 21.51
C GLN A 211 -15.09 29.11 22.55
N PRO A 212 -15.57 29.14 23.81
CA PRO A 212 -15.05 28.22 24.84
C PRO A 212 -15.59 26.78 24.73
N ILE A 213 -14.97 26.00 23.83
CA ILE A 213 -15.33 24.59 23.62
C ILE A 213 -14.43 23.70 24.47
N GLY A 214 -15.06 22.80 25.21
CA GLY A 214 -14.30 21.79 25.92
C GLY A 214 -14.14 20.60 24.97
N VAL A 215 -12.94 20.00 24.97
CA VAL A 215 -12.69 18.70 24.35
C VAL A 215 -12.35 17.70 25.47
N ILE A 216 -13.02 16.57 25.52
CA ILE A 216 -12.69 15.60 26.54
C ILE A 216 -12.35 14.31 25.87
N THR A 217 -11.15 13.82 26.16
CA THR A 217 -10.78 12.52 25.77
C THR A 217 -11.11 11.57 26.90
N MSE A 218 -11.94 10.60 26.58
CA MSE A 218 -12.41 9.63 27.53
C MSE A 218 -11.42 8.52 27.67
O MSE A 218 -10.91 8.04 26.68
CB MSE A 218 -13.72 8.98 27.06
CG MSE A 218 -14.61 8.69 28.18
SE MSE A 218 -15.81 10.24 28.42
CE MSE A 218 -14.61 11.50 29.28
N TYR A 219 -11.21 8.11 28.93
CA TYR A 219 -10.35 6.99 29.24
C TYR A 219 -10.96 6.27 30.44
N PRO A 220 -10.64 4.96 30.60
CA PRO A 220 -11.12 4.08 31.67
C PRO A 220 -10.95 4.64 33.11
N GLY A 221 -12.07 4.78 33.80
CA GLY A 221 -12.07 5.38 35.09
C GLY A 221 -12.16 6.88 35.09
N ILE A 222 -12.23 7.54 33.94
CA ILE A 222 -12.31 9.01 33.99
C ILE A 222 -13.37 9.44 34.99
N SER A 223 -12.99 10.37 35.85
CA SER A 223 -13.88 10.88 36.90
C SER A 223 -14.87 11.93 36.44
N HIS A 224 -16.09 11.78 36.94
CA HIS A 224 -17.16 12.74 36.69
C HIS A 224 -16.85 14.13 37.25
N GLU A 225 -16.05 14.16 38.32
CA GLU A 225 -15.61 15.41 38.95
C GLU A 225 -14.66 16.18 37.99
N VAL A 226 -13.76 15.42 37.35
CA VAL A 226 -12.94 15.95 36.29
C VAL A 226 -13.81 16.40 35.13
N ILE A 227 -14.77 15.56 34.73
CA ILE A 227 -15.70 15.97 33.70
C ILE A 227 -16.42 17.21 34.08
N ARG A 228 -16.85 17.31 35.32
CA ARG A 228 -17.64 18.48 35.73
C ARG A 228 -16.85 19.78 35.66
N ASN A 229 -15.61 19.72 36.09
CA ASN A 229 -14.75 20.90 36.08
C ASN A 229 -14.52 21.33 34.62
N THR A 230 -14.31 20.38 33.72
CA THR A 230 -14.13 20.72 32.30
C THR A 230 -15.40 21.34 31.64
N LEU A 231 -16.57 21.09 32.21
CA LEU A 231 -17.82 21.68 31.73
C LEU A 231 -18.22 23.03 32.38
N LEU A 232 -17.38 23.57 33.28
CA LEU A 232 -17.75 24.80 33.97
C LEU A 232 -17.79 25.97 33.03
N GLN A 233 -18.68 26.90 33.34
CA GLN A 233 -18.82 28.16 32.58
C GLN A 233 -17.45 28.80 32.46
N PRO A 234 -17.20 29.47 31.30
CA PRO A 234 -18.05 29.79 30.13
C PRO A 234 -18.26 28.70 29.08
N VAL A 235 -17.76 27.49 29.27
CA VAL A 235 -17.85 26.53 28.18
C VAL A 235 -19.27 26.51 27.69
N ASN A 236 -19.45 26.62 26.38
CA ASN A 236 -20.79 26.59 25.78
C ASN A 236 -21.00 25.41 24.87
N ALA A 237 -19.92 24.65 24.66
CA ALA A 237 -19.97 23.42 23.89
C ALA A 237 -18.87 22.49 24.28
N MSE A 238 -19.13 21.20 24.07
CA MSE A 238 -18.21 20.18 24.45
C MSE A 238 -18.16 19.13 23.40
O MSE A 238 -19.19 18.63 23.03
CB MSE A 238 -18.68 19.56 25.75
CG MSE A 238 -17.62 19.59 26.80
SE MSE A 238 -16.63 17.95 26.83
CE MSE A 238 -17.79 16.89 27.98
N ILE A 239 -16.97 18.77 22.97
CA ILE A 239 -16.71 17.65 22.09
C ILE A 239 -16.15 16.52 22.94
N LEU A 240 -16.83 15.37 22.91
CA LEU A 240 -16.44 14.19 23.68
C LEU A 240 -15.82 13.24 22.74
N LEU A 241 -14.56 12.84 22.97
CA LEU A 241 -13.96 11.80 22.16
C LEU A 241 -14.08 10.48 22.90
N THR A 242 -14.98 9.61 22.41
CA THR A 242 -15.28 8.34 23.04
C THR A 242 -14.68 7.18 22.25
N PHE A 243 -15.01 5.93 22.60
CA PHE A 243 -14.38 4.71 22.02
C PHE A 243 -15.20 4.10 20.89
N GLY A 244 -14.52 3.44 19.96
CA GLY A 244 -15.16 2.71 18.85
C GLY A 244 -16.27 3.48 18.17
N VAL A 245 -17.41 2.82 17.95
CA VAL A 245 -18.55 3.43 17.26
C VAL A 245 -19.40 4.37 18.15
N GLY A 246 -18.75 4.88 19.20
CA GLY A 246 -19.27 6.02 19.97
C GLY A 246 -19.64 5.71 21.40
N ASN A 247 -18.98 4.70 21.95
CA ASN A 247 -19.26 4.16 23.27
C ASN A 247 -18.57 4.86 24.46
N ALA A 248 -19.36 5.25 25.46
CA ALA A 248 -18.88 5.86 26.74
C ALA A 248 -19.07 4.89 27.93
N PRO A 249 -18.40 5.15 29.07
CA PRO A 249 -18.68 4.22 30.17
C PRO A 249 -20.17 4.28 30.53
N GLN A 250 -20.73 3.26 31.13
CA GLN A 250 -22.13 3.36 31.53
C GLN A 250 -22.28 4.02 32.93
N ASN A 251 -21.28 4.81 33.32
CA ASN A 251 -21.20 5.46 34.64
C ASN A 251 -22.24 6.59 34.80
N PRO A 252 -23.26 6.37 35.64
CA PRO A 252 -24.38 7.30 35.80
C PRO A 252 -24.05 8.67 36.36
N GLU A 253 -23.05 8.78 37.25
CA GLU A 253 -22.66 10.11 37.77
C GLU A 253 -22.10 10.93 36.59
N LEU A 254 -21.22 10.30 35.83
CA LEU A 254 -20.66 10.88 34.61
C LEU A 254 -21.80 11.23 33.64
N LEU A 255 -22.60 10.23 33.29
CA LEU A 255 -23.76 10.51 32.45
C LEU A 255 -24.58 11.66 33.04
N ALA A 256 -24.64 11.75 34.37
CA ALA A 256 -25.42 12.83 35.03
C ALA A 256 -24.76 14.18 34.81
N GLN A 257 -23.43 14.21 34.81
CA GLN A 257 -22.76 15.46 34.56
C GLN A 257 -23.04 16.04 33.16
N LEU A 258 -23.15 15.16 32.16
CA LEU A 258 -23.39 15.57 30.78
C LEU A 258 -24.78 16.12 30.57
N LYS A 259 -25.76 15.50 31.21
CA LYS A 259 -27.14 15.95 31.12
C LYS A 259 -27.34 17.30 31.81
N ALA A 260 -26.69 17.52 32.96
CA ALA A 260 -26.72 18.83 33.61
C ALA A 260 -26.21 19.87 32.63
N ALA A 261 -24.97 19.71 32.16
CA ALA A 261 -24.44 20.57 31.05
C ALA A 261 -25.52 20.92 29.99
N SER A 262 -26.10 19.90 29.36
CA SER A 262 -27.05 20.15 28.27
C SER A 262 -28.32 20.82 28.77
N GLU A 263 -28.78 20.45 29.96
CA GLU A 263 -29.85 21.18 30.62
C GLU A 263 -29.59 22.71 30.76
N ARG A 264 -28.33 23.10 30.99
CA ARG A 264 -27.86 24.49 31.05
C ARG A 264 -27.56 25.17 29.73
N GLY A 265 -27.68 24.44 28.64
CA GLY A 265 -27.38 24.98 27.32
C GLY A 265 -26.01 24.64 26.75
N VAL A 266 -25.34 23.63 27.28
CA VAL A 266 -24.10 23.17 26.71
C VAL A 266 -24.35 22.08 25.65
N ILE A 267 -23.90 22.37 24.42
CA ILE A 267 -23.97 21.43 23.31
C ILE A 267 -22.90 20.44 23.53
N VAL A 268 -23.24 19.18 23.54
CA VAL A 268 -22.25 18.18 23.72
C VAL A 268 -22.33 17.22 22.55
N VAL A 269 -21.20 17.04 21.85
CA VAL A 269 -21.11 16.21 20.64
C VAL A 269 -20.18 15.02 20.83
N ASN A 270 -20.61 13.88 20.30
CA ASN A 270 -19.89 12.64 20.40
C ASN A 270 -19.12 12.36 19.12
N LEU A 271 -17.80 12.39 19.24
CA LEU A 271 -16.90 11.93 18.19
C LEU A 271 -16.11 10.69 18.60
N THR A 272 -15.70 9.88 17.65
CA THR A 272 -14.89 8.68 17.96
C THR A 272 -13.39 9.05 18.23
N GLN A 273 -12.70 8.31 19.08
CA GLN A 273 -11.24 8.46 19.19
C GLN A 273 -10.43 7.88 18.00
N CYS A 274 -11.01 7.00 17.20
CA CYS A 274 -10.29 6.34 16.09
C CYS A 274 -10.16 7.24 14.83
N LEU A 275 -9.02 7.12 14.13
CA LEU A 275 -8.79 8.05 12.99
C LEU A 275 -9.89 7.83 11.95
N ALA A 276 -10.20 6.58 11.64
CA ALA A 276 -11.27 6.32 10.70
C ALA A 276 -12.47 5.73 11.48
N GLY A 277 -13.66 6.28 11.32
CA GLY A 277 -14.78 5.84 12.16
C GLY A 277 -16.00 6.74 12.21
N LYS A 278 -17.18 6.13 12.16
CA LYS A 278 -18.44 6.85 12.32
C LYS A 278 -19.15 6.46 13.65
N VAL A 279 -19.50 7.49 14.40
CA VAL A 279 -20.33 7.30 15.57
C VAL A 279 -21.71 6.78 15.14
N ASN A 280 -22.23 5.79 15.87
CA ASN A 280 -23.51 5.16 15.54
C ASN A 280 -24.37 5.01 16.80
N MSE A 281 -25.10 6.07 17.14
CA MSE A 281 -26.02 6.11 18.31
C MSE A 281 -27.51 5.98 17.95
O MSE A 281 -27.92 6.17 16.80
CB MSE A 281 -25.88 7.45 19.05
CG MSE A 281 -24.47 7.84 19.46
SE MSE A 281 -24.32 9.65 20.26
CE MSE A 281 -25.45 9.31 21.83
N GLY A 282 -28.35 5.66 18.94
CA GLY A 282 -29.83 5.82 18.83
C GLY A 282 -30.26 7.23 19.23
N GLY A 287 -33.71 4.01 23.37
CA GLY A 287 -32.97 4.08 24.64
C GLY A 287 -31.44 3.96 24.55
N CYS A 288 -30.79 5.00 24.03
CA CYS A 288 -29.33 5.09 24.17
C CYS A 288 -29.08 6.12 25.28
N ALA A 289 -28.20 5.75 26.23
CA ALA A 289 -28.03 6.48 27.49
C ALA A 289 -27.40 7.88 27.29
N LEU A 290 -26.50 8.01 26.32
CA LEU A 290 -25.95 9.33 25.96
C LEU A 290 -27.00 10.22 25.26
N ALA A 291 -27.79 9.66 24.33
CA ALA A 291 -28.84 10.48 23.71
C ALA A 291 -29.76 11.00 24.83
N ASP A 292 -30.08 10.17 25.82
CA ASP A 292 -30.94 10.66 26.91
C ASP A 292 -30.22 11.72 27.78
N ALA A 293 -28.89 11.63 27.86
CA ALA A 293 -28.11 12.66 28.51
C ALA A 293 -28.04 13.99 27.70
N GLY A 294 -28.51 14.00 26.46
CA GLY A 294 -28.49 15.20 25.61
C GLY A 294 -27.38 15.26 24.55
N VAL A 295 -26.49 14.30 24.61
CA VAL A 295 -25.34 14.26 23.72
C VAL A 295 -25.82 13.97 22.31
N ILE A 296 -25.22 14.62 21.32
CA ILE A 296 -25.63 14.39 19.93
C ILE A 296 -24.45 13.73 19.19
N SER A 297 -24.73 13.14 18.03
CA SER A 297 -23.69 12.49 17.23
C SER A 297 -23.02 13.40 16.29
N GLY A 298 -21.70 13.26 16.15
CA GLY A 298 -20.88 14.01 15.19
C GLY A 298 -20.51 13.08 14.05
N TYR A 299 -21.22 11.95 14.01
CA TYR A 299 -21.12 11.02 12.91
C TYR A 299 -19.65 10.71 12.70
N ASP A 300 -19.13 11.09 11.52
CA ASP A 300 -17.74 10.82 11.15
C ASP A 300 -16.88 12.12 11.04
N MSE A 301 -17.38 13.24 11.55
CA MSE A 301 -16.60 14.44 11.56
C MSE A 301 -15.20 14.25 12.13
O MSE A 301 -14.96 13.44 13.03
CB MSE A 301 -17.25 15.54 12.38
CG MSE A 301 -18.14 16.38 11.53
SE MSE A 301 -18.92 17.89 12.42
CE MSE A 301 -19.90 16.99 13.94
N THR A 302 -14.28 15.02 11.56
CA THR A 302 -12.98 15.16 12.15
C THR A 302 -13.08 16.10 13.38
N PRO A 303 -12.19 15.96 14.32
CA PRO A 303 -12.14 16.95 15.41
C PRO A 303 -12.00 18.39 14.93
N GLU A 304 -11.25 18.61 13.86
CA GLU A 304 -11.12 19.97 13.29
C GLU A 304 -12.46 20.44 12.71
N ALA A 305 -13.24 19.53 12.16
CA ALA A 305 -14.51 19.95 11.57
C ALA A 305 -15.52 20.23 12.69
N ALA A 306 -15.56 19.40 13.72
CA ALA A 306 -16.51 19.63 14.80
C ALA A 306 -16.32 21.00 15.39
N LEU A 307 -15.08 21.34 15.58
CA LEU A 307 -14.68 22.59 16.18
C LEU A 307 -14.98 23.76 15.25
N ALA A 308 -14.77 23.58 13.94
CA ALA A 308 -15.00 24.70 13.08
C ALA A 308 -16.50 24.91 13.05
N LYS A 309 -17.26 23.83 13.03
CA LYS A 309 -18.67 23.93 12.82
C LYS A 309 -19.26 24.54 14.08
N LEU A 310 -18.70 24.19 15.22
CA LEU A 310 -19.21 24.74 16.45
C LEU A 310 -18.94 26.26 16.46
N HIS A 311 -17.71 26.69 16.20
CA HIS A 311 -17.47 28.14 16.17
C HIS A 311 -18.41 28.88 15.21
N TYR A 312 -18.70 28.23 14.10
CA TYR A 312 -19.49 28.86 13.09
C TYR A 312 -20.91 29.04 13.63
N LEU A 313 -21.44 27.97 14.18
CA LEU A 313 -22.81 28.02 14.63
C LEU A 313 -22.90 28.95 15.85
N LEU A 314 -22.08 28.75 16.89
CA LEU A 314 -22.14 29.61 18.10
C LEU A 314 -21.85 31.08 17.81
N SER A 315 -21.09 31.38 16.78
CA SER A 315 -20.87 32.78 16.41
C SER A 315 -22.12 33.49 15.80
N GLN A 316 -23.12 32.73 15.36
CA GLN A 316 -24.34 33.37 14.91
C GLN A 316 -25.36 33.60 16.00
N ASN A 317 -24.99 33.41 17.29
CA ASN A 317 -25.91 33.80 18.36
C ASN A 317 -27.37 33.30 18.11
N LEU A 318 -27.47 32.02 17.81
CA LEU A 318 -28.71 31.33 17.57
C LEU A 318 -29.16 30.67 18.88
N SER A 319 -30.39 30.17 18.94
CA SER A 319 -30.82 29.35 20.09
C SER A 319 -30.00 28.08 20.20
N TYR A 320 -29.92 27.58 21.42
CA TYR A 320 -29.42 26.26 21.72
C TYR A 320 -30.09 25.17 20.87
N GLU A 321 -31.41 25.18 20.75
CA GLU A 321 -32.05 24.14 19.92
C GLU A 321 -31.64 24.25 18.41
N GLU A 322 -31.48 25.47 17.90
CA GLU A 322 -31.02 25.63 16.51
C GLU A 322 -29.61 25.15 16.33
N VAL A 323 -28.71 25.54 17.22
CA VAL A 323 -27.33 25.05 17.10
C VAL A 323 -27.32 23.53 17.15
N LYS A 324 -28.10 22.93 18.09
CA LYS A 324 -28.14 21.47 18.29
C LYS A 324 -28.66 20.70 17.06
N ALA A 325 -29.67 21.27 16.43
CA ALA A 325 -30.27 20.70 15.22
C ALA A 325 -29.40 20.81 13.97
N LYS A 326 -28.77 21.97 13.80
CA LYS A 326 -27.83 22.19 12.69
C LYS A 326 -26.51 21.41 12.82
N MSE A 327 -26.07 21.06 14.03
CA MSE A 327 -24.91 20.15 14.19
C MSE A 327 -25.11 18.77 13.54
O MSE A 327 -24.16 18.16 13.07
CB MSE A 327 -24.53 19.99 15.66
CG MSE A 327 -23.77 21.18 16.24
SE MSE A 327 -22.04 21.49 15.42
CE MSE A 327 -21.10 19.91 16.10
N GLN A 328 -26.37 18.31 13.49
CA GLN A 328 -26.75 17.02 12.89
C GLN A 328 -27.10 17.12 11.45
N GLN A 329 -27.00 18.30 10.90
CA GLN A 329 -27.18 18.45 9.47
C GLN A 329 -25.85 18.68 8.71
N VAL A 330 -25.75 18.11 7.51
CA VAL A 330 -24.50 18.21 6.71
C VAL A 330 -24.52 19.55 5.99
N LEU A 331 -23.64 20.49 6.37
CA LEU A 331 -23.72 21.89 5.82
C LEU A 331 -22.72 22.10 4.72
N ARG A 332 -21.59 21.37 4.78
CA ARG A 332 -20.51 21.61 3.88
C ARG A 332 -19.77 20.34 3.49
N GLY A 333 -20.49 19.23 3.43
CA GLY A 333 -19.86 17.93 3.04
C GLY A 333 -18.86 17.39 4.05
N GLU A 334 -19.03 17.79 5.31
CA GLU A 334 -18.07 17.44 6.37
C GLU A 334 -18.39 16.12 7.06
N MSE A 335 -19.49 15.49 6.69
CA MSE A 335 -19.88 14.23 7.31
C MSE A 335 -20.89 13.41 6.47
O MSE A 335 -21.65 13.92 5.68
CB MSE A 335 -20.44 14.51 8.73
CG MSE A 335 -21.80 15.25 8.75
SE MSE A 335 -22.14 15.94 10.56
CE MSE A 335 -24.14 15.88 10.57
N THR A 336 -20.88 12.12 6.70
CA THR A 336 -21.74 11.15 6.00
C THR A 336 -22.70 10.65 7.05
N LEU A 337 -23.98 10.79 6.81
CA LEU A 337 -24.97 10.40 7.84
C LEU A 337 -25.35 8.92 7.82
N ALA B 2 8.44 -31.60 25.15
CA ALA B 2 7.15 -31.46 25.89
C ALA B 2 6.53 -30.11 25.56
N ARG B 3 5.24 -30.19 25.20
CA ARG B 3 4.39 -29.04 24.88
C ARG B 3 4.34 -27.97 25.97
N LYS B 4 4.06 -26.76 25.47
N LYS B 4 4.19 -26.72 25.51
CA LYS B 4 3.90 -25.57 26.24
CA LYS B 4 3.95 -25.60 26.37
C LYS B 4 2.45 -25.58 26.74
C LYS B 4 2.47 -25.60 26.77
N HIS B 5 2.15 -24.75 27.75
CA HIS B 5 0.79 -24.60 28.30
C HIS B 5 0.45 -23.09 28.47
N ILE B 6 -0.56 -22.59 27.76
CA ILE B 6 -0.94 -21.15 27.80
C ILE B 6 -2.25 -20.96 28.52
N TYR B 7 -2.30 -19.90 29.30
CA TYR B 7 -3.45 -19.59 30.07
C TYR B 7 -4.22 -18.51 29.29
N ILE B 8 -5.51 -18.77 29.01
CA ILE B 8 -6.36 -17.82 28.37
C ILE B 8 -7.31 -17.25 29.37
N ALA B 9 -7.25 -15.93 29.49
CA ALA B 9 -8.13 -15.19 30.37
C ALA B 9 -9.20 -14.52 29.49
N TYR B 10 -10.44 -15.03 29.53
CA TYR B 10 -11.56 -14.42 28.74
C TYR B 10 -12.16 -13.40 29.62
N THR B 11 -11.71 -12.17 29.47
CA THR B 11 -12.10 -11.08 30.33
C THR B 11 -13.44 -10.49 29.89
N GLY B 12 -13.71 -10.62 28.59
CA GLY B 12 -14.86 -9.99 27.96
C GLY B 12 -14.68 -9.77 26.45
N GLY B 13 -15.69 -9.20 25.84
CA GLY B 13 -15.60 -8.79 24.46
C GLY B 13 -16.29 -9.73 23.50
N THR B 14 -16.70 -9.14 22.37
CA THR B 14 -17.41 -9.82 21.29
C THR B 14 -16.96 -11.27 20.96
N ILE B 15 -15.69 -11.60 21.13
CA ILE B 15 -15.20 -12.90 20.71
C ILE B 15 -15.96 -14.07 21.31
N GLY B 16 -16.49 -13.92 22.52
CA GLY B 16 -17.12 -15.05 23.20
C GLY B 16 -18.63 -14.97 23.33
N MSE B 17 -19.26 -14.40 22.32
CA MSE B 17 -20.67 -14.09 22.40
C MSE B 17 -21.38 -14.81 21.33
O MSE B 17 -20.76 -15.42 20.42
CB MSE B 17 -20.89 -12.60 22.20
CG MSE B 17 -20.23 -11.77 23.29
SE MSE B 17 -20.83 -9.90 23.26
CE MSE B 17 -21.11 -9.57 21.36
N LYS B 18 -22.70 -14.75 21.49
CA LYS B 18 -23.67 -15.33 20.56
C LYS B 18 -24.57 -14.19 20.09
N LYS B 19 -25.03 -14.32 18.84
CA LYS B 19 -25.88 -13.34 18.20
C LYS B 19 -27.34 -13.54 18.59
N SER B 20 -28.09 -12.44 18.52
CA SER B 20 -29.48 -12.36 19.01
C SER B 20 -30.30 -11.35 18.14
N ASP B 21 -31.59 -11.18 18.47
CA ASP B 21 -32.49 -10.32 17.69
C ASP B 21 -32.04 -8.85 17.55
N VAL B 25 -23.79 -10.23 19.41
CA VAL B 25 -24.45 -9.42 20.45
C VAL B 25 -24.38 -10.03 21.89
N PRO B 26 -25.39 -10.74 22.42
CA PRO B 26 -25.22 -11.09 23.85
C PRO B 26 -24.06 -11.92 24.34
N VAL B 27 -23.51 -11.42 25.41
CA VAL B 27 -22.77 -12.23 26.34
C VAL B 27 -23.60 -13.52 26.70
N ALA B 28 -22.89 -14.63 26.89
CA ALA B 28 -23.44 -15.96 27.20
C ALA B 28 -22.42 -16.77 28.00
N GLY B 29 -22.81 -17.31 29.15
CA GLY B 29 -21.86 -17.91 30.11
C GLY B 29 -21.30 -19.24 29.63
N PHE B 30 -19.98 -19.36 29.66
CA PHE B 30 -19.27 -20.57 29.22
C PHE B 30 -19.29 -20.93 27.72
N MSE B 31 -19.83 -20.08 26.84
CA MSE B 31 -19.80 -20.42 25.43
C MSE B 31 -18.39 -20.43 24.83
O MSE B 31 -18.06 -21.34 24.07
CB MSE B 31 -20.74 -19.58 24.57
CG MSE B 31 -21.52 -20.50 23.58
SE MSE B 31 -21.60 -19.83 21.75
CE MSE B 31 -22.43 -21.32 20.77
N GLU B 32 -17.58 -19.41 25.13
CA GLU B 32 -16.17 -19.42 24.70
C GLU B 32 -15.53 -20.73 25.06
N LYS B 33 -15.76 -21.18 26.28
N LYS B 33 -15.82 -21.19 26.25
CA LYS B 33 -15.24 -22.46 26.73
CA LYS B 33 -15.26 -22.43 26.74
C LYS B 33 -15.82 -23.62 25.89
C LYS B 33 -15.82 -23.61 25.91
N GLN B 34 -17.14 -23.68 25.74
CA GLN B 34 -17.76 -24.71 24.86
C GLN B 34 -17.14 -24.73 23.45
N LEU B 35 -16.99 -23.56 22.85
CA LEU B 35 -16.50 -23.43 21.48
C LEU B 35 -15.08 -23.97 21.38
N ALA B 36 -14.17 -23.55 22.24
CA ALA B 36 -12.81 -24.06 22.12
C ALA B 36 -12.63 -25.64 22.08
N SER B 37 -13.75 -26.38 21.97
N SER B 37 -13.70 -26.42 21.95
CA SER B 37 -13.83 -27.79 21.41
CA SER B 37 -13.55 -27.81 21.44
C SER B 37 -13.76 -27.91 19.86
C SER B 37 -13.81 -27.86 19.91
N MSE B 38 -13.07 -26.99 19.22
CA MSE B 38 -12.88 -27.01 17.80
C MSE B 38 -11.52 -27.68 17.61
O MSE B 38 -10.55 -27.26 18.21
CB MSE B 38 -12.81 -25.57 17.27
CG MSE B 38 -14.11 -24.83 17.47
SE MSE B 38 -13.99 -22.89 17.67
CE MSE B 38 -13.18 -22.32 15.94
N PRO B 39 -11.46 -28.72 16.79
CA PRO B 39 -10.24 -29.55 16.68
C PRO B 39 -8.93 -28.81 16.30
N GLU B 40 -9.06 -27.72 15.53
CA GLU B 40 -7.91 -26.84 15.18
C GLU B 40 -7.07 -26.46 16.40
N PHE B 41 -7.72 -26.29 17.54
CA PHE B 41 -7.03 -25.85 18.77
C PHE B 41 -6.42 -27.02 19.57
N HIS B 42 -6.61 -28.24 19.09
CA HIS B 42 -6.24 -29.44 19.84
C HIS B 42 -5.48 -30.35 18.90
N ARG B 43 -4.22 -30.03 18.73
CA ARG B 43 -3.37 -30.77 17.83
C ARG B 43 -1.97 -30.60 18.36
N PRO B 44 -1.12 -31.60 18.09
CA PRO B 44 0.21 -31.74 18.71
C PRO B 44 1.05 -30.48 18.62
N GLU B 45 0.92 -29.75 17.54
CA GLU B 45 1.78 -28.63 17.31
C GLU B 45 1.18 -27.35 17.89
N MSE B 46 0.03 -27.46 18.54
CA MSE B 46 -0.53 -26.37 19.31
C MSE B 46 -0.10 -26.60 20.76
O MSE B 46 0.17 -27.74 21.12
CB MSE B 46 -2.06 -26.32 19.21
CG MSE B 46 -2.58 -25.72 17.88
SE MSE B 46 -2.16 -23.77 17.59
CE MSE B 46 -3.34 -22.89 18.92
N PRO B 47 -0.04 -25.54 21.58
CA PRO B 47 0.21 -25.73 23.01
C PRO B 47 -1.08 -26.12 23.71
N LEU B 48 -0.95 -26.83 24.83
CA LEU B 48 -2.07 -26.99 25.75
C LEU B 48 -2.58 -25.57 26.15
N PHE B 49 -3.83 -25.48 26.57
CA PHE B 49 -4.37 -24.24 27.06
C PHE B 49 -5.49 -24.49 28.09
N THR B 50 -5.51 -23.63 29.11
CA THR B 50 -6.60 -23.52 30.07
C THR B 50 -7.22 -22.12 29.93
N ILE B 51 -8.54 -22.09 29.83
CA ILE B 51 -9.30 -20.88 29.75
C ILE B 51 -10.04 -20.69 31.06
N HIS B 52 -9.96 -19.46 31.59
CA HIS B 52 -10.78 -18.99 32.68
C HIS B 52 -11.67 -17.88 32.17
N GLU B 53 -12.97 -18.03 32.27
CA GLU B 53 -13.88 -16.94 31.94
C GLU B 53 -14.15 -16.09 33.18
N TYR B 54 -14.06 -14.77 33.02
CA TYR B 54 -14.17 -13.85 34.15
C TYR B 54 -15.63 -13.82 34.55
N ASP B 55 -15.86 -13.61 35.86
CA ASP B 55 -17.20 -13.58 36.43
C ASP B 55 -17.20 -12.55 37.58
N PRO B 56 -17.61 -11.31 37.29
CA PRO B 56 -18.42 -10.99 36.13
C PRO B 56 -17.53 -10.68 34.91
N LEU B 57 -18.13 -10.84 33.75
CA LEU B 57 -17.51 -10.50 32.47
C LEU B 57 -17.35 -8.99 32.40
N MSE B 58 -16.32 -8.53 31.73
CA MSE B 58 -16.03 -7.10 31.64
C MSE B 58 -16.49 -6.60 30.31
O MSE B 58 -16.39 -7.30 29.32
CB MSE B 58 -14.53 -6.83 31.80
CG MSE B 58 -14.00 -7.11 33.23
SE MSE B 58 -12.06 -7.06 33.22
CE MSE B 58 -11.72 -7.47 35.08
N ASP B 59 -17.04 -5.40 30.29
CA ASP B 59 -17.34 -4.72 29.05
C ASP B 59 -16.31 -3.64 28.78
N SER B 60 -15.70 -3.68 27.61
CA SER B 60 -14.47 -2.90 27.35
C SER B 60 -14.65 -1.40 27.55
N SER B 61 -15.81 -0.85 27.19
CA SER B 61 -16.05 0.59 27.33
C SER B 61 -16.27 1.05 28.77
N ASP B 62 -16.66 0.14 29.66
CA ASP B 62 -16.83 0.44 31.07
C ASP B 62 -15.61 0.20 31.92
N MSE B 63 -14.58 -0.43 31.34
CA MSE B 63 -13.35 -0.75 32.06
C MSE B 63 -12.89 0.40 32.96
O MSE B 63 -13.12 1.58 32.70
CB MSE B 63 -12.17 -1.02 31.11
CG MSE B 63 -12.23 -2.20 30.18
SE MSE B 63 -11.92 -3.90 30.98
CE MSE B 63 -10.04 -3.71 31.55
N THR B 64 -12.11 0.00 33.97
CA THR B 64 -11.64 0.86 35.01
C THR B 64 -10.25 0.40 35.40
N PRO B 65 -9.49 1.28 36.02
CA PRO B 65 -8.19 0.80 36.47
C PRO B 65 -8.30 -0.30 37.54
N ALA B 66 -9.38 -0.30 38.35
CA ALA B 66 -9.75 -1.49 39.15
C ALA B 66 -9.76 -2.78 38.30
N ASP B 67 -10.36 -2.71 37.10
CA ASP B 67 -10.38 -3.86 36.19
C ASP B 67 -8.98 -4.27 35.70
N TRP B 68 -8.11 -3.29 35.49
CA TRP B 68 -6.76 -3.56 35.11
C TRP B 68 -6.04 -4.38 36.22
N GLN B 69 -6.23 -3.97 37.48
CA GLN B 69 -5.63 -4.62 38.64
C GLN B 69 -6.05 -6.06 38.70
N LEU B 70 -7.37 -6.30 38.54
CA LEU B 70 -7.98 -7.64 38.46
C LEU B 70 -7.24 -8.48 37.42
N ILE B 71 -7.09 -7.96 36.19
CA ILE B 71 -6.40 -8.71 35.16
C ILE B 71 -4.90 -9.00 35.58
N ALA B 72 -4.20 -7.95 35.98
CA ALA B 72 -2.82 -8.08 36.49
C ALA B 72 -2.77 -9.11 37.61
N ASP B 73 -3.67 -9.00 38.58
CA ASP B 73 -3.65 -9.93 39.70
C ASP B 73 -3.89 -11.35 39.29
N ASP B 74 -4.69 -11.54 38.26
CA ASP B 74 -5.05 -12.85 37.78
C ASP B 74 -3.79 -13.44 37.13
N ILE B 75 -3.19 -12.69 36.23
CA ILE B 75 -1.92 -13.09 35.67
C ILE B 75 -0.85 -13.53 36.74
N ALA B 76 -0.62 -12.64 37.72
CA ALA B 76 0.32 -12.88 38.83
C ALA B 76 0.07 -14.22 39.51
N ALA B 77 -1.21 -14.48 39.80
CA ALA B 77 -1.59 -15.69 40.48
C ALA B 77 -1.25 -16.86 39.59
N ASN B 78 -1.32 -16.69 38.28
CA ASN B 78 -1.09 -17.82 37.40
C ASN B 78 0.31 -17.82 36.81
N TYR B 79 1.07 -16.81 37.20
CA TYR B 79 2.37 -16.56 36.57
C TYR B 79 3.29 -17.77 36.49
N ASP B 80 3.35 -18.58 37.54
CA ASP B 80 4.25 -19.75 37.47
C ASP B 80 3.64 -21.05 36.93
N LYS B 81 2.32 -21.15 36.93
CA LYS B 81 1.60 -22.33 36.40
C LYS B 81 1.67 -22.47 34.85
N TYR B 82 2.12 -21.48 34.11
CA TYR B 82 2.01 -21.58 32.67
C TYR B 82 3.22 -20.98 31.97
N ASP B 83 3.34 -21.20 30.66
CA ASP B 83 4.49 -20.71 29.90
C ASP B 83 4.21 -19.42 29.12
N GLY B 84 2.94 -18.96 29.15
CA GLY B 84 2.53 -17.73 28.49
C GLY B 84 1.05 -17.41 28.77
N PHE B 85 0.57 -16.29 28.23
CA PHE B 85 -0.76 -15.81 28.58
C PHE B 85 -1.37 -15.07 27.45
N VAL B 86 -2.63 -15.36 27.16
CA VAL B 86 -3.45 -14.63 26.19
C VAL B 86 -4.66 -14.04 26.87
N ILE B 87 -4.84 -12.73 26.73
CA ILE B 87 -5.95 -12.05 27.37
C ILE B 87 -6.92 -11.69 26.26
N LEU B 88 -8.08 -12.36 26.27
CA LEU B 88 -9.23 -11.99 25.40
C LEU B 88 -10.00 -10.85 26.02
N HIS B 89 -10.33 -9.88 25.19
CA HIS B 89 -10.70 -8.53 25.62
C HIS B 89 -11.53 -7.90 24.50
N GLY B 90 -12.48 -7.03 24.83
CA GLY B 90 -13.17 -6.28 23.83
C GLY B 90 -12.26 -5.22 23.26
N THR B 91 -12.50 -4.85 22.00
CA THR B 91 -11.62 -3.95 21.27
C THR B 91 -11.71 -2.48 21.70
N ASP B 92 -12.84 -2.01 22.20
CA ASP B 92 -12.92 -0.55 22.39
C ASP B 92 -11.74 0.02 23.23
N THR B 93 -11.32 -0.69 24.26
CA THR B 93 -10.28 -0.17 25.12
C THR B 93 -9.14 -1.16 25.28
N MSE B 94 -9.04 -2.07 24.34
CA MSE B 94 -8.01 -3.04 24.35
C MSE B 94 -6.65 -2.39 24.40
O MSE B 94 -5.77 -2.95 25.02
CB MSE B 94 -8.12 -3.88 23.10
CG MSE B 94 -7.10 -4.91 23.00
SE MSE B 94 -7.61 -6.13 21.55
CE MSE B 94 -6.37 -5.61 20.20
N ALA B 95 -6.47 -1.24 23.75
CA ALA B 95 -5.15 -0.55 23.74
C ALA B 95 -4.83 0.09 25.06
N TYR B 96 -5.85 0.57 25.76
CA TYR B 96 -5.60 1.14 27.08
C TYR B 96 -5.25 0.02 28.03
N THR B 97 -5.94 -1.10 27.94
CA THR B 97 -5.57 -2.17 28.80
C THR B 97 -4.11 -2.61 28.56
N ALA B 98 -3.74 -2.80 27.30
CA ALA B 98 -2.46 -3.47 26.98
C ALA B 98 -1.35 -2.57 27.46
N SER B 99 -1.60 -1.27 27.33
CA SER B 99 -0.71 -0.27 27.80
C SER B 99 -0.51 -0.28 29.31
N ALA B 100 -1.62 -0.17 30.02
CA ALA B 100 -1.65 -0.22 31.49
C ALA B 100 -0.78 -1.35 32.01
N LEU B 101 -1.05 -2.57 31.50
CA LEU B 101 -0.37 -3.77 31.93
C LEU B 101 1.12 -3.73 31.64
N SER B 102 1.53 -3.05 30.55
CA SER B 102 2.95 -3.00 30.22
C SER B 102 3.70 -2.35 31.38
N PHE B 103 3.15 -1.28 31.96
CA PHE B 103 3.82 -0.63 33.11
C PHE B 103 3.66 -1.37 34.43
N MSE B 104 2.47 -1.94 34.64
CA MSE B 104 2.20 -2.68 35.85
C MSE B 104 3.09 -3.88 36.06
O MSE B 104 3.38 -4.23 37.21
CB MSE B 104 0.75 -3.16 35.85
CG MSE B 104 -0.20 -2.01 36.10
SE MSE B 104 -2.08 -2.48 35.96
CE MSE B 104 -2.20 -3.41 37.68
N PHE B 105 3.48 -4.54 34.98
CA PHE B 105 4.33 -5.71 35.07
C PHE B 105 5.77 -5.26 35.03
N GLU B 106 6.55 -5.81 35.94
CA GLU B 106 7.92 -5.46 36.10
C GLU B 106 8.75 -6.75 36.01
N ASN B 107 9.73 -6.75 35.11
CA ASN B 107 10.56 -7.92 34.83
C ASN B 107 9.76 -9.10 34.34
N LEU B 108 8.83 -8.83 33.44
CA LEU B 108 8.05 -9.88 32.77
C LEU B 108 9.00 -10.79 31.99
N GLY B 109 8.98 -12.08 32.31
CA GLY B 109 9.77 -13.12 31.62
C GLY B 109 8.89 -14.13 30.88
N LYS B 110 7.68 -13.71 30.47
CA LYS B 110 6.70 -14.58 29.82
C LYS B 110 5.78 -13.75 28.91
N PRO B 111 5.42 -14.28 27.73
CA PRO B 111 4.58 -13.51 26.80
C PRO B 111 3.21 -13.26 27.34
N VAL B 112 2.72 -12.02 27.18
CA VAL B 112 1.33 -11.66 27.45
C VAL B 112 0.82 -10.96 26.20
N ILE B 113 -0.15 -11.62 25.55
CA ILE B 113 -0.72 -11.19 24.31
C ILE B 113 -2.20 -10.93 24.54
N VAL B 114 -2.58 -9.67 24.36
CA VAL B 114 -3.99 -9.26 24.38
C VAL B 114 -4.56 -9.36 22.96
N THR B 115 -5.71 -10.01 22.83
CA THR B 115 -6.36 -10.09 21.52
C THR B 115 -7.87 -10.17 21.65
N GLY B 116 -8.51 -10.26 20.50
CA GLY B 116 -9.98 -10.24 20.43
C GLY B 116 -10.40 -10.39 18.99
N SER B 117 -11.64 -10.00 18.72
CA SER B 117 -12.16 -10.04 17.38
C SER B 117 -13.38 -9.11 17.23
N GLN B 118 -13.67 -8.74 15.98
CA GLN B 118 -14.85 -7.95 15.66
C GLN B 118 -16.05 -8.85 15.66
N ILE B 119 -15.88 -10.08 15.20
CA ILE B 119 -17.00 -10.98 14.99
C ILE B 119 -16.93 -12.12 16.03
N PRO B 120 -18.05 -12.47 16.65
CA PRO B 120 -17.88 -13.60 17.57
C PRO B 120 -17.35 -14.84 16.89
N LEU B 121 -16.57 -15.66 17.59
CA LEU B 121 -16.08 -16.96 17.11
C LEU B 121 -17.19 -17.84 16.52
N ALA B 122 -18.34 -17.87 17.18
CA ALA B 122 -19.43 -18.70 16.67
C ALA B 122 -19.95 -18.23 15.29
N ASP B 123 -19.82 -16.93 14.99
CA ASP B 123 -20.40 -16.36 13.76
C ASP B 123 -19.50 -16.92 12.64
N LEU B 124 -20.07 -17.22 11.48
CA LEU B 124 -19.27 -17.73 10.34
C LEU B 124 -18.13 -16.77 9.96
N ARG B 125 -17.00 -17.31 9.51
CA ARG B 125 -15.79 -16.53 9.13
C ARG B 125 -15.38 -15.38 10.08
N SER B 126 -15.48 -15.65 11.38
CA SER B 126 -14.94 -14.78 12.39
C SER B 126 -13.40 -14.58 12.30
N ASP B 127 -12.94 -13.37 12.60
CA ASP B 127 -11.53 -13.08 12.72
C ASP B 127 -11.00 -13.65 14.02
N GLY B 128 -11.90 -13.93 14.95
CA GLY B 128 -11.51 -14.58 16.18
C GLY B 128 -10.69 -15.84 16.05
N GLN B 129 -10.98 -16.68 15.07
CA GLN B 129 -10.31 -17.99 15.13
C GLN B 129 -8.85 -17.78 14.78
N ALA B 130 -8.56 -17.04 13.72
CA ALA B 130 -7.16 -16.79 13.38
C ALA B 130 -6.43 -15.99 14.48
N ASN B 131 -7.10 -15.01 15.08
CA ASN B 131 -6.47 -14.19 16.10
C ASN B 131 -6.15 -15.00 17.36
N LEU B 132 -7.03 -15.88 17.79
CA LEU B 132 -6.72 -16.73 18.94
C LEU B 132 -5.73 -17.85 18.58
N LEU B 133 -5.93 -18.43 17.41
CA LEU B 133 -5.07 -19.48 16.93
C LEU B 133 -3.62 -19.02 16.92
N ASN B 134 -3.36 -17.91 16.26
CA ASN B 134 -1.97 -17.47 16.16
C ASN B 134 -1.40 -16.84 17.44
N ALA B 135 -2.27 -16.22 18.26
CA ALA B 135 -1.84 -15.67 19.53
C ALA B 135 -1.31 -16.81 20.33
N LEU B 136 -2.08 -17.91 20.34
CA LEU B 136 -1.63 -19.10 21.00
C LEU B 136 -0.32 -19.62 20.39
N HIS B 137 -0.27 -19.77 19.08
CA HIS B 137 0.92 -20.28 18.43
C HIS B 137 2.15 -19.38 18.71
N VAL B 138 1.94 -18.06 18.69
CA VAL B 138 3.02 -17.06 18.84
C VAL B 138 3.55 -17.02 20.27
N ALA B 139 2.65 -17.05 21.24
CA ALA B 139 2.99 -17.26 22.65
C ALA B 139 3.89 -18.46 22.92
N ALA B 140 3.65 -19.59 22.24
CA ALA B 140 4.33 -20.83 22.53
C ALA B 140 5.54 -21.03 21.66
N ASN B 141 5.45 -20.66 20.40
CA ASN B 141 6.59 -20.91 19.51
C ASN B 141 7.46 -19.70 19.24
N TYR B 142 7.02 -18.52 19.67
CA TYR B 142 7.75 -17.30 19.43
C TYR B 142 7.56 -16.35 20.57
N PRO B 143 7.89 -16.77 21.80
CA PRO B 143 7.54 -15.96 22.98
C PRO B 143 8.31 -14.66 23.02
N ILE B 144 7.58 -13.55 23.08
CA ILE B 144 8.18 -12.25 23.28
C ILE B 144 7.77 -11.82 24.66
N ASN B 145 8.72 -11.50 25.54
CA ASN B 145 8.43 -11.33 26.97
C ASN B 145 8.02 -9.89 27.29
N GLU B 146 6.93 -9.47 26.66
CA GLU B 146 6.38 -8.16 26.85
C GLU B 146 4.86 -8.31 26.73
N VAL B 147 4.19 -7.21 27.07
CA VAL B 147 2.75 -7.08 26.80
C VAL B 147 2.54 -6.68 25.34
N THR B 148 1.95 -7.57 24.56
CA THR B 148 1.75 -7.33 23.13
C THR B 148 0.28 -7.42 22.75
N LEU B 149 -0.04 -7.05 21.50
CA LEU B 149 -1.45 -6.90 21.06
C LEU B 149 -1.54 -7.49 19.67
N PHE B 150 -2.39 -8.49 19.53
CA PHE B 150 -2.48 -9.16 18.26
C PHE B 150 -3.80 -8.84 17.55
N PHE B 151 -3.70 -8.27 16.34
CA PHE B 151 -4.86 -7.97 15.51
C PHE B 151 -4.43 -7.72 14.07
N ASN B 152 -5.35 -7.92 13.13
CA ASN B 152 -5.04 -7.74 11.70
C ASN B 152 -3.73 -8.48 11.35
N ASN B 153 -3.54 -9.70 11.82
CA ASN B 153 -2.35 -10.50 11.47
C ASN B 153 -0.99 -9.92 11.88
N ARG B 154 -0.98 -9.03 12.83
CA ARG B 154 0.28 -8.47 13.29
C ARG B 154 0.34 -8.33 14.81
N LEU B 155 1.52 -8.51 15.37
CA LEU B 155 1.69 -8.43 16.78
C LEU B 155 2.39 -7.13 17.05
N MSE B 156 1.77 -6.28 17.85
CA MSE B 156 2.36 -4.98 18.14
C MSE B 156 2.73 -4.83 19.59
O MSE B 156 2.13 -5.45 20.43
CB MSE B 156 1.40 -3.87 17.76
CG MSE B 156 1.06 -3.87 16.27
SE MSE B 156 -0.73 -3.15 16.01
CE MSE B 156 -1.68 -4.93 15.98
N ARG B 157 3.72 -4.00 19.89
CA ARG B 157 3.99 -3.66 21.29
C ARG B 157 2.72 -3.08 21.91
N GLY B 158 2.30 -3.61 23.05
CA GLY B 158 1.07 -3.22 23.68
C GLY B 158 0.95 -1.75 23.90
N ASN B 159 1.99 -1.17 24.51
CA ASN B 159 2.00 0.28 24.76
C ASN B 159 2.40 1.13 23.57
N ARG B 160 2.61 0.54 22.40
CA ARG B 160 2.72 1.36 21.16
C ARG B 160 1.45 1.38 20.28
N SER B 161 0.36 0.83 20.81
CA SER B 161 -0.80 0.52 19.99
C SER B 161 -1.94 1.47 20.16
N ARG B 162 -2.72 1.60 19.10
CA ARG B 162 -4.03 2.16 19.26
C ARG B 162 -5.01 1.73 18.19
N LYS B 163 -6.29 1.85 18.55
CA LYS B 163 -7.39 1.55 17.65
C LYS B 163 -7.56 2.70 16.67
N SER B 164 -7.09 2.44 15.46
CA SER B 164 -7.00 3.43 14.42
C SER B 164 -8.29 3.45 13.61
N HIS B 165 -8.97 2.31 13.55
CA HIS B 165 -10.16 2.20 12.70
C HIS B 165 -11.28 1.45 13.44
N ALA B 166 -12.51 1.95 13.29
CA ALA B 166 -13.68 1.31 13.90
C ALA B 166 -14.88 1.42 12.98
N ASP B 167 -15.43 0.28 12.59
CA ASP B 167 -16.38 0.20 11.45
C ASP B 167 -16.68 -1.27 11.20
N GLY B 168 -17.08 -1.60 9.97
CA GLY B 168 -16.89 -2.95 9.43
C GLY B 168 -15.44 -3.42 9.46
N PHE B 169 -14.51 -2.48 9.28
CA PHE B 169 -13.10 -2.82 9.22
C PHE B 169 -12.31 -2.24 10.41
N SER B 170 -12.52 -2.78 11.58
CA SER B 170 -11.81 -2.34 12.78
C SER B 170 -10.36 -2.86 12.85
N ALA B 171 -9.45 -2.09 13.44
CA ALA B 171 -8.05 -2.35 13.30
C ALA B 171 -7.17 -1.62 14.31
N PHE B 172 -5.96 -2.11 14.51
CA PHE B 172 -5.00 -1.46 15.40
C PHE B 172 -3.67 -1.25 14.68
N SER B 173 -3.04 -0.09 14.89
CA SER B 173 -1.66 0.20 14.44
C SER B 173 -0.76 0.69 15.58
N SER B 174 0.55 0.56 15.38
CA SER B 174 1.52 1.22 16.19
C SER B 174 2.19 2.18 15.29
N PRO B 175 1.71 3.41 15.25
CA PRO B 175 2.18 4.30 14.17
C PRO B 175 3.67 4.61 14.23
N ASN B 176 4.20 4.62 15.45
CA ASN B 176 5.57 5.03 15.73
C ASN B 176 6.57 3.86 16.02
N LEU B 177 6.11 2.61 15.93
CA LEU B 177 6.96 1.43 16.07
C LEU B 177 6.49 0.36 15.07
N PRO B 178 7.39 -0.20 14.26
CA PRO B 178 6.94 -1.31 13.41
C PRO B 178 6.51 -2.48 14.24
N PRO B 179 5.59 -3.30 13.70
CA PRO B 179 5.11 -4.39 14.51
C PRO B 179 6.26 -5.33 14.82
N LEU B 180 6.22 -5.91 16.03
CA LEU B 180 7.21 -6.85 16.52
C LEU B 180 7.22 -8.10 15.72
N LEU B 181 6.04 -8.55 15.29
CA LEU B 181 5.98 -9.64 14.35
C LEU B 181 4.75 -9.63 13.45
N GLU B 182 4.89 -10.29 12.31
CA GLU B 182 3.81 -10.45 11.33
C GLU B 182 3.39 -11.92 11.08
N ALA B 183 2.09 -12.16 11.27
CA ALA B 183 1.45 -13.47 11.16
C ALA B 183 0.77 -13.67 9.80
N GLY B 184 1.58 -13.75 8.76
CA GLY B 184 1.09 -14.05 7.42
C GLY B 184 1.07 -15.53 7.18
N ILE B 185 1.15 -15.94 5.93
CA ILE B 185 1.44 -17.30 5.55
C ILE B 185 2.68 -17.81 6.32
N ASN B 186 3.57 -16.91 6.67
CA ASN B 186 4.77 -17.24 7.39
C ASN B 186 4.91 -16.30 8.59
N ILE B 187 5.11 -16.85 9.79
CA ILE B 187 5.46 -15.99 10.94
C ILE B 187 6.78 -15.29 10.67
N GLU B 188 6.75 -13.95 10.71
CA GLU B 188 7.87 -13.10 10.35
C GLU B 188 8.22 -12.07 11.45
N LEU B 189 9.43 -12.17 11.98
CA LEU B 189 9.86 -11.44 13.16
C LEU B 189 10.57 -10.13 12.73
N SER B 190 10.37 -9.03 13.45
CA SER B 190 11.12 -7.83 13.13
C SER B 190 12.57 -8.04 13.51
N THR B 191 13.43 -7.21 12.94
CA THR B 191 14.83 -7.21 13.39
C THR B 191 14.94 -6.35 14.65
N ASN B 192 15.95 -6.57 15.46
CA ASN B 192 16.09 -5.84 16.73
C ASN B 192 14.84 -6.06 17.56
N VAL B 193 14.38 -7.31 17.53
CA VAL B 193 13.34 -7.84 18.40
C VAL B 193 13.75 -9.26 18.71
N LYS B 194 13.95 -9.55 20.00
CA LYS B 194 14.48 -10.86 20.44
C LYS B 194 13.40 -11.82 20.97
N VAL B 195 13.45 -13.09 20.58
CA VAL B 195 12.63 -14.14 21.17
C VAL B 195 13.20 -14.56 22.53
N ASP B 196 12.40 -14.43 23.58
CA ASP B 196 12.73 -14.96 24.93
C ASP B 196 13.87 -14.24 25.65
N GLU B 197 13.84 -12.93 25.64
CA GLU B 197 14.84 -12.15 26.36
C GLU B 197 14.44 -12.21 27.84
N LYS B 198 15.27 -12.84 28.64
CA LYS B 198 15.06 -12.93 30.09
C LYS B 198 15.24 -11.56 30.75
N PRO B 199 14.44 -11.26 31.77
CA PRO B 199 14.56 -9.96 32.40
C PRO B 199 15.55 -10.09 33.54
N SER B 200 15.72 -8.98 34.27
CA SER B 200 16.88 -8.69 35.10
C SER B 200 16.49 -8.57 36.57
N GLY B 201 15.53 -9.40 36.99
CA GLY B 201 14.99 -9.29 38.34
C GLY B 201 13.76 -10.15 38.43
N GLU B 202 13.24 -10.35 39.62
CA GLU B 202 12.08 -11.22 39.76
C GLU B 202 10.82 -10.55 39.25
N PHE B 203 9.94 -11.34 38.63
CA PHE B 203 8.68 -10.80 38.14
C PHE B 203 7.88 -10.29 39.31
N LYS B 204 7.27 -9.12 39.12
CA LYS B 204 6.36 -8.57 40.10
C LYS B 204 5.26 -7.73 39.43
N VAL B 205 4.08 -7.68 40.04
CA VAL B 205 3.01 -6.77 39.66
C VAL B 205 2.88 -5.56 40.59
N ASN B 206 2.98 -4.36 40.01
CA ASN B 206 2.90 -3.10 40.74
C ASN B 206 1.47 -2.53 40.68
N PRO B 207 0.94 -1.98 41.77
CA PRO B 207 -0.46 -1.54 41.81
C PRO B 207 -0.77 -0.33 40.98
N ILE B 208 -2.06 -0.19 40.67
CA ILE B 208 -2.58 0.92 39.88
C ILE B 208 -3.99 1.24 40.38
N THR B 209 -4.24 2.55 40.51
CA THR B 209 -5.51 3.13 40.95
C THR B 209 -5.82 4.38 40.10
N PRO B 210 -7.12 4.78 40.01
CA PRO B 210 -7.58 5.87 39.15
C PRO B 210 -6.96 7.18 39.53
N GLN B 211 -6.67 8.01 38.55
CA GLN B 211 -6.04 9.27 38.80
C GLN B 211 -6.78 10.30 38.00
N PRO B 212 -7.00 11.48 38.60
CA PRO B 212 -7.68 12.57 37.94
C PRO B 212 -6.74 13.25 36.95
N ILE B 213 -6.63 12.66 35.75
CA ILE B 213 -5.75 13.14 34.71
C ILE B 213 -6.60 13.94 33.76
N GLY B 214 -6.25 15.21 33.55
CA GLY B 214 -6.87 16.04 32.52
C GLY B 214 -6.22 15.83 31.17
N VAL B 215 -6.98 16.00 30.09
CA VAL B 215 -6.45 15.88 28.75
C VAL B 215 -6.90 17.04 27.85
N ILE B 216 -5.99 17.94 27.44
CA ILE B 216 -6.37 19.11 26.61
C ILE B 216 -5.88 18.97 25.17
N THR B 217 -6.79 19.23 24.24
CA THR B 217 -6.54 19.29 22.82
C THR B 217 -6.52 20.77 22.46
N MSE B 218 -5.38 21.26 22.01
CA MSE B 218 -5.30 22.64 21.66
C MSE B 218 -6.01 22.80 20.34
O MSE B 218 -5.99 21.94 19.49
CB MSE B 218 -3.85 23.07 21.49
CG MSE B 218 -3.00 22.84 22.68
SE MSE B 218 -3.21 24.15 24.07
CE MSE B 218 -1.55 23.84 25.04
N TYR B 219 -6.66 23.94 20.20
CA TYR B 219 -7.15 24.37 18.93
C TYR B 219 -6.84 25.83 18.91
N PRO B 220 -6.93 26.46 17.73
CA PRO B 220 -6.58 27.87 17.65
C PRO B 220 -7.57 28.68 18.45
N GLY B 221 -7.06 29.63 19.22
CA GLY B 221 -7.90 30.46 20.09
C GLY B 221 -8.28 29.83 21.43
N ILE B 222 -7.82 28.63 21.75
CA ILE B 222 -8.29 27.93 22.94
C ILE B 222 -8.02 28.85 24.11
N SER B 223 -9.03 29.14 24.93
CA SER B 223 -8.90 30.15 25.96
C SER B 223 -8.43 29.52 27.27
N HIS B 224 -7.59 30.26 27.97
CA HIS B 224 -7.00 29.80 29.24
C HIS B 224 -8.09 29.62 30.28
N GLU B 225 -9.26 30.21 30.07
CA GLU B 225 -10.41 29.89 30.89
C GLU B 225 -10.89 28.44 30.74
N VAL B 226 -10.96 27.87 29.54
CA VAL B 226 -11.24 26.43 29.46
C VAL B 226 -10.07 25.63 30.07
N ILE B 227 -8.84 26.09 29.86
CA ILE B 227 -7.70 25.42 30.43
C ILE B 227 -7.66 25.53 31.96
N ARG B 228 -8.14 26.64 32.49
CA ARG B 228 -8.27 26.77 33.93
C ARG B 228 -9.20 25.70 34.49
N ASN B 229 -10.34 25.48 33.84
CA ASN B 229 -11.32 24.45 34.21
C ASN B 229 -10.72 23.08 34.28
N THR B 230 -9.88 22.79 33.29
CA THR B 230 -9.26 21.47 33.22
C THR B 230 -8.19 21.28 34.32
N LEU B 231 -7.72 22.36 34.94
CA LEU B 231 -6.67 22.26 35.94
C LEU B 231 -7.23 22.27 37.36
N LEU B 232 -8.54 22.46 37.52
CA LEU B 232 -9.08 22.53 38.86
C LEU B 232 -8.89 21.20 39.57
N GLN B 233 -8.86 21.28 40.91
CA GLN B 233 -8.64 20.11 41.73
C GLN B 233 -9.86 19.27 41.48
N PRO B 234 -9.68 17.95 41.48
CA PRO B 234 -8.50 17.18 41.96
C PRO B 234 -7.36 16.87 40.97
N VAL B 235 -7.39 17.45 39.79
CA VAL B 235 -6.48 16.97 38.78
C VAL B 235 -5.03 16.94 39.22
N ASN B 236 -4.39 15.78 39.15
CA ASN B 236 -2.97 15.71 39.51
C ASN B 236 -2.02 15.57 38.28
N ALA B 237 -2.59 15.33 37.09
CA ALA B 237 -1.80 15.27 35.84
C ALA B 237 -2.63 15.74 34.66
N MSE B 238 -1.93 16.02 33.56
CA MSE B 238 -2.44 16.80 32.46
C MSE B 238 -1.67 16.46 31.18
O MSE B 238 -0.47 16.74 31.04
CB MSE B 238 -2.24 18.27 32.82
CG MSE B 238 -2.23 19.31 31.67
SE MSE B 238 -4.02 19.68 31.05
CE MSE B 238 -5.03 19.30 32.73
N ILE B 239 -2.36 15.87 30.24
CA ILE B 239 -1.81 15.60 28.92
C ILE B 239 -2.23 16.72 27.93
N LEU B 240 -1.23 17.31 27.29
CA LEU B 240 -1.42 18.41 26.39
C LEU B 240 -1.20 17.91 24.99
N LEU B 241 -2.25 17.84 24.16
CA LEU B 241 -2.14 17.38 22.78
C LEU B 241 -1.91 18.66 21.94
N THR B 242 -0.70 18.81 21.44
CA THR B 242 -0.31 20.03 20.74
C THR B 242 -0.14 19.77 19.25
N PHE B 243 0.16 20.83 18.48
CA PHE B 243 0.38 20.72 17.00
C PHE B 243 1.76 20.30 16.52
N GLY B 244 1.76 19.68 15.36
CA GLY B 244 2.96 19.17 14.73
C GLY B 244 3.93 18.65 15.79
N VAL B 245 5.09 19.26 15.88
CA VAL B 245 6.20 18.67 16.64
C VAL B 245 6.21 19.10 18.11
N GLY B 246 5.14 19.74 18.50
CA GLY B 246 4.88 19.95 19.91
C GLY B 246 4.69 21.41 20.23
N ASN B 247 3.97 22.12 19.36
CA ASN B 247 3.89 23.56 19.42
C ASN B 247 2.58 24.02 20.04
N ALA B 248 2.67 24.92 21.01
CA ALA B 248 1.49 25.56 21.59
C ALA B 248 1.33 27.03 21.14
N PRO B 249 0.11 27.56 21.28
CA PRO B 249 -0.26 28.97 21.09
C PRO B 249 0.67 30.04 21.66
N GLN B 250 1.44 29.74 22.70
CA GLN B 250 2.30 30.77 23.28
C GLN B 250 1.53 32.07 23.66
N ASN B 251 0.25 32.00 23.99
CA ASN B 251 -0.33 33.13 24.66
C ASN B 251 0.12 33.09 26.14
N PRO B 252 0.75 34.17 26.62
CA PRO B 252 1.26 34.32 27.98
C PRO B 252 0.40 33.71 29.03
N GLU B 253 -0.88 34.04 28.98
CA GLU B 253 -1.80 33.62 30.01
C GLU B 253 -1.85 32.10 30.18
N LEU B 254 -1.64 31.40 29.07
CA LEU B 254 -1.69 29.95 29.00
C LEU B 254 -0.41 29.42 29.51
N LEU B 255 0.69 30.05 29.11
CA LEU B 255 1.96 29.73 29.70
C LEU B 255 1.76 29.83 31.20
N ALA B 256 1.30 30.98 31.68
CA ALA B 256 1.17 31.19 33.12
C ALA B 256 0.38 30.09 33.86
N GLN B 257 -0.79 29.70 33.33
CA GLN B 257 -1.61 28.64 33.97
C GLN B 257 -0.81 27.35 34.08
N LEU B 258 -0.16 26.98 32.99
CA LEU B 258 0.55 25.71 32.97
CA LEU B 258 0.55 25.71 32.97
C LEU B 258 1.68 25.74 34.01
N LYS B 259 2.43 26.83 34.05
CA LYS B 259 3.45 27.06 35.08
C LYS B 259 2.90 27.04 36.51
N ALA B 260 1.78 27.70 36.76
CA ALA B 260 1.20 27.74 38.07
C ALA B 260 0.80 26.30 38.51
N ALA B 261 0.34 25.49 37.55
CA ALA B 261 -0.12 24.11 37.81
C ALA B 261 1.05 23.19 38.09
N SER B 262 2.12 23.32 37.33
CA SER B 262 3.31 22.53 37.59
C SER B 262 3.98 22.92 38.90
N GLU B 263 3.88 24.18 39.28
CA GLU B 263 4.46 24.68 40.55
C GLU B 263 3.78 24.18 41.80
N ARG B 264 2.54 23.72 41.67
CA ARG B 264 1.88 23.13 42.83
CA ARG B 264 1.78 23.15 42.77
C ARG B 264 1.76 21.63 42.64
N GLY B 265 2.62 21.11 41.78
CA GLY B 265 2.79 19.67 41.66
C GLY B 265 1.93 18.93 40.65
N VAL B 266 1.44 19.59 39.60
CA VAL B 266 0.66 18.91 38.57
C VAL B 266 1.59 18.53 37.44
N ILE B 267 1.67 17.26 37.06
CA ILE B 267 2.53 16.88 35.93
C ILE B 267 1.87 17.25 34.59
N VAL B 268 2.68 17.78 33.67
CA VAL B 268 2.17 18.34 32.47
C VAL B 268 3.03 17.81 31.31
N VAL B 269 2.41 16.92 30.52
CA VAL B 269 3.15 16.18 29.52
C VAL B 269 2.63 16.62 28.18
N ASN B 270 3.55 16.83 27.26
CA ASN B 270 3.21 17.34 25.98
C ASN B 270 3.27 16.21 24.94
N LEU B 271 2.12 15.77 24.40
CA LEU B 271 2.10 14.83 23.26
C LEU B 271 1.63 15.53 22.00
N THR B 272 1.96 15.01 20.82
CA THR B 272 1.44 15.57 19.57
C THR B 272 -0.01 15.11 19.25
N GLN B 273 -0.86 15.99 18.73
CA GLN B 273 -2.16 15.56 18.20
C GLN B 273 -2.01 14.89 16.80
N CYS B 274 -0.87 15.02 16.13
CA CYS B 274 -0.56 14.16 14.94
C CYS B 274 -0.49 12.66 15.21
N LEU B 275 -0.78 11.83 14.22
CA LEU B 275 -0.86 10.40 14.47
C LEU B 275 0.57 9.84 14.59
N ALA B 276 1.24 9.60 13.49
CA ALA B 276 2.66 9.23 13.56
C ALA B 276 3.36 10.54 13.91
N GLY B 277 4.45 10.48 14.64
CA GLY B 277 5.19 11.70 14.93
C GLY B 277 5.54 11.93 16.39
N LYS B 278 6.54 12.78 16.58
CA LYS B 278 7.25 12.84 17.84
C LYS B 278 7.46 14.29 18.32
N VAL B 279 7.08 14.57 19.55
CA VAL B 279 7.34 15.87 20.15
C VAL B 279 8.87 16.11 20.33
N ASN B 280 9.30 17.32 19.95
CA ASN B 280 10.68 17.79 20.03
C ASN B 280 10.67 19.17 20.71
N MSE B 281 10.71 19.16 22.02
CA MSE B 281 10.88 20.40 22.78
C MSE B 281 12.35 20.64 23.18
O MSE B 281 12.63 21.11 24.27
CB MSE B 281 10.04 20.37 24.05
CG MSE B 281 8.53 20.23 23.88
SE MSE B 281 7.81 19.73 25.67
CE MSE B 281 8.61 21.20 26.75
N GLY B 282 13.28 20.38 22.27
CA GLY B 282 14.72 20.59 22.57
C GLY B 282 15.13 22.06 22.62
N GLY B 283 14.36 22.93 21.97
CA GLY B 283 14.71 24.33 21.84
C GLY B 283 14.70 24.83 20.42
N TYR B 284 15.47 24.24 19.51
CA TYR B 284 15.37 24.69 18.11
C TYR B 284 13.97 24.41 17.50
N ALA B 285 13.45 23.17 17.55
CA ALA B 285 12.21 22.90 16.86
C ALA B 285 11.05 23.80 17.35
N THR B 286 10.77 23.82 18.65
CA THR B 286 9.58 24.54 19.15
C THR B 286 9.86 25.78 20.02
N GLY B 287 11.15 26.09 20.29
CA GLY B 287 11.52 26.99 21.39
C GLY B 287 11.37 26.33 22.77
N CYS B 288 11.41 27.14 23.81
CA CYS B 288 11.40 26.68 25.19
C CYS B 288 10.29 27.25 26.05
N ALA B 289 9.32 27.92 25.42
CA ALA B 289 8.21 28.57 26.17
C ALA B 289 7.64 27.55 27.12
N LEU B 290 7.45 26.36 26.56
CA LEU B 290 6.70 25.31 27.19
C LEU B 290 7.58 24.65 28.25
N ALA B 291 8.89 24.56 27.98
CA ALA B 291 9.84 23.96 28.93
C ALA B 291 9.93 24.81 30.17
N ASP B 292 10.04 26.12 29.97
CA ASP B 292 10.14 27.11 31.03
C ASP B 292 8.91 27.09 31.97
N ALA B 293 7.73 26.86 31.40
CA ALA B 293 6.52 26.64 32.18
C ALA B 293 6.46 25.26 32.91
N GLY B 294 7.47 24.42 32.73
CA GLY B 294 7.55 23.10 33.43
C GLY B 294 6.93 21.88 32.73
N VAL B 295 6.49 22.04 31.48
CA VAL B 295 5.87 20.96 30.75
C VAL B 295 6.99 20.04 30.31
N ILE B 296 6.75 18.73 30.33
CA ILE B 296 7.73 17.73 29.82
C ILE B 296 7.22 17.05 28.52
N SER B 297 8.16 16.52 27.73
CA SER B 297 7.87 15.88 26.43
C SER B 297 7.46 14.47 26.65
N GLY B 298 6.54 13.96 25.85
CA GLY B 298 6.18 12.54 25.82
C GLY B 298 6.60 12.03 24.45
N TYR B 299 7.54 12.74 23.82
CA TYR B 299 8.17 12.27 22.61
C TYR B 299 7.09 11.71 21.68
N ASP B 300 7.14 10.40 21.37
CA ASP B 300 6.18 9.74 20.42
C ASP B 300 5.19 8.79 21.08
N MSE B 301 4.79 9.09 22.32
CA MSE B 301 3.91 8.22 23.04
C MSE B 301 2.52 8.37 22.47
O MSE B 301 2.14 9.41 22.07
CB MSE B 301 3.87 8.57 24.52
CG MSE B 301 4.95 7.88 25.31
SE MSE B 301 4.63 7.84 27.26
CE MSE B 301 5.04 9.74 27.65
N THR B 302 1.80 7.27 22.41
CA THR B 302 0.36 7.28 22.23
C THR B 302 -0.30 7.90 23.52
N PRO B 303 -1.45 8.52 23.36
CA PRO B 303 -2.26 8.96 24.49
C PRO B 303 -2.46 7.84 25.48
N GLU B 304 -2.72 6.66 24.94
CA GLU B 304 -3.00 5.52 25.77
C GLU B 304 -1.75 5.09 26.53
N ALA B 305 -0.57 5.06 25.92
CA ALA B 305 0.61 4.73 26.73
C ALA B 305 0.78 5.82 27.77
N ALA B 306 0.33 7.03 27.43
CA ALA B 306 0.62 8.22 28.24
C ALA B 306 -0.26 8.29 29.49
N LEU B 307 -1.50 7.83 29.32
CA LEU B 307 -2.47 7.76 30.38
C LEU B 307 -2.09 6.63 31.27
N ALA B 308 -1.61 5.56 30.61
CA ALA B 308 -1.14 4.40 31.31
C ALA B 308 0.02 4.67 32.25
N LYS B 309 1.02 5.43 31.75
CA LYS B 309 2.35 5.52 32.36
C LYS B 309 2.17 6.45 33.54
N LEU B 310 1.39 7.51 33.32
CA LEU B 310 1.01 8.40 34.42
C LEU B 310 0.26 7.65 35.55
N HIS B 311 -0.62 6.70 35.19
CA HIS B 311 -1.40 6.00 36.21
C HIS B 311 -0.48 5.03 36.99
N TYR B 312 0.47 4.47 36.28
CA TYR B 312 1.50 3.63 36.91
C TYR B 312 2.22 4.47 37.94
N LEU B 313 2.87 5.55 37.50
CA LEU B 313 3.77 6.34 38.36
C LEU B 313 3.06 7.11 39.46
N LEU B 314 1.95 7.74 39.13
CA LEU B 314 1.24 8.51 40.12
C LEU B 314 0.63 7.59 41.19
N SER B 315 0.55 6.26 40.90
CA SER B 315 -0.06 5.27 41.83
C SER B 315 0.95 4.64 42.76
N GLN B 316 2.22 4.76 42.46
CA GLN B 316 3.25 4.39 43.41
C GLN B 316 3.38 5.57 44.33
N ASN B 317 4.11 5.46 45.41
CA ASN B 317 4.16 6.62 46.29
C ASN B 317 5.48 7.36 46.12
N LEU B 318 5.60 7.89 44.90
CA LEU B 318 6.72 8.63 44.42
C LEU B 318 6.50 10.13 44.61
N SER B 319 7.60 10.88 44.68
CA SER B 319 7.58 12.32 44.79
C SER B 319 7.22 12.92 43.43
N TYR B 320 6.83 14.20 43.39
CA TYR B 320 6.51 14.87 42.13
C TYR B 320 7.68 14.73 41.09
N GLU B 321 8.89 15.09 41.54
CA GLU B 321 10.09 15.12 40.67
C GLU B 321 10.47 13.74 40.14
N GLU B 322 10.35 12.77 41.00
CA GLU B 322 10.57 11.41 40.62
C GLU B 322 9.59 10.95 39.49
N VAL B 323 8.32 11.31 39.60
CA VAL B 323 7.34 10.95 38.57
C VAL B 323 7.82 11.65 37.32
N LYS B 324 8.16 12.94 37.49
CA LYS B 324 8.55 13.82 36.36
C LYS B 324 9.70 13.19 35.58
N ALA B 325 10.76 12.87 36.31
CA ALA B 325 11.93 12.16 35.77
C ALA B 325 11.57 10.84 35.08
N LYS B 326 10.75 10.02 35.72
CA LYS B 326 10.39 8.73 35.16
C LYS B 326 9.54 8.82 33.88
N MSE B 327 8.66 9.81 33.79
CA MSE B 327 7.87 10.01 32.59
C MSE B 327 8.78 10.23 31.37
O MSE B 327 8.42 9.90 30.22
CB MSE B 327 6.96 11.24 32.74
CG MSE B 327 5.73 11.06 33.60
SE MSE B 327 4.58 9.76 32.71
CE MSE B 327 3.84 10.89 31.32
N GLN B 328 9.96 10.80 31.63
CA GLN B 328 10.94 11.09 30.56
C GLN B 328 11.91 9.94 30.34
N GLN B 329 11.71 8.83 31.01
CA GLN B 329 12.60 7.71 30.83
C GLN B 329 11.83 6.54 30.21
N VAL B 330 12.51 5.78 29.34
CA VAL B 330 11.93 4.69 28.60
C VAL B 330 11.82 3.57 29.57
N LEU B 331 10.60 3.11 29.86
CA LEU B 331 10.51 2.10 30.90
C LEU B 331 10.18 0.74 30.29
N ARG B 332 9.43 0.73 29.18
CA ARG B 332 8.97 -0.52 28.56
C ARG B 332 8.82 -0.42 27.05
N GLY B 333 9.74 0.33 26.43
CA GLY B 333 9.81 0.46 24.98
C GLY B 333 8.66 1.30 24.39
N GLU B 334 7.96 2.05 25.24
CA GLU B 334 6.76 2.85 24.84
C GLU B 334 7.05 4.10 24.02
N MSE B 335 8.34 4.42 23.93
CA MSE B 335 8.74 5.63 23.27
C MSE B 335 10.21 5.57 23.02
O MSE B 335 10.90 4.77 23.61
CB MSE B 335 8.44 6.85 24.15
CG MSE B 335 9.38 6.99 25.29
SE MSE B 335 8.88 8.34 26.59
CE MSE B 335 10.40 8.11 27.77
N THR B 336 10.68 6.48 22.20
CA THR B 336 12.07 6.59 21.88
C THR B 336 12.56 8.03 22.11
N LEU B 337 13.69 8.11 22.81
CA LEU B 337 14.56 9.30 23.09
C LEU B 337 14.69 9.59 24.61
N ALA C 2 35.31 20.24 -4.64
CA ALA C 2 34.11 20.40 -3.77
C ALA C 2 32.99 20.06 -4.70
N ARG C 3 32.97 20.69 -5.88
CA ARG C 3 31.78 20.56 -6.75
C ARG C 3 31.89 19.42 -7.75
N LYS C 4 30.78 18.81 -7.99
CA LYS C 4 30.74 17.65 -8.82
C LYS C 4 30.25 18.13 -10.19
N HIS C 5 30.70 17.47 -11.23
CA HIS C 5 30.30 17.74 -12.58
C HIS C 5 29.84 16.41 -13.17
N ILE C 6 28.59 16.34 -13.65
CA ILE C 6 27.97 15.13 -14.16
C ILE C 6 27.82 15.21 -15.66
N TYR C 7 27.97 14.10 -16.36
CA TYR C 7 27.84 14.08 -17.80
C TYR C 7 26.49 13.51 -18.08
N ILE C 8 25.66 14.25 -18.79
CA ILE C 8 24.33 13.75 -19.18
C ILE C 8 24.33 13.34 -20.66
N ALA C 9 24.20 12.06 -20.96
CA ALA C 9 24.14 11.68 -22.36
C ALA C 9 22.68 11.58 -22.76
N TYR C 10 22.16 12.44 -23.64
CA TYR C 10 20.76 12.30 -24.04
C TYR C 10 20.73 11.36 -25.23
N THR C 11 20.44 10.09 -24.98
CA THR C 11 20.55 9.08 -26.03
C THR C 11 19.34 9.05 -26.93
N GLY C 12 18.23 9.60 -26.44
CA GLY C 12 16.92 9.45 -27.04
C GLY C 12 15.84 9.43 -25.99
N GLY C 13 14.60 9.33 -26.41
CA GLY C 13 13.52 9.16 -25.46
C GLY C 13 12.63 10.37 -25.36
N THR C 14 11.36 10.17 -24.98
CA THR C 14 10.41 11.28 -25.01
C THR C 14 10.75 12.49 -24.12
N ILE C 15 11.66 12.36 -23.17
CA ILE C 15 11.98 13.48 -22.29
C ILE C 15 12.53 14.70 -23.00
N GLY C 16 13.29 14.48 -24.06
CA GLY C 16 13.92 15.58 -24.80
C GLY C 16 13.08 16.05 -25.97
N MSE C 17 11.84 15.59 -26.05
CA MSE C 17 11.02 15.81 -27.23
C MSE C 17 10.02 16.96 -27.06
O MSE C 17 9.84 17.49 -25.97
CB MSE C 17 10.29 14.52 -27.61
CG MSE C 17 11.17 13.42 -28.13
SE MSE C 17 10.08 11.91 -28.81
CE MSE C 17 11.57 10.61 -28.98
N LYS C 18 9.41 17.33 -28.17
CA LYS C 18 8.51 18.45 -28.30
C LYS C 18 7.10 17.93 -28.58
N LYS C 19 6.10 18.71 -28.21
CA LYS C 19 4.72 18.34 -28.43
C LYS C 19 4.35 18.54 -29.88
N SER C 20 3.60 17.58 -30.41
CA SER C 20 3.12 17.58 -31.78
C SER C 20 1.78 16.90 -31.81
N ASP C 21 1.37 16.49 -33.02
CA ASP C 21 0.31 15.49 -33.17
C ASP C 21 0.41 14.65 -34.45
N VAL C 25 4.11 13.37 -29.98
CA VAL C 25 5.41 13.93 -29.60
C VAL C 25 6.53 13.39 -30.53
N PRO C 26 7.30 14.26 -31.22
CA PRO C 26 8.50 13.90 -31.96
C PRO C 26 9.76 14.73 -31.59
N VAL C 27 10.88 14.34 -32.18
CA VAL C 27 12.18 14.86 -31.75
C VAL C 27 12.53 16.25 -32.32
N ALA C 28 13.28 17.09 -31.58
CA ALA C 28 13.69 18.40 -32.07
C ALA C 28 15.14 18.72 -31.64
N GLY C 29 16.02 18.64 -32.66
CA GLY C 29 17.45 19.00 -32.62
C GLY C 29 17.87 19.91 -31.51
N PHE C 30 18.43 19.31 -30.48
CA PHE C 30 19.09 20.00 -29.40
C PHE C 30 18.18 20.89 -28.48
N MSE C 31 16.87 20.57 -28.39
CA MSE C 31 15.95 21.24 -27.44
C MSE C 31 16.17 20.92 -25.97
O MSE C 31 15.89 21.73 -25.10
CB MSE C 31 14.47 20.98 -27.75
CG MSE C 31 13.56 22.06 -27.18
SE MSE C 31 11.67 21.63 -26.82
CE MSE C 31 11.10 23.41 -26.21
N GLU C 32 16.66 19.73 -25.65
CA GLU C 32 16.87 19.38 -24.27
C GLU C 32 17.86 20.35 -23.68
N LYS C 33 18.89 20.66 -24.46
CA LYS C 33 20.03 21.43 -23.96
C LYS C 33 19.60 22.85 -23.67
N GLN C 34 18.89 23.47 -24.63
CA GLN C 34 18.34 24.80 -24.39
C GLN C 34 17.45 24.77 -23.16
N LEU C 35 16.46 23.89 -23.19
CA LEU C 35 15.43 23.76 -22.15
C LEU C 35 16.13 23.58 -20.79
N ALA C 36 17.13 22.69 -20.69
CA ALA C 36 17.77 22.42 -19.38
C ALA C 36 18.46 23.68 -18.81
N SER C 37 18.12 24.85 -19.33
N SER C 37 18.10 24.86 -19.32
CA SER C 37 18.44 26.13 -18.68
CA SER C 37 18.45 26.14 -18.68
C SER C 37 17.21 26.80 -18.02
C SER C 37 17.23 26.81 -18.01
N MSE C 38 16.65 26.10 -17.04
CA MSE C 38 15.75 26.67 -16.07
C MSE C 38 16.47 26.59 -14.72
O MSE C 38 17.16 25.62 -14.44
CB MSE C 38 14.44 25.86 -16.07
CG MSE C 38 14.62 24.32 -16.04
SE MSE C 38 13.69 23.21 -17.42
CE MSE C 38 12.46 22.32 -16.20
N PRO C 39 16.33 27.62 -13.86
CA PRO C 39 17.19 27.87 -12.69
C PRO C 39 17.42 26.77 -11.63
N GLU C 40 16.49 25.85 -11.43
CA GLU C 40 16.71 24.74 -10.47
C GLU C 40 17.96 23.91 -10.78
N PHE C 41 18.34 23.79 -12.05
CA PHE C 41 19.52 22.99 -12.41
C PHE C 41 20.84 23.78 -12.36
N HIS C 42 20.79 25.02 -11.88
CA HIS C 42 21.94 25.93 -11.88
C HIS C 42 21.87 26.67 -10.59
N ARG C 43 22.61 26.14 -9.66
CA ARG C 43 22.27 26.29 -8.30
C ARG C 43 23.47 25.71 -7.58
N PRO C 44 24.08 26.48 -6.66
CA PRO C 44 25.36 26.12 -6.04
C PRO C 44 25.39 24.74 -5.34
N GLU C 45 24.22 24.29 -4.86
CA GLU C 45 23.98 22.93 -4.31
C GLU C 45 23.69 21.84 -5.36
N MSE C 46 23.68 22.17 -6.62
CA MSE C 46 23.59 21.16 -7.66
C MSE C 46 24.96 20.95 -8.27
O MSE C 46 25.73 21.85 -8.33
CB MSE C 46 22.58 21.56 -8.76
CG MSE C 46 21.11 21.47 -8.35
SE MSE C 46 20.40 19.63 -8.30
CE MSE C 46 20.15 19.40 -10.23
N PRO C 47 25.25 19.77 -8.77
CA PRO C 47 26.48 19.63 -9.50
C PRO C 47 26.41 20.46 -10.78
N LEU C 48 27.56 20.65 -11.42
CA LEU C 48 27.57 21.11 -12.79
C LEU C 48 27.31 19.87 -13.66
N PHE C 49 26.80 20.09 -14.86
CA PHE C 49 26.52 19.01 -15.82
C PHE C 49 26.91 19.47 -17.22
N THR C 50 27.29 18.52 -18.07
CA THR C 50 27.39 18.77 -19.48
C THR C 50 26.54 17.72 -20.20
N ILE C 51 25.87 18.18 -21.25
CA ILE C 51 24.99 17.32 -22.01
C ILE C 51 25.50 17.11 -23.44
N HIS C 52 25.36 15.88 -23.91
CA HIS C 52 25.70 15.48 -25.26
C HIS C 52 24.46 14.83 -25.80
N GLU C 53 23.81 15.46 -26.78
CA GLU C 53 22.70 14.82 -27.49
C GLU C 53 23.26 13.93 -28.61
N TYR C 54 22.86 12.68 -28.60
CA TYR C 54 23.30 11.66 -29.54
C TYR C 54 22.83 11.98 -30.95
N ASP C 55 23.70 11.77 -31.94
CA ASP C 55 23.30 11.89 -33.34
C ASP C 55 23.59 10.62 -34.09
N PRO C 56 22.55 9.93 -34.61
CA PRO C 56 21.13 10.23 -34.52
C PRO C 56 20.63 9.84 -33.17
N LEU C 57 19.48 10.38 -32.77
CA LEU C 57 18.78 9.93 -31.56
C LEU C 57 18.46 8.47 -31.68
N MSE C 58 18.27 7.84 -30.55
CA MSE C 58 18.01 6.44 -30.56
C MSE C 58 16.55 6.34 -30.23
O MSE C 58 16.06 7.07 -29.36
CB MSE C 58 18.83 5.70 -29.52
CG MSE C 58 20.31 5.38 -29.92
SE MSE C 58 21.44 4.95 -28.39
CE MSE C 58 23.16 5.16 -29.29
N ASP C 59 15.88 5.48 -30.97
CA ASP C 59 14.50 5.07 -30.70
C ASP C 59 14.52 3.78 -29.87
N SER C 60 13.88 3.85 -28.72
CA SER C 60 14.04 2.84 -27.66
C SER C 60 13.67 1.44 -28.11
N SER C 61 12.53 1.36 -28.78
CA SER C 61 12.00 0.15 -29.42
C SER C 61 12.95 -0.45 -30.47
N ASP C 62 13.85 0.36 -31.05
CA ASP C 62 14.68 -0.11 -32.16
C ASP C 62 16.13 -0.37 -31.81
N MSE C 63 16.46 -0.30 -30.53
CA MSE C 63 17.84 -0.47 -30.14
C MSE C 63 18.35 -1.89 -30.26
O MSE C 63 17.59 -2.86 -30.22
CB MSE C 63 18.06 0.05 -28.76
CG MSE C 63 17.61 1.51 -28.67
SE MSE C 63 18.55 2.25 -27.21
CE MSE C 63 18.11 4.19 -27.14
N THR C 64 19.66 -1.97 -30.47
CA THR C 64 20.41 -3.20 -30.67
C THR C 64 21.64 -3.17 -29.77
N PRO C 65 22.37 -4.29 -29.65
CA PRO C 65 23.64 -4.21 -28.92
C PRO C 65 24.65 -3.24 -29.45
N ALA C 66 24.62 -2.98 -30.75
CA ALA C 66 25.51 -1.96 -31.31
C ALA C 66 25.17 -0.58 -30.73
N ASP C 67 23.92 -0.37 -30.34
CA ASP C 67 23.51 0.82 -29.64
C ASP C 67 23.98 0.77 -28.20
N TRP C 68 23.94 -0.42 -27.62
CA TRP C 68 24.54 -0.56 -26.31
C TRP C 68 26.00 -0.14 -26.30
N GLN C 69 26.70 -0.57 -27.33
CA GLN C 69 28.14 -0.38 -27.45
C GLN C 69 28.45 1.11 -27.62
N LEU C 70 27.68 1.81 -28.47
CA LEU C 70 27.86 3.24 -28.61
C LEU C 70 27.71 3.95 -27.24
N ILE C 71 26.73 3.56 -26.42
CA ILE C 71 26.54 4.23 -25.14
C ILE C 71 27.74 3.93 -24.21
N ALA C 72 28.14 2.66 -24.17
CA ALA C 72 29.28 2.16 -23.36
C ALA C 72 30.66 2.83 -23.67
N ASP C 73 30.98 2.94 -24.96
CA ASP C 73 32.12 3.70 -25.46
C ASP C 73 32.09 5.18 -25.11
N ASP C 74 30.90 5.79 -25.27
CA ASP C 74 30.73 7.22 -24.98
C ASP C 74 31.04 7.54 -23.53
N ILE C 75 30.53 6.70 -22.61
CA ILE C 75 30.94 6.77 -21.18
C ILE C 75 32.45 6.51 -20.98
N ALA C 76 32.98 5.50 -21.66
CA ALA C 76 34.41 5.16 -21.59
C ALA C 76 35.29 6.37 -21.90
N ALA C 77 34.98 7.01 -23.03
CA ALA C 77 35.62 8.26 -23.48
C ALA C 77 35.46 9.44 -22.54
N ASN C 78 34.45 9.48 -21.72
CA ASN C 78 34.31 10.63 -20.83
C ASN C 78 34.55 10.26 -19.40
N TYR C 79 34.94 9.00 -19.16
CA TYR C 79 35.03 8.45 -17.80
C TYR C 79 35.84 9.32 -16.78
N ASP C 80 36.98 9.84 -17.25
CA ASP C 80 37.96 10.52 -16.39
C ASP C 80 37.70 12.00 -16.22
N LYS C 81 36.78 12.52 -17.04
CA LYS C 81 36.39 13.93 -17.01
C LYS C 81 35.19 14.25 -16.11
N TYR C 82 34.49 13.26 -15.61
CA TYR C 82 33.33 13.54 -14.81
C TYR C 82 33.27 12.70 -13.58
N ASP C 83 32.50 13.21 -12.63
CA ASP C 83 32.25 12.49 -11.39
C ASP C 83 31.20 11.41 -11.48
N GLY C 84 30.35 11.52 -12.51
CA GLY C 84 29.24 10.60 -12.72
C GLY C 84 28.53 10.78 -14.03
N PHE C 85 27.71 9.78 -14.34
CA PHE C 85 26.96 9.77 -15.59
C PHE C 85 25.46 9.58 -15.42
N VAL C 86 24.71 10.41 -16.12
CA VAL C 86 23.29 10.21 -16.32
C VAL C 86 23.01 10.04 -17.78
N ILE C 87 22.34 8.94 -18.10
CA ILE C 87 22.00 8.49 -19.46
C ILE C 87 20.52 8.56 -19.64
N LEU C 88 20.07 9.53 -20.42
CA LEU C 88 18.68 9.70 -20.73
C LEU C 88 18.31 8.80 -21.91
N HIS C 89 17.15 8.18 -21.79
CA HIS C 89 16.80 6.99 -22.57
C HIS C 89 15.31 6.99 -22.65
N GLY C 90 14.72 6.49 -23.72
CA GLY C 90 13.27 6.21 -23.70
C GLY C 90 12.99 5.02 -22.78
N THR C 91 11.75 4.91 -22.31
CA THR C 91 11.39 3.90 -21.33
C THR C 91 11.25 2.44 -21.88
N ASP C 92 10.88 2.27 -23.14
CA ASP C 92 10.55 0.92 -23.66
C ASP C 92 11.61 -0.21 -23.48
N THR C 93 12.88 0.13 -23.65
CA THR C 93 13.96 -0.83 -23.45
C THR C 93 15.00 -0.33 -22.42
N MSE C 94 14.59 0.61 -21.59
CA MSE C 94 15.47 1.16 -20.59
C MSE C 94 16.06 0.04 -19.72
O MSE C 94 17.26 0.01 -19.44
CB MSE C 94 14.72 2.18 -19.75
CG MSE C 94 15.67 3.15 -19.04
SE MSE C 94 14.75 4.57 -17.94
CE MSE C 94 13.87 5.43 -19.44
N ALA C 95 15.22 -0.90 -19.30
CA ALA C 95 15.69 -1.94 -18.41
C ALA C 95 16.73 -2.79 -19.12
N TYR C 96 16.55 -3.06 -20.41
CA TYR C 96 17.57 -3.83 -21.14
C TYR C 96 18.88 -3.12 -21.22
N THR C 97 18.88 -1.84 -21.59
CA THR C 97 20.12 -1.11 -21.73
C THR C 97 20.86 -1.10 -20.37
N ALA C 98 20.14 -0.75 -19.30
CA ALA C 98 20.76 -0.69 -18.01
C ALA C 98 21.33 -2.07 -17.60
N SER C 99 20.59 -3.14 -17.88
CA SER C 99 21.10 -4.44 -17.56
C SER C 99 22.37 -4.64 -18.34
N ALA C 100 22.28 -4.42 -19.64
CA ALA C 100 23.42 -4.56 -20.56
C ALA C 100 24.71 -3.86 -20.07
N LEU C 101 24.58 -2.56 -19.76
CA LEU C 101 25.74 -1.76 -19.36
C LEU C 101 26.36 -2.23 -18.04
N SER C 102 25.54 -2.72 -17.11
CA SER C 102 26.10 -3.25 -15.86
C SER C 102 27.18 -4.32 -16.06
N PHE C 103 27.00 -5.19 -17.06
CA PHE C 103 27.97 -6.27 -17.40
C PHE C 103 29.15 -5.84 -18.28
N MSE C 104 28.89 -4.92 -19.19
CA MSE C 104 29.93 -4.42 -20.04
C MSE C 104 30.96 -3.65 -19.27
O MSE C 104 32.13 -3.69 -19.60
CB MSE C 104 29.32 -3.53 -21.14
CG MSE C 104 28.41 -4.32 -22.08
SE MSE C 104 27.46 -3.14 -23.32
CE MSE C 104 28.97 -2.76 -24.51
N PHE C 105 30.51 -2.92 -18.24
CA PHE C 105 31.40 -2.19 -17.36
C PHE C 105 32.02 -3.06 -16.29
N GLU C 106 33.34 -2.97 -16.18
CA GLU C 106 34.14 -3.74 -15.25
C GLU C 106 34.80 -2.73 -14.33
N ASN C 107 34.66 -2.93 -13.03
CA ASN C 107 35.26 -1.98 -12.07
C ASN C 107 34.70 -0.56 -12.21
N LEU C 108 33.38 -0.44 -12.30
CA LEU C 108 32.79 0.87 -12.35
C LEU C 108 33.06 1.58 -11.00
N GLY C 109 33.67 2.76 -11.05
CA GLY C 109 34.02 3.54 -9.86
C GLY C 109 33.28 4.87 -9.76
N LYS C 110 32.16 4.98 -10.46
CA LYS C 110 31.40 6.24 -10.53
C LYS C 110 29.95 5.86 -10.85
N PRO C 111 29.01 6.61 -10.30
CA PRO C 111 27.62 6.31 -10.65
C PRO C 111 27.28 6.42 -12.17
N VAL C 112 26.43 5.49 -12.62
CA VAL C 112 25.81 5.58 -13.93
C VAL C 112 24.33 5.40 -13.66
N ILE C 113 23.56 6.42 -13.96
CA ILE C 113 22.15 6.40 -13.68
C ILE C 113 21.44 6.58 -15.00
N VAL C 114 20.64 5.57 -15.36
CA VAL C 114 19.86 5.62 -16.57
C VAL C 114 18.54 6.18 -16.11
N THR C 115 18.02 7.23 -16.76
CA THR C 115 16.67 7.72 -16.46
C THR C 115 15.95 8.22 -17.72
N GLY C 116 14.71 8.72 -17.56
CA GLY C 116 13.96 9.24 -18.67
C GLY C 116 12.64 9.76 -18.15
N SER C 117 11.67 9.95 -19.04
CA SER C 117 10.38 10.38 -18.60
C SER C 117 9.31 9.95 -19.58
N GLN C 118 8.05 10.02 -19.12
CA GLN C 118 6.92 9.57 -19.92
C GLN C 118 6.20 10.78 -20.54
N ILE C 119 6.56 11.96 -20.05
CA ILE C 119 6.07 13.23 -20.50
C ILE C 119 7.33 14.06 -20.79
N PRO C 120 7.37 14.75 -21.95
CA PRO C 120 8.53 15.56 -22.25
C PRO C 120 8.77 16.65 -21.20
N LEU C 121 10.06 16.94 -20.98
CA LEU C 121 10.49 17.95 -20.05
C LEU C 121 9.83 19.29 -20.34
N ALA C 122 9.67 19.62 -21.61
CA ALA C 122 9.10 20.91 -21.98
C ALA C 122 7.67 21.13 -21.54
N ASP C 123 6.97 20.08 -21.13
CA ASP C 123 5.53 20.23 -20.83
C ASP C 123 5.26 20.48 -19.36
N LEU C 124 4.06 20.95 -19.06
CA LEU C 124 3.66 21.19 -17.69
C LEU C 124 3.54 19.84 -16.98
N ARG C 125 3.99 19.84 -15.71
CA ARG C 125 3.93 18.66 -14.83
C ARG C 125 4.75 17.48 -15.34
N SER C 126 5.82 17.72 -16.05
CA SER C 126 6.63 16.61 -16.51
C SER C 126 7.18 15.82 -15.34
N ASP C 127 7.16 14.51 -15.44
CA ASP C 127 7.91 13.70 -14.50
C ASP C 127 9.39 13.77 -14.78
N GLY C 128 9.78 14.18 -15.98
CA GLY C 128 11.23 14.30 -16.30
C GLY C 128 11.98 15.36 -15.52
N GLN C 129 11.27 16.38 -15.10
CA GLN C 129 11.82 17.38 -14.24
C GLN C 129 12.43 16.78 -12.99
N ALA C 130 11.63 16.06 -12.23
CA ALA C 130 12.07 15.54 -10.96
C ALA C 130 13.02 14.40 -11.20
N ASN C 131 12.85 13.61 -12.27
CA ASN C 131 13.78 12.47 -12.54
C ASN C 131 15.19 12.93 -12.81
N LEU C 132 15.30 14.01 -13.55
CA LEU C 132 16.65 14.51 -13.95
C LEU C 132 17.36 15.19 -12.79
N LEU C 133 16.55 15.97 -12.08
CA LEU C 133 17.00 16.68 -10.90
C LEU C 133 17.52 15.73 -9.84
N ASN C 134 16.70 14.78 -9.45
CA ASN C 134 17.13 13.86 -8.41
C ASN C 134 18.25 12.96 -8.88
N ALA C 135 18.24 12.65 -10.17
CA ALA C 135 19.27 11.82 -10.76
C ALA C 135 20.61 12.48 -10.58
N LEU C 136 20.64 13.77 -10.93
CA LEU C 136 21.85 14.60 -10.87
C LEU C 136 22.31 14.73 -9.43
N HIS C 137 21.39 15.16 -8.57
CA HIS C 137 21.64 15.39 -7.15
C HIS C 137 22.08 14.12 -6.49
N VAL C 138 21.48 13.00 -6.87
CA VAL C 138 21.88 11.71 -6.30
C VAL C 138 23.27 11.31 -6.79
N ALA C 139 23.49 11.37 -8.09
CA ALA C 139 24.83 11.12 -8.66
C ALA C 139 25.93 11.86 -7.90
N ALA C 140 25.66 13.14 -7.61
CA ALA C 140 26.63 14.01 -6.97
C ALA C 140 26.69 13.76 -5.50
N ASN C 141 25.56 13.59 -4.85
CA ASN C 141 25.55 13.61 -3.37
C ASN C 141 25.38 12.24 -2.70
N TYR C 142 24.89 11.25 -3.44
CA TYR C 142 24.74 9.91 -2.91
C TYR C 142 25.23 8.91 -3.95
N PRO C 143 26.52 9.01 -4.31
CA PRO C 143 27.00 8.25 -5.45
C PRO C 143 27.10 6.76 -5.17
N ILE C 144 26.22 5.98 -5.77
CA ILE C 144 26.33 4.51 -5.86
C ILE C 144 27.03 4.05 -7.17
N ASN C 145 28.18 3.39 -7.03
CA ASN C 145 29.06 3.06 -8.15
C ASN C 145 28.62 1.77 -8.78
N GLU C 146 27.38 1.79 -9.25
CA GLU C 146 26.81 0.72 -10.10
C GLU C 146 26.07 1.38 -11.23
N VAL C 147 25.67 0.55 -12.16
CA VAL C 147 24.66 0.95 -13.14
C VAL C 147 23.25 0.85 -12.52
N THR C 148 22.58 1.98 -12.46
CA THR C 148 21.32 2.10 -11.79
C THR C 148 20.23 2.68 -12.67
N LEU C 149 19.01 2.50 -12.19
CA LEU C 149 17.84 2.95 -12.92
C LEU C 149 16.92 3.67 -11.99
N PHE C 150 16.62 4.91 -12.37
CA PHE C 150 15.86 5.82 -11.54
C PHE C 150 14.51 6.17 -12.15
N PHE C 151 13.41 5.73 -11.54
CA PHE C 151 12.09 6.09 -12.04
C PHE C 151 11.08 5.95 -10.90
N ASN C 152 9.95 6.64 -10.99
CA ASN C 152 8.92 6.67 -9.91
C ASN C 152 9.55 6.98 -8.53
N ASN C 153 10.51 7.91 -8.43
CA ASN C 153 11.05 8.33 -7.14
C ASN C 153 11.99 7.35 -6.45
N ARG C 154 12.46 6.37 -7.21
CA ARG C 154 13.36 5.36 -6.67
C ARG C 154 14.52 5.00 -7.60
N LEU C 155 15.63 4.67 -6.97
CA LEU C 155 16.80 4.20 -7.60
C LEU C 155 16.86 2.70 -7.39
N MSE C 156 16.92 1.99 -8.49
CA MSE C 156 17.04 0.54 -8.42
C MSE C 156 18.32 0.11 -9.11
O MSE C 156 18.94 0.87 -9.91
CB MSE C 156 15.83 -0.13 -9.08
CG MSE C 156 14.48 0.24 -8.41
SE MSE C 156 13.03 0.37 -9.71
CE MSE C 156 13.50 2.07 -10.55
N ARG C 157 18.77 -1.06 -8.71
CA ARG C 157 19.91 -1.64 -9.36
C ARG C 157 19.49 -1.96 -10.78
N GLY C 158 20.36 -1.64 -11.73
CA GLY C 158 20.02 -1.62 -13.14
C GLY C 158 19.64 -3.00 -13.63
N ASN C 159 20.43 -3.99 -13.29
CA ASN C 159 20.14 -5.34 -13.70
C ASN C 159 19.12 -6.10 -12.83
N ARG C 160 18.34 -5.35 -12.04
CA ARG C 160 17.21 -5.96 -11.28
C ARG C 160 15.84 -5.44 -11.75
N SER C 161 15.88 -4.47 -12.65
CA SER C 161 14.73 -3.61 -12.90
C SER C 161 13.97 -4.08 -14.15
N ARG C 162 12.71 -3.67 -14.24
CA ARG C 162 11.74 -4.27 -15.13
C ARG C 162 10.70 -3.20 -15.35
N LYS C 163 10.37 -2.87 -16.60
CA LYS C 163 9.24 -1.98 -16.88
C LYS C 163 7.97 -2.75 -16.53
N SER C 164 7.20 -2.26 -15.57
CA SER C 164 6.09 -3.04 -15.05
C SER C 164 4.76 -2.53 -15.52
N HIS C 165 4.65 -1.25 -15.87
CA HIS C 165 3.41 -0.75 -16.47
C HIS C 165 3.64 -0.04 -17.80
N ALA C 166 2.59 0.08 -18.62
CA ALA C 166 2.74 0.63 -19.95
C ALA C 166 1.48 1.39 -20.30
N GLY C 168 -0.44 3.54 -18.94
CA GLY C 168 -0.63 5.00 -18.88
C GLY C 168 0.00 5.67 -17.67
N PHE C 169 0.48 4.85 -16.73
CA PHE C 169 1.38 5.23 -15.63
C PHE C 169 2.57 4.29 -15.70
N SER C 170 3.52 4.64 -16.56
CA SER C 170 4.70 3.82 -16.79
C SER C 170 5.50 3.63 -15.52
N ALA C 171 5.74 2.40 -15.11
CA ALA C 171 6.54 2.17 -13.88
C ALA C 171 7.67 1.16 -14.05
N PHE C 172 8.71 1.35 -13.28
CA PHE C 172 9.77 0.37 -13.22
C PHE C 172 9.82 -0.20 -11.82
N SER C 173 9.83 -1.52 -11.74
CA SER C 173 10.07 -2.16 -10.50
C SER C 173 11.35 -3.01 -10.52
N SER C 174 11.69 -3.37 -9.30
CA SER C 174 12.84 -4.13 -8.95
C SER C 174 12.29 -5.27 -8.12
N PRO C 175 11.67 -6.27 -8.75
CA PRO C 175 10.85 -7.23 -8.00
C PRO C 175 11.57 -8.10 -6.99
N ASN C 176 12.81 -8.44 -7.22
CA ASN C 176 13.49 -9.36 -6.30
C ASN C 176 14.62 -8.72 -5.52
N LEU C 177 14.63 -7.38 -5.45
CA LEU C 177 15.66 -6.63 -4.69
C LEU C 177 15.10 -5.27 -4.33
N PRO C 178 15.12 -4.91 -3.06
CA PRO C 178 14.73 -3.52 -2.65
C PRO C 178 15.44 -2.40 -3.41
N PRO C 179 14.74 -1.30 -3.66
CA PRO C 179 15.45 -0.17 -4.18
C PRO C 179 16.65 0.18 -3.37
N LEU C 180 17.67 0.68 -4.06
CA LEU C 180 18.88 1.10 -3.44
C LEU C 180 18.65 2.38 -2.66
N LEU C 181 17.66 3.15 -3.11
CA LEU C 181 17.46 4.45 -2.56
C LEU C 181 16.07 4.94 -2.92
N GLU C 182 15.48 5.70 -2.00
CA GLU C 182 14.08 6.14 -2.09
C GLU C 182 14.22 7.67 -2.09
N ALA C 183 13.70 8.33 -3.12
CA ALA C 183 13.83 9.78 -3.29
C ALA C 183 12.49 10.53 -3.04
N GLY C 184 12.03 10.53 -1.81
CA GLY C 184 10.87 11.34 -1.43
C GLY C 184 11.21 12.70 -0.86
N ILE C 185 10.51 13.12 0.17
CA ILE C 185 10.85 14.38 0.78
C ILE C 185 12.33 14.35 1.22
N ASN C 186 12.78 13.24 1.80
CA ASN C 186 14.21 13.03 2.14
C ASN C 186 14.76 11.83 1.37
N ILE C 187 16.00 11.89 0.88
CA ILE C 187 16.61 10.73 0.23
C ILE C 187 17.01 9.65 1.24
N GLU C 188 16.41 8.46 1.21
CA GLU C 188 16.69 7.40 2.19
C GLU C 188 17.40 6.14 1.58
N LEU C 189 18.68 5.97 1.84
CA LEU C 189 19.39 4.85 1.22
C LEU C 189 19.09 3.54 1.95
N SER C 190 18.97 2.44 1.23
CA SER C 190 18.66 1.15 1.88
C SER C 190 19.87 0.58 2.66
N THR C 191 19.57 -0.27 3.63
CA THR C 191 20.60 -0.68 4.59
C THR C 191 21.69 -1.51 3.93
N ASN C 192 21.37 -2.34 2.95
CA ASN C 192 22.41 -3.11 2.28
C ASN C 192 22.99 -2.38 1.08
N VAL C 193 23.49 -1.15 1.32
CA VAL C 193 23.93 -0.26 0.22
C VAL C 193 24.96 0.74 0.71
N LYS C 194 26.09 0.82 0.03
CA LYS C 194 27.19 1.65 0.48
C LYS C 194 27.53 2.70 -0.57
N VAL C 195 27.82 3.90 -0.09
CA VAL C 195 28.12 5.04 -0.92
C VAL C 195 29.56 5.00 -1.33
N ASP C 196 29.76 5.16 -2.62
CA ASP C 196 31.04 5.30 -3.21
C ASP C 196 31.96 4.15 -2.87
N GLU C 197 31.45 2.93 -3.03
CA GLU C 197 32.25 1.77 -2.76
C GLU C 197 33.37 1.74 -3.80
N LYS C 198 34.60 1.59 -3.37
CA LYS C 198 35.68 1.80 -4.30
C LYS C 198 35.99 0.57 -5.18
N PRO C 199 36.38 0.84 -6.45
CA PRO C 199 36.63 -0.27 -7.37
C PRO C 199 38.00 -0.80 -7.01
N SER C 200 38.25 -2.06 -7.30
CA SER C 200 39.50 -2.74 -6.90
C SER C 200 40.51 -2.80 -8.04
N GLY C 201 40.11 -2.34 -9.21
CA GLY C 201 40.98 -2.41 -10.35
C GLY C 201 40.60 -1.34 -11.31
N GLU C 202 41.26 -1.31 -12.47
CA GLU C 202 41.01 -0.27 -13.49
C GLU C 202 39.66 -0.48 -14.21
N PHE C 203 38.92 0.60 -14.42
CA PHE C 203 37.63 0.55 -15.15
C PHE C 203 37.84 0.18 -16.59
N LYS C 204 37.04 -0.76 -17.10
CA LYS C 204 37.16 -1.20 -18.51
C LYS C 204 35.75 -1.37 -19.14
N VAL C 205 35.66 -1.21 -20.46
CA VAL C 205 34.52 -1.67 -21.26
C VAL C 205 34.76 -2.95 -22.11
N ASN C 206 34.05 -3.99 -21.71
CA ASN C 206 34.00 -5.24 -22.46
C ASN C 206 32.96 -5.17 -23.51
N PRO C 207 33.32 -5.53 -24.71
CA PRO C 207 32.40 -5.42 -25.83
C PRO C 207 31.18 -6.34 -25.75
N ILE C 208 30.25 -6.14 -26.65
CA ILE C 208 29.05 -6.91 -26.66
C ILE C 208 28.53 -6.88 -28.09
N THR C 209 28.24 -8.08 -28.63
CA THR C 209 27.65 -8.23 -29.96
C THR C 209 26.31 -9.02 -29.88
N PRO C 210 25.48 -8.89 -30.92
CA PRO C 210 24.22 -9.57 -30.85
C PRO C 210 24.46 -11.07 -30.83
N GLN C 211 23.65 -11.76 -30.06
CA GLN C 211 23.67 -13.19 -29.97
C GLN C 211 22.26 -13.64 -30.27
N PRO C 212 22.12 -14.83 -30.91
CA PRO C 212 20.85 -15.46 -31.26
C PRO C 212 20.38 -16.38 -30.16
N ILE C 213 19.73 -15.77 -29.18
CA ILE C 213 19.22 -16.42 -27.95
C ILE C 213 17.72 -16.74 -28.06
N GLY C 214 17.33 -17.97 -27.73
CA GLY C 214 15.92 -18.33 -27.70
C GLY C 214 15.27 -17.97 -26.37
N VAL C 215 14.11 -17.30 -26.40
CA VAL C 215 13.31 -17.07 -25.20
C VAL C 215 11.93 -17.71 -25.29
N ILE C 216 11.84 -18.98 -24.93
CA ILE C 216 10.61 -19.74 -24.97
C ILE C 216 9.86 -19.63 -23.62
N THR C 217 8.54 -19.39 -23.67
CA THR C 217 7.63 -19.48 -22.53
C THR C 217 6.90 -20.85 -22.49
N MSE C 218 7.05 -21.59 -21.39
CA MSE C 218 6.36 -22.84 -21.17
C MSE C 218 4.89 -22.61 -20.94
O MSE C 218 4.50 -21.64 -20.27
CB MSE C 218 6.85 -23.57 -19.91
CG MSE C 218 8.31 -23.97 -19.92
SE MSE C 218 8.87 -25.20 -21.33
CE MSE C 218 8.65 -26.95 -20.47
N TYR C 219 4.09 -23.54 -21.49
CA TYR C 219 2.65 -23.58 -21.23
C TYR C 219 2.27 -25.05 -21.22
N PRO C 220 1.18 -25.35 -20.53
CA PRO C 220 0.59 -26.66 -20.54
C PRO C 220 0.50 -27.28 -21.94
N GLY C 221 1.03 -28.49 -22.06
CA GLY C 221 1.07 -29.23 -23.32
C GLY C 221 1.96 -28.68 -24.43
N ILE C 222 2.93 -27.86 -24.07
CA ILE C 222 3.81 -27.29 -25.06
C ILE C 222 4.59 -28.44 -25.75
N SER C 223 4.60 -28.45 -27.07
CA SER C 223 5.15 -29.60 -27.79
C SER C 223 6.65 -29.53 -27.97
N HIS C 224 7.27 -30.71 -27.97
CA HIS C 224 8.69 -30.82 -28.19
C HIS C 224 9.11 -30.26 -29.55
N GLU C 225 8.20 -30.30 -30.51
CA GLU C 225 8.51 -29.90 -31.87
C GLU C 225 8.62 -28.39 -31.97
N VAL C 226 7.81 -27.63 -31.23
CA VAL C 226 8.06 -26.17 -31.21
C VAL C 226 9.35 -25.80 -30.43
N ILE C 227 9.61 -26.47 -29.32
CA ILE C 227 10.91 -26.31 -28.66
C ILE C 227 12.09 -26.65 -29.56
N ARG C 228 11.95 -27.74 -30.32
CA ARG C 228 12.99 -28.16 -31.27
C ARG C 228 13.29 -27.05 -32.26
N ASN C 229 12.21 -26.50 -32.83
CA ASN C 229 12.27 -25.41 -33.81
C ASN C 229 12.96 -24.20 -33.25
N THR C 230 12.61 -23.81 -32.04
CA THR C 230 13.32 -22.68 -31.45
C THR C 230 14.83 -23.00 -31.10
N LEU C 231 15.26 -24.27 -31.07
CA LEU C 231 16.69 -24.60 -30.79
C LEU C 231 17.55 -24.82 -32.05
N LEU C 232 16.94 -24.69 -33.22
CA LEU C 232 17.71 -24.88 -34.46
C LEU C 232 18.79 -23.83 -34.57
N GLN C 233 19.74 -24.13 -35.41
CA GLN C 233 20.79 -23.18 -35.73
C GLN C 233 20.13 -21.92 -36.29
N PRO C 234 20.68 -20.75 -35.97
CA PRO C 234 21.95 -20.46 -35.26
C PRO C 234 21.88 -20.28 -33.72
N VAL C 235 20.73 -20.54 -33.10
CA VAL C 235 20.55 -20.31 -31.66
C VAL C 235 21.73 -20.87 -30.84
N ASN C 236 22.29 -20.04 -29.94
CA ASN C 236 23.41 -20.47 -29.09
C ASN C 236 23.09 -20.45 -27.58
N ALA C 237 21.93 -19.93 -27.22
CA ALA C 237 21.52 -19.95 -25.81
C ALA C 237 19.99 -19.87 -25.73
N MSE C 238 19.46 -20.44 -24.68
CA MSE C 238 18.03 -20.62 -24.52
C MSE C 238 17.67 -20.25 -23.09
O MSE C 238 18.20 -20.88 -22.14
CB MSE C 238 17.70 -22.10 -24.79
CG MSE C 238 16.33 -22.66 -24.33
SE MSE C 238 14.93 -21.73 -25.13
CE MSE C 238 15.58 -21.53 -27.00
N ILE C 239 16.81 -19.22 -22.95
CA ILE C 239 16.14 -18.92 -21.71
C ILE C 239 14.73 -19.60 -21.68
N LEU C 240 14.52 -20.52 -20.73
CA LEU C 240 13.23 -21.18 -20.51
C LEU C 240 12.55 -20.43 -19.40
N LEU C 241 11.33 -19.96 -19.62
CA LEU C 241 10.49 -19.40 -18.57
C LEU C 241 9.50 -20.48 -18.14
N THR C 242 9.74 -21.04 -16.99
CA THR C 242 8.97 -22.11 -16.49
C THR C 242 8.03 -21.66 -15.37
N PHE C 243 7.26 -22.60 -14.79
CA PHE C 243 6.30 -22.26 -13.69
C PHE C 243 6.86 -22.35 -12.31
N GLY C 244 6.22 -21.64 -11.39
CA GLY C 244 6.54 -21.68 -9.95
C GLY C 244 8.00 -21.45 -9.61
N VAL C 245 8.58 -22.45 -8.93
CA VAL C 245 9.94 -22.42 -8.38
C VAL C 245 10.93 -23.04 -9.38
N GLY C 246 10.44 -23.14 -10.61
CA GLY C 246 11.24 -23.57 -11.75
C GLY C 246 10.84 -24.92 -12.31
N ASN C 247 9.57 -25.28 -12.17
CA ASN C 247 9.09 -26.55 -12.60
C ASN C 247 8.73 -26.55 -14.06
N ALA C 248 9.22 -27.57 -14.77
CA ALA C 248 8.83 -27.88 -16.14
C ALA C 248 8.00 -29.16 -16.15
N PRO C 249 7.34 -29.44 -17.29
CA PRO C 249 6.69 -30.71 -17.56
C PRO C 249 7.68 -31.86 -17.53
N GLN C 250 7.25 -32.93 -16.89
CA GLN C 250 8.04 -34.14 -16.88
C GLN C 250 8.37 -34.67 -18.29
N ASN C 251 7.49 -34.43 -19.28
CA ASN C 251 7.53 -35.25 -20.51
C ASN C 251 8.94 -35.46 -21.13
N PRO C 252 9.39 -36.73 -21.16
CA PRO C 252 10.60 -37.16 -21.78
C PRO C 252 10.99 -36.43 -23.06
N GLU C 253 10.08 -36.33 -24.01
CA GLU C 253 10.46 -35.89 -25.34
C GLU C 253 10.93 -34.44 -25.38
N LEU C 254 10.35 -33.60 -24.55
CA LEU C 254 10.86 -32.26 -24.31
C LEU C 254 12.20 -32.25 -23.56
N LEU C 255 12.28 -32.97 -22.45
CA LEU C 255 13.56 -33.09 -21.77
C LEU C 255 14.66 -33.54 -22.76
N ALA C 256 14.46 -34.64 -23.47
CA ALA C 256 15.48 -35.13 -24.40
C ALA C 256 15.97 -34.05 -25.38
N GLN C 257 15.10 -33.10 -25.69
CA GLN C 257 15.39 -32.08 -26.65
C GLN C 257 16.22 -30.95 -26.03
N LEU C 258 16.04 -30.66 -24.73
CA LEU C 258 16.94 -29.74 -24.07
C LEU C 258 18.37 -30.33 -23.94
N LYS C 259 18.44 -31.63 -23.73
CA LYS C 259 19.70 -32.29 -23.43
C LYS C 259 20.52 -32.33 -24.68
N ALA C 260 19.88 -32.76 -25.75
CA ALA C 260 20.46 -32.71 -27.10
C ALA C 260 21.03 -31.32 -27.33
N ALA C 261 20.25 -30.27 -26.99
CA ALA C 261 20.65 -28.85 -27.27
C ALA C 261 21.86 -28.44 -26.44
N SER C 262 21.83 -28.71 -25.13
CA SER C 262 22.99 -28.47 -24.26
C SER C 262 24.19 -29.35 -24.59
N GLU C 263 23.98 -30.49 -25.24
CA GLU C 263 25.13 -31.36 -25.53
C GLU C 263 25.89 -30.79 -26.76
N ARG C 264 25.20 -30.13 -27.66
CA ARG C 264 25.85 -29.55 -28.83
C ARG C 264 26.29 -28.15 -28.53
N GLY C 265 26.24 -27.76 -27.26
CA GLY C 265 26.81 -26.52 -26.80
C GLY C 265 25.88 -25.34 -26.84
N VAL C 266 24.62 -25.56 -26.53
CA VAL C 266 23.66 -24.45 -26.38
C VAL C 266 23.44 -24.25 -24.90
N ILE C 267 23.63 -23.03 -24.41
CA ILE C 267 23.37 -22.72 -22.98
C ILE C 267 21.86 -22.65 -22.70
N VAL C 268 21.36 -23.55 -21.86
CA VAL C 268 19.94 -23.50 -21.48
C VAL C 268 19.76 -23.01 -20.04
N VAL C 269 19.13 -21.85 -19.88
CA VAL C 269 18.93 -21.27 -18.59
C VAL C 269 17.45 -21.25 -18.22
N ASN C 270 17.19 -21.45 -16.93
CA ASN C 270 15.86 -21.60 -16.38
C ASN C 270 15.47 -20.47 -15.45
N LEU C 271 14.49 -19.65 -15.85
CA LEU C 271 13.99 -18.54 -15.07
C LEU C 271 12.50 -18.75 -14.81
N THR C 272 11.94 -18.06 -13.81
CA THR C 272 10.52 -18.25 -13.56
C THR C 272 9.64 -17.24 -14.35
N GLN C 273 8.48 -17.69 -14.76
CA GLN C 273 7.52 -16.79 -15.43
C GLN C 273 7.04 -15.72 -14.48
N CYS C 274 6.98 -16.03 -13.18
CA CYS C 274 6.49 -15.09 -12.14
C CYS C 274 7.25 -13.76 -11.95
N LEU C 275 6.51 -12.70 -11.63
CA LEU C 275 7.07 -11.34 -11.45
C LEU C 275 8.15 -11.33 -10.36
N ALA C 276 8.05 -12.26 -9.41
CA ALA C 276 9.09 -12.39 -8.36
C ALA C 276 9.19 -13.83 -7.87
N GLY C 277 10.42 -14.26 -7.62
CA GLY C 277 10.67 -15.60 -7.11
C GLY C 277 11.88 -16.20 -7.74
N LYS C 278 12.42 -17.20 -7.07
CA LYS C 278 13.62 -17.85 -7.45
C LYS C 278 13.31 -19.17 -8.07
N VAL C 279 13.98 -19.47 -9.18
CA VAL C 279 14.11 -20.85 -9.59
C VAL C 279 14.93 -21.52 -8.51
N ASN C 280 14.49 -22.69 -8.05
CA ASN C 280 15.28 -23.55 -7.18
C ASN C 280 15.34 -24.99 -7.74
N MSE C 281 16.43 -25.32 -8.40
CA MSE C 281 16.63 -26.66 -8.92
C MSE C 281 17.42 -27.59 -7.95
O MSE C 281 18.34 -27.13 -7.26
CB MSE C 281 17.35 -26.56 -10.25
CG MSE C 281 16.48 -25.98 -11.31
SE MSE C 281 17.42 -25.50 -12.97
CE MSE C 281 18.37 -27.21 -13.29
N GLY C 282 17.05 -28.88 -7.91
CA GLY C 282 17.84 -29.94 -7.23
C GLY C 282 18.66 -30.79 -8.20
N GLY C 287 18.73 -36.02 -8.73
CA GLY C 287 17.27 -36.17 -8.88
C GLY C 287 16.52 -35.07 -9.65
N CYS C 288 17.16 -34.40 -10.58
CA CYS C 288 16.48 -33.35 -11.28
C CYS C 288 16.58 -33.59 -12.80
N ALA C 289 15.41 -33.51 -13.44
CA ALA C 289 15.18 -33.82 -14.85
C ALA C 289 15.84 -32.77 -15.70
N LEU C 290 15.60 -31.51 -15.32
CA LEU C 290 16.22 -30.34 -15.96
C LEU C 290 17.74 -30.25 -15.76
N ALA C 291 18.19 -30.44 -14.52
CA ALA C 291 19.62 -30.45 -14.25
C ALA C 291 20.28 -31.53 -15.09
N ASP C 292 19.70 -32.73 -15.11
CA ASP C 292 20.26 -33.90 -15.88
C ASP C 292 20.34 -33.62 -17.38
N ALA C 293 19.41 -32.85 -17.89
CA ALA C 293 19.40 -32.43 -19.29
C ALA C 293 20.33 -31.26 -19.58
N GLY C 294 21.02 -30.73 -18.57
CA GLY C 294 22.05 -29.72 -18.76
C GLY C 294 21.55 -28.31 -18.53
N VAL C 295 20.28 -28.17 -18.14
CA VAL C 295 19.71 -26.86 -17.91
C VAL C 295 20.36 -26.30 -16.64
N ILE C 296 20.69 -25.02 -16.62
CA ILE C 296 21.21 -24.42 -15.35
C ILE C 296 20.23 -23.43 -14.71
N SER C 297 20.32 -23.21 -13.41
CA SER C 297 19.40 -22.24 -12.75
C SER C 297 19.80 -20.82 -13.04
N GLY C 298 18.79 -19.99 -13.34
CA GLY C 298 18.94 -18.54 -13.39
C GLY C 298 18.38 -17.86 -12.14
N TYR C 299 18.08 -18.66 -11.13
CA TYR C 299 17.71 -18.13 -9.81
C TYR C 299 16.60 -17.11 -9.88
N ASP C 300 16.88 -15.88 -9.49
CA ASP C 300 15.85 -14.83 -9.49
C ASP C 300 16.16 -13.72 -10.49
N MSE C 301 17.02 -13.96 -11.47
CA MSE C 301 17.31 -12.91 -12.48
C MSE C 301 16.06 -12.58 -13.22
O MSE C 301 15.22 -13.43 -13.44
CB MSE C 301 18.28 -13.39 -13.55
CG MSE C 301 19.71 -13.33 -13.15
SE MSE C 301 20.96 -13.70 -14.66
CE MSE C 301 20.82 -15.68 -14.88
N THR C 302 15.94 -11.32 -13.60
CA THR C 302 14.97 -10.92 -14.58
C THR C 302 15.37 -11.47 -16.00
N PRO C 303 14.39 -11.60 -16.89
CA PRO C 303 14.65 -11.89 -18.29
C PRO C 303 15.62 -10.91 -18.95
N GLU C 304 15.46 -9.60 -18.66
CA GLU C 304 16.40 -8.58 -19.10
C GLU C 304 17.85 -8.86 -18.62
N ALA C 305 18.01 -9.28 -17.35
CA ALA C 305 19.34 -9.60 -16.82
C ALA C 305 19.95 -10.80 -17.50
N ALA C 306 19.19 -11.91 -17.57
CA ALA C 306 19.72 -13.17 -18.13
C ALA C 306 20.15 -12.93 -19.56
N LEU C 307 19.38 -12.13 -20.25
CA LEU C 307 19.62 -11.81 -21.66
C LEU C 307 20.86 -10.96 -21.80
N ALA C 308 21.04 -10.03 -20.86
CA ALA C 308 22.23 -9.18 -20.84
C ALA C 308 23.46 -10.01 -20.51
N LYS C 309 23.32 -10.89 -19.52
CA LYS C 309 24.46 -11.67 -19.04
C LYS C 309 24.90 -12.61 -20.13
N LEU C 310 23.94 -13.24 -20.80
CA LEU C 310 24.29 -14.18 -21.88
C LEU C 310 25.00 -13.47 -23.02
N HIS C 311 24.59 -12.23 -23.34
CA HIS C 311 25.22 -11.45 -24.40
C HIS C 311 26.65 -11.11 -24.01
N TYR C 312 26.81 -10.62 -22.78
CA TYR C 312 28.10 -10.30 -22.25
C TYR C 312 29.01 -11.50 -22.49
N LEU C 313 28.66 -12.62 -21.86
CA LEU C 313 29.52 -13.81 -21.86
C LEU C 313 29.76 -14.41 -23.26
N LEU C 314 28.70 -14.45 -24.08
CA LEU C 314 28.78 -15.03 -25.44
C LEU C 314 29.57 -14.13 -26.43
N SER C 315 29.73 -12.86 -26.05
CA SER C 315 30.43 -11.87 -26.82
C SER C 315 31.87 -11.83 -26.37
N GLN C 316 32.25 -12.57 -25.31
CA GLN C 316 33.67 -12.59 -24.92
C GLN C 316 34.21 -13.75 -25.72
N ASN C 317 35.46 -14.12 -25.60
CA ASN C 317 35.83 -15.23 -26.46
C ASN C 317 35.99 -16.43 -25.57
N LEU C 318 34.86 -17.00 -25.16
CA LEU C 318 34.83 -18.03 -24.12
C LEU C 318 34.30 -19.39 -24.55
N SER C 319 34.73 -20.42 -23.86
CA SER C 319 34.25 -21.79 -24.09
C SER C 319 32.86 -21.96 -23.49
N TYR C 320 32.16 -22.98 -23.97
CA TYR C 320 30.89 -23.38 -23.43
C TYR C 320 30.84 -23.63 -21.93
N GLU C 321 31.91 -24.14 -21.34
CA GLU C 321 31.91 -24.51 -19.90
C GLU C 321 32.19 -23.32 -19.01
N GLU C 322 32.98 -22.41 -19.55
CA GLU C 322 33.23 -21.10 -18.94
C GLU C 322 31.98 -20.23 -18.88
N VAL C 323 31.31 -20.06 -20.02
CA VAL C 323 30.01 -19.35 -20.06
C VAL C 323 29.02 -20.04 -19.08
N LYS C 324 29.02 -21.37 -19.05
CA LYS C 324 28.08 -22.08 -18.23
C LYS C 324 28.36 -21.91 -16.76
N ALA C 325 29.62 -22.05 -16.39
CA ALA C 325 30.06 -21.80 -15.01
C ALA C 325 29.82 -20.37 -14.53
N LYS C 326 30.20 -19.38 -15.34
CA LYS C 326 29.97 -17.96 -14.94
C LYS C 326 28.51 -17.47 -14.92
N MSE C 327 27.61 -18.08 -15.70
CA MSE C 327 26.18 -17.69 -15.69
C MSE C 327 25.52 -17.99 -14.33
O MSE C 327 24.50 -17.38 -13.96
CB MSE C 327 25.41 -18.45 -16.75
CG MSE C 327 25.60 -17.94 -18.12
SE MSE C 327 24.33 -16.54 -18.33
CE MSE C 327 25.31 -15.03 -17.86
N GLN C 328 26.13 -18.94 -13.64
CA GLN C 328 25.73 -19.38 -12.29
C GLN C 328 26.52 -18.74 -11.13
N GLN C 329 27.41 -17.80 -11.45
CA GLN C 329 28.05 -17.00 -10.44
C GLN C 329 27.52 -15.57 -10.50
N VAL C 330 27.36 -14.96 -9.34
CA VAL C 330 26.87 -13.62 -9.29
C VAL C 330 27.98 -12.64 -9.75
N LEU C 331 27.77 -11.91 -10.83
CA LEU C 331 28.82 -11.04 -11.36
C LEU C 331 28.68 -9.56 -11.09
N ARG C 332 27.45 -9.09 -11.06
CA ARG C 332 27.16 -7.69 -10.91
C ARG C 332 25.94 -7.45 -9.99
N GLY C 333 25.70 -8.40 -9.06
CA GLY C 333 24.61 -8.32 -8.09
C GLY C 333 23.23 -8.59 -8.72
N GLU C 334 23.22 -9.38 -9.80
CA GLU C 334 22.02 -9.56 -10.58
C GLU C 334 21.11 -10.66 -10.07
N MSE C 335 21.54 -11.36 -9.04
CA MSE C 335 20.76 -12.44 -8.53
C MSE C 335 21.28 -12.81 -7.18
O MSE C 335 22.36 -12.40 -6.82
CB MSE C 335 20.86 -13.60 -9.50
CG MSE C 335 22.28 -13.98 -9.85
SE MSE C 335 22.43 -15.44 -11.18
CE MSE C 335 24.19 -16.20 -10.68
N THR C 336 20.50 -13.56 -6.41
CA THR C 336 20.99 -14.17 -5.16
C THR C 336 20.90 -15.70 -5.21
N LEU C 337 21.85 -16.31 -4.52
CA LEU C 337 22.13 -17.78 -4.38
C LEU C 337 23.18 -18.32 -5.39
N ALA D 2 -33.60 -25.15 2.24
CA ALA D 2 -32.95 -23.80 2.16
C ALA D 2 -31.54 -23.78 1.45
N ARG D 3 -30.69 -24.79 1.70
CA ARG D 3 -29.23 -24.71 1.41
C ARG D 3 -28.79 -25.08 0.00
N LYS D 4 -27.61 -24.57 -0.34
CA LYS D 4 -27.02 -24.87 -1.62
C LYS D 4 -26.04 -26.03 -1.46
N HIS D 5 -25.66 -26.61 -2.60
CA HIS D 5 -24.90 -27.84 -2.68
C HIS D 5 -23.84 -27.67 -3.77
N ILE D 6 -22.56 -27.72 -3.38
CA ILE D 6 -21.45 -27.30 -4.25
C ILE D 6 -20.62 -28.50 -4.50
N TYR D 7 -20.06 -28.59 -5.70
CA TYR D 7 -19.31 -29.74 -6.12
C TYR D 7 -17.88 -29.38 -6.05
N ILE D 8 -17.07 -30.16 -5.32
CA ILE D 8 -15.64 -29.96 -5.24
C ILE D 8 -14.87 -30.95 -6.10
N ALA D 9 -14.31 -30.49 -7.22
CA ALA D 9 -13.39 -31.28 -8.00
C ALA D 9 -11.97 -31.10 -7.41
N TYR D 10 -11.48 -32.09 -6.68
CA TYR D 10 -10.08 -32.15 -6.26
C TYR D 10 -9.28 -32.83 -7.36
N THR D 11 -8.61 -32.04 -8.18
CA THR D 11 -7.83 -32.55 -9.32
C THR D 11 -6.38 -32.85 -8.95
N GLY D 12 -5.90 -32.11 -7.97
CA GLY D 12 -4.50 -32.16 -7.52
C GLY D 12 -4.09 -30.93 -6.71
N GLY D 13 -2.80 -30.84 -6.40
CA GLY D 13 -2.24 -29.69 -5.70
C GLY D 13 -1.95 -29.87 -4.23
N THR D 14 -0.99 -29.10 -3.74
CA THR D 14 -0.53 -29.19 -2.34
C THR D 14 -1.67 -29.18 -1.35
N ILE D 15 -2.80 -28.57 -1.68
CA ILE D 15 -3.88 -28.40 -0.72
C ILE D 15 -4.29 -29.73 -0.08
N GLY D 16 -4.12 -30.85 -0.79
CA GLY D 16 -4.60 -32.15 -0.34
C GLY D 16 -3.57 -33.16 0.08
N MSE D 17 -2.33 -32.74 0.09
CA MSE D 17 -1.25 -33.61 0.42
C MSE D 17 -1.07 -33.67 1.92
O MSE D 17 -1.63 -32.87 2.66
CB MSE D 17 0.00 -33.08 -0.23
CG MSE D 17 -0.21 -32.90 -1.73
SE MSE D 17 1.48 -32.47 -2.55
CE MSE D 17 0.95 -32.20 -4.44
N LYS D 18 -0.34 -34.70 2.34
CA LYS D 18 0.00 -34.92 3.74
C LYS D 18 1.47 -34.60 3.78
N LYS D 19 2.00 -34.17 4.93
CA LYS D 19 3.40 -33.78 4.96
C LYS D 19 4.32 -34.95 5.22
N SER D 20 5.61 -34.75 4.93
CA SER D 20 6.68 -35.77 5.11
C SER D 20 6.52 -37.01 4.23
N VAL D 25 5.93 -34.83 2.31
CA VAL D 25 5.16 -33.89 1.49
C VAL D 25 4.35 -34.54 0.32
N PRO D 26 3.83 -35.79 0.48
CA PRO D 26 3.17 -36.43 -0.68
C PRO D 26 1.64 -36.37 -0.79
N VAL D 27 1.19 -36.36 -2.04
CA VAL D 27 -0.14 -36.83 -2.40
C VAL D 27 -0.47 -38.17 -1.71
N ALA D 28 -1.69 -38.28 -1.13
CA ALA D 28 -2.14 -39.49 -0.37
C ALA D 28 -3.61 -39.85 -0.66
N GLY D 29 -3.86 -41.05 -1.15
CA GLY D 29 -5.20 -41.49 -1.57
C GLY D 29 -6.32 -41.22 -0.56
N PHE D 30 -7.28 -40.41 -1.00
CA PHE D 30 -8.52 -40.14 -0.28
C PHE D 30 -8.41 -39.29 1.02
N MSE D 31 -7.25 -38.68 1.27
CA MSE D 31 -7.02 -37.96 2.54
C MSE D 31 -7.82 -36.66 2.65
O MSE D 31 -8.44 -36.37 3.66
CB MSE D 31 -5.53 -37.65 2.76
CG MSE D 31 -5.18 -37.43 4.22
SE MSE D 31 -4.12 -35.80 4.65
CE MSE D 31 -4.42 -35.86 6.57
N GLU D 32 -7.80 -35.87 1.58
CA GLU D 32 -8.59 -34.66 1.48
C GLU D 32 -10.05 -34.91 1.92
N LYS D 33 -10.69 -35.98 1.45
CA LYS D 33 -12.07 -36.22 1.89
C LYS D 33 -12.17 -36.50 3.43
N GLN D 34 -11.17 -37.17 3.97
CA GLN D 34 -11.17 -37.45 5.40
C GLN D 34 -10.91 -36.21 6.22
N LEU D 35 -9.99 -35.36 5.77
CA LEU D 35 -9.74 -34.10 6.47
C LEU D 35 -11.00 -33.28 6.59
N ALA D 36 -11.84 -33.26 5.57
CA ALA D 36 -12.92 -32.30 5.53
C ALA D 36 -14.00 -32.58 6.63
N SER D 37 -13.56 -33.23 7.73
CA SER D 37 -14.25 -33.33 9.08
C SER D 37 -13.78 -32.21 10.06
N MSE D 38 -13.68 -31.03 9.45
CA MSE D 38 -13.43 -29.80 10.13
C MSE D 38 -14.81 -29.22 10.20
O MSE D 38 -15.38 -28.88 9.17
CB MSE D 38 -12.51 -28.97 9.27
CG MSE D 38 -11.07 -29.39 9.42
SE MSE D 38 -10.07 -29.38 7.74
CE MSE D 38 -8.52 -28.40 8.48
N PRO D 39 -15.37 -29.13 11.42
CA PRO D 39 -16.75 -28.76 11.66
C PRO D 39 -17.20 -27.51 10.92
N GLU D 40 -16.31 -26.53 10.81
CA GLU D 40 -16.65 -25.31 10.08
C GLU D 40 -17.16 -25.54 8.65
N PHE D 41 -16.76 -26.66 8.04
CA PHE D 41 -17.33 -27.06 6.75
C PHE D 41 -18.74 -27.60 6.81
N HIS D 42 -19.31 -27.72 8.01
CA HIS D 42 -20.55 -28.43 8.15
C HIS D 42 -21.62 -27.69 8.94
N ARG D 43 -21.45 -26.38 9.02
CA ARG D 43 -22.47 -25.50 9.58
C ARG D 43 -23.67 -25.41 8.59
N PRO D 44 -24.89 -25.11 9.11
CA PRO D 44 -26.04 -24.94 8.20
C PRO D 44 -25.94 -23.68 7.34
N GLU D 45 -25.20 -22.68 7.84
CA GLU D 45 -24.86 -21.46 7.10
C GLU D 45 -24.10 -21.78 5.80
N MSE D 46 -23.19 -22.73 5.89
CA MSE D 46 -22.41 -23.19 4.76
C MSE D 46 -23.26 -24.11 3.89
O MSE D 46 -24.30 -24.61 4.32
CB MSE D 46 -21.18 -23.96 5.28
CG MSE D 46 -20.13 -23.11 5.98
SE MSE D 46 -19.03 -22.14 4.68
CE MSE D 46 -20.25 -20.65 4.26
N PRO D 47 -22.81 -24.31 2.65
CA PRO D 47 -23.52 -25.17 1.78
C PRO D 47 -23.05 -26.58 1.96
N LEU D 48 -23.89 -27.53 1.52
CA LEU D 48 -23.52 -28.91 1.36
C LEU D 48 -22.48 -29.08 0.24
N PHE D 49 -21.52 -29.98 0.45
CA PHE D 49 -20.52 -30.30 -0.58
C PHE D 49 -20.38 -31.78 -0.76
N THR D 50 -20.24 -32.17 -2.02
CA THR D 50 -19.79 -33.46 -2.39
C THR D 50 -18.44 -33.23 -3.02
N ILE D 51 -17.47 -34.07 -2.67
CA ILE D 51 -16.12 -33.95 -3.18
C ILE D 51 -15.75 -35.15 -4.02
N HIS D 52 -15.08 -34.87 -5.13
CA HIS D 52 -14.50 -35.93 -5.98
C HIS D 52 -13.00 -35.73 -6.11
N GLU D 53 -12.26 -36.69 -5.59
CA GLU D 53 -10.81 -36.78 -5.82
C GLU D 53 -10.55 -37.43 -7.18
N TYR D 54 -9.78 -36.75 -8.01
CA TYR D 54 -9.51 -37.24 -9.36
C TYR D 54 -8.55 -38.41 -9.29
N ASP D 55 -8.69 -39.32 -10.25
CA ASP D 55 -7.82 -40.46 -10.30
C ASP D 55 -7.50 -40.73 -11.76
N PRO D 56 -6.26 -40.51 -12.16
CA PRO D 56 -5.15 -40.08 -11.32
C PRO D 56 -5.24 -38.60 -10.97
N LEU D 57 -4.52 -38.26 -9.91
CA LEU D 57 -4.45 -36.93 -9.40
C LEU D 57 -3.51 -36.21 -10.33
N MSE D 58 -3.78 -34.94 -10.61
CA MSE D 58 -3.02 -34.13 -11.53
C MSE D 58 -1.93 -33.34 -10.78
O MSE D 58 -2.17 -32.61 -9.81
CB MSE D 58 -3.94 -33.15 -12.27
CG MSE D 58 -4.89 -33.79 -13.29
SE MSE D 58 -6.39 -32.63 -13.88
CE MSE D 58 -7.33 -34.01 -14.93
N ASP D 59 -0.72 -33.50 -11.27
CA ASP D 59 0.40 -32.69 -10.95
C ASP D 59 0.40 -31.46 -11.91
N SER D 60 0.41 -30.29 -11.29
CA SER D 60 0.05 -29.03 -11.93
C SER D 60 0.99 -28.61 -13.06
N SER D 61 2.27 -28.86 -12.93
CA SER D 61 3.15 -28.51 -14.03
C SER D 61 3.13 -29.53 -15.17
N ASP D 62 2.54 -30.70 -14.93
CA ASP D 62 2.51 -31.80 -15.92
C ASP D 62 1.24 -31.78 -16.72
N MSE D 63 0.38 -30.80 -16.47
CA MSE D 63 -0.91 -30.78 -17.14
C MSE D 63 -0.84 -30.38 -18.58
O MSE D 63 0.12 -29.71 -19.02
CB MSE D 63 -1.88 -29.86 -16.43
CG MSE D 63 -2.54 -30.63 -15.35
SE MSE D 63 -3.60 -29.55 -14.30
CE MSE D 63 -5.16 -29.36 -15.48
N THR D 64 -1.90 -30.77 -19.30
CA THR D 64 -2.00 -30.59 -20.74
C THR D 64 -3.45 -30.18 -20.98
N PRO D 65 -3.77 -29.69 -22.16
CA PRO D 65 -5.16 -29.52 -22.52
C PRO D 65 -6.00 -30.75 -22.50
N ALA D 66 -5.43 -31.95 -22.64
CA ALA D 66 -6.23 -33.20 -22.33
C ALA D 66 -6.85 -33.09 -20.92
N ASP D 67 -6.04 -32.65 -19.96
CA ASP D 67 -6.48 -32.50 -18.56
C ASP D 67 -7.54 -31.45 -18.44
N TRP D 68 -7.41 -30.37 -19.21
CA TRP D 68 -8.46 -29.34 -19.22
C TRP D 68 -9.79 -29.98 -19.65
N GLN D 69 -9.72 -30.74 -20.73
CA GLN D 69 -10.91 -31.41 -21.28
C GLN D 69 -11.50 -32.21 -20.15
N LEU D 70 -10.66 -32.96 -19.44
CA LEU D 70 -11.18 -33.80 -18.38
C LEU D 70 -11.95 -32.97 -17.36
N ILE D 71 -11.38 -31.83 -16.95
CA ILE D 71 -11.99 -31.06 -15.90
C ILE D 71 -13.33 -30.53 -16.40
N ALA D 72 -13.29 -29.98 -17.60
CA ALA D 72 -14.47 -29.51 -18.32
C ALA D 72 -15.57 -30.51 -18.35
N ASP D 73 -15.20 -31.73 -18.69
CA ASP D 73 -16.19 -32.80 -18.88
C ASP D 73 -16.78 -33.16 -17.54
N ASP D 74 -15.95 -33.45 -16.57
CA ASP D 74 -16.39 -33.61 -15.18
C ASP D 74 -17.40 -32.53 -14.76
N ILE D 75 -17.12 -31.27 -15.03
CA ILE D 75 -18.11 -30.22 -14.72
C ILE D 75 -19.40 -30.35 -15.56
N ALA D 76 -19.24 -30.65 -16.84
CA ALA D 76 -20.38 -30.88 -17.75
C ALA D 76 -21.26 -32.01 -17.25
N ALA D 77 -20.64 -33.07 -16.71
CA ALA D 77 -21.42 -34.23 -16.21
C ALA D 77 -22.14 -33.88 -14.90
N ASN D 78 -21.57 -33.04 -14.06
CA ASN D 78 -22.25 -32.75 -12.80
C ASN D 78 -22.92 -31.37 -12.87
N TYR D 79 -23.12 -30.83 -14.06
CA TYR D 79 -23.68 -29.51 -14.19
C TYR D 79 -25.08 -29.39 -13.62
N ASP D 80 -25.96 -30.30 -13.99
CA ASP D 80 -27.34 -30.23 -13.54
C ASP D 80 -27.55 -30.57 -12.06
N LYS D 81 -26.62 -31.32 -11.51
CA LYS D 81 -26.77 -31.86 -10.16
C LYS D 81 -26.32 -30.91 -9.03
N TYR D 82 -25.75 -29.75 -9.35
CA TYR D 82 -25.26 -28.84 -8.32
C TYR D 82 -25.51 -27.39 -8.62
N ASP D 83 -25.41 -26.57 -7.58
CA ASP D 83 -25.61 -25.14 -7.67
C ASP D 83 -24.35 -24.38 -8.02
N GLY D 84 -23.18 -24.95 -7.75
CA GLY D 84 -21.89 -24.26 -7.98
C GLY D 84 -20.69 -25.23 -7.93
N PHE D 85 -19.48 -24.74 -8.24
CA PHE D 85 -18.36 -25.69 -8.36
C PHE D 85 -17.07 -25.07 -7.96
N VAL D 86 -16.29 -25.84 -7.19
CA VAL D 86 -14.97 -25.45 -6.76
C VAL D 86 -13.96 -26.44 -7.28
N ILE D 87 -12.97 -25.94 -8.01
CA ILE D 87 -11.92 -26.78 -8.60
C ILE D 87 -10.66 -26.58 -7.80
N LEU D 88 -10.28 -27.60 -7.03
CA LEU D 88 -8.98 -27.59 -6.35
C LEU D 88 -7.93 -28.09 -7.35
N HIS D 89 -6.73 -27.55 -7.20
CA HIS D 89 -5.76 -27.46 -8.25
C HIS D 89 -4.50 -26.83 -7.65
N GLY D 90 -3.36 -27.26 -8.15
CA GLY D 90 -2.08 -26.69 -7.77
C GLY D 90 -1.86 -25.33 -8.41
N THR D 91 -1.03 -24.54 -7.74
CA THR D 91 -0.77 -23.15 -8.08
C THR D 91 -0.05 -22.95 -9.43
N ASP D 92 0.91 -23.80 -9.74
CA ASP D 92 1.84 -23.55 -10.85
C ASP D 92 1.08 -23.15 -12.10
N THR D 93 0.05 -23.91 -12.48
CA THR D 93 -0.65 -23.59 -13.72
C THR D 93 -2.16 -23.41 -13.53
N MSE D 94 -2.52 -23.00 -12.32
CA MSE D 94 -3.92 -22.69 -11.99
C MSE D 94 -4.52 -21.62 -12.89
O MSE D 94 -5.65 -21.74 -13.31
CB MSE D 94 -3.98 -22.24 -10.56
CG MSE D 94 -5.27 -22.49 -9.90
SE MSE D 94 -5.20 -21.70 -8.12
CE MSE D 94 -4.52 -23.33 -7.25
N ALA D 95 -3.75 -20.57 -13.16
CA ALA D 95 -4.19 -19.46 -14.01
C ALA D 95 -4.41 -19.96 -15.41
N TYR D 96 -3.59 -20.95 -15.83
CA TYR D 96 -3.72 -21.43 -17.15
C TYR D 96 -4.98 -22.19 -17.20
N THR D 97 -5.33 -22.87 -16.10
CA THR D 97 -6.55 -23.65 -16.15
C THR D 97 -7.80 -22.80 -16.02
N ALA D 98 -7.87 -21.90 -15.05
CA ALA D 98 -9.01 -20.95 -15.04
C ALA D 98 -9.23 -20.32 -16.44
N SER D 99 -8.16 -19.94 -17.12
CA SER D 99 -8.23 -19.32 -18.42
C SER D 99 -8.84 -20.18 -19.50
N ALA D 100 -8.33 -21.40 -19.63
CA ALA D 100 -8.82 -22.33 -20.63
C ALA D 100 -10.30 -22.65 -20.38
N LEU D 101 -10.68 -22.84 -19.14
CA LEU D 101 -12.07 -23.18 -18.85
C LEU D 101 -13.02 -22.04 -19.19
N SER D 102 -12.65 -20.80 -18.87
CA SER D 102 -13.52 -19.66 -19.21
C SER D 102 -14.03 -19.73 -20.63
N PHE D 103 -13.20 -20.10 -21.61
CA PHE D 103 -13.59 -20.09 -23.02
C PHE D 103 -14.30 -21.37 -23.43
N MSE D 104 -13.89 -22.50 -22.86
CA MSE D 104 -14.54 -23.79 -23.11
C MSE D 104 -16.01 -23.86 -22.72
O MSE D 104 -16.79 -24.61 -23.36
CB MSE D 104 -13.82 -24.90 -22.38
CG MSE D 104 -12.44 -25.11 -22.92
SE MSE D 104 -11.41 -26.35 -21.86
CE MSE D 104 -12.07 -28.08 -22.57
N PHE D 105 -16.38 -23.09 -21.70
CA PHE D 105 -17.76 -23.01 -21.17
C PHE D 105 -18.53 -21.90 -21.89
N GLU D 106 -19.52 -22.32 -22.67
N GLU D 106 -19.54 -22.30 -22.65
CA GLU D 106 -20.41 -21.39 -23.36
CA GLU D 106 -20.38 -21.34 -23.35
C GLU D 106 -21.67 -21.27 -22.49
C GLU D 106 -21.68 -21.26 -22.53
N ASN D 107 -22.16 -20.04 -22.29
CA ASN D 107 -23.36 -19.80 -21.49
C ASN D 107 -23.29 -20.37 -20.09
N LEU D 108 -22.14 -20.25 -19.44
CA LEU D 108 -22.00 -20.67 -18.07
C LEU D 108 -22.95 -19.85 -17.17
N GLY D 109 -23.80 -20.59 -16.45
CA GLY D 109 -24.81 -19.98 -15.63
C GLY D 109 -24.79 -20.46 -14.20
N LYS D 110 -23.70 -21.10 -13.79
CA LYS D 110 -23.46 -21.29 -12.38
C LYS D 110 -21.99 -20.98 -12.13
N PRO D 111 -21.62 -20.63 -10.89
CA PRO D 111 -20.23 -20.32 -10.63
C PRO D 111 -19.31 -21.55 -10.62
N VAL D 112 -18.11 -21.35 -11.19
CA VAL D 112 -17.06 -22.30 -11.15
C VAL D 112 -15.86 -21.53 -10.59
N ILE D 113 -15.37 -21.95 -9.42
CA ILE D 113 -14.29 -21.28 -8.73
C ILE D 113 -13.07 -22.16 -8.61
N VAL D 114 -11.97 -21.75 -9.25
CA VAL D 114 -10.67 -22.43 -9.11
C VAL D 114 -9.88 -21.90 -7.90
N THR D 115 -9.46 -22.83 -7.04
CA THR D 115 -8.65 -22.44 -5.87
C THR D 115 -7.62 -23.49 -5.45
N GLY D 116 -6.93 -23.23 -4.36
CA GLY D 116 -5.90 -24.15 -3.84
C GLY D 116 -5.11 -23.51 -2.73
N SER D 117 -3.90 -23.97 -2.51
CA SER D 117 -3.10 -23.42 -1.44
C SER D 117 -1.61 -23.68 -1.53
N GLN D 118 -0.85 -22.77 -0.91
CA GLN D 118 0.59 -22.89 -0.79
C GLN D 118 0.91 -24.00 0.21
N ILE D 119 0.06 -24.13 1.23
CA ILE D 119 0.34 -24.94 2.44
C ILE D 119 -0.76 -25.98 2.58
N PRO D 120 -0.41 -27.25 2.68
CA PRO D 120 -1.46 -28.27 2.68
C PRO D 120 -2.51 -27.98 3.74
N LEU D 121 -3.75 -28.38 3.44
CA LEU D 121 -4.87 -28.13 4.31
C LEU D 121 -4.67 -28.75 5.68
N ALA D 122 -3.83 -29.77 5.77
CA ALA D 122 -3.58 -30.48 7.01
C ALA D 122 -2.38 -29.95 7.87
N ASP D 123 -1.64 -28.91 7.46
CA ASP D 123 -0.66 -28.29 8.37
C ASP D 123 -1.37 -27.23 9.12
N LEU D 124 -0.84 -26.85 10.27
CA LEU D 124 -1.42 -25.73 10.99
C LEU D 124 -1.09 -24.45 10.24
N ARG D 125 -1.98 -23.48 10.40
CA ARG D 125 -1.90 -22.22 9.70
C ARG D 125 -1.94 -22.39 8.20
N SER D 126 -2.69 -23.35 7.70
CA SER D 126 -2.81 -23.48 6.27
C SER D 126 -3.68 -22.35 5.67
N ASP D 127 -3.17 -21.72 4.62
CA ASP D 127 -3.95 -20.81 3.79
C ASP D 127 -5.09 -21.53 3.04
N GLY D 128 -5.03 -22.86 2.92
CA GLY D 128 -6.13 -23.65 2.32
C GLY D 128 -7.49 -23.55 3.02
N GLN D 129 -7.45 -23.26 4.31
CA GLN D 129 -8.63 -23.18 5.14
C GLN D 129 -9.50 -22.04 4.70
N ALA D 130 -8.92 -20.84 4.70
CA ALA D 130 -9.70 -19.66 4.34
C ALA D 130 -10.06 -19.80 2.86
N ASN D 131 -9.12 -20.35 2.08
CA ASN D 131 -9.37 -20.53 0.65
C ASN D 131 -10.56 -21.42 0.31
N LEU D 132 -10.63 -22.59 0.92
CA LEU D 132 -11.74 -23.49 0.61
C LEU D 132 -13.03 -22.97 1.21
N LEU D 133 -12.97 -22.56 2.48
CA LEU D 133 -14.12 -22.02 3.20
C LEU D 133 -14.75 -20.87 2.44
N ASN D 134 -13.94 -19.94 1.97
CA ASN D 134 -14.48 -18.80 1.29
C ASN D 134 -14.94 -19.07 -0.16
N ALA D 135 -14.18 -19.88 -0.89
CA ALA D 135 -14.63 -20.39 -2.16
C ALA D 135 -16.05 -21.03 -2.07
N LEU D 136 -16.26 -21.86 -1.04
CA LEU D 136 -17.56 -22.50 -0.85
C LEU D 136 -18.64 -21.49 -0.55
N HIS D 137 -18.32 -20.54 0.30
CA HIS D 137 -19.26 -19.56 0.73
C HIS D 137 -19.66 -18.60 -0.41
N VAL D 138 -18.71 -18.31 -1.29
CA VAL D 138 -18.89 -17.32 -2.35
C VAL D 138 -19.67 -17.99 -3.45
N ALA D 139 -19.31 -19.21 -3.77
CA ALA D 139 -20.11 -20.03 -4.69
C ALA D 139 -21.59 -20.10 -4.31
N ALA D 140 -21.87 -20.10 -3.01
CA ALA D 140 -23.20 -20.32 -2.48
C ALA D 140 -23.94 -19.02 -2.36
N ASN D 141 -23.36 -18.03 -1.66
CA ASN D 141 -24.06 -16.80 -1.35
C ASN D 141 -23.77 -15.61 -2.27
N TYR D 142 -22.72 -15.70 -3.12
CA TYR D 142 -22.43 -14.62 -4.07
C TYR D 142 -22.04 -15.20 -5.44
N PRO D 143 -22.93 -16.03 -6.01
CA PRO D 143 -22.62 -16.69 -7.25
C PRO D 143 -22.29 -15.69 -8.32
N ILE D 144 -21.14 -15.84 -8.95
CA ILE D 144 -20.85 -15.12 -10.14
C ILE D 144 -20.64 -16.20 -11.19
N ASN D 145 -21.48 -16.17 -12.23
CA ASN D 145 -21.47 -17.20 -13.27
C ASN D 145 -20.39 -16.97 -14.31
N GLU D 146 -19.17 -17.23 -13.88
CA GLU D 146 -17.98 -17.03 -14.62
C GLU D 146 -17.04 -18.08 -14.07
N VAL D 147 -15.97 -18.34 -14.80
CA VAL D 147 -14.88 -19.06 -14.21
C VAL D 147 -14.03 -17.99 -13.51
N THR D 148 -13.91 -18.17 -12.19
CA THR D 148 -13.07 -17.30 -11.39
C THR D 148 -11.98 -18.10 -10.69
N LEU D 149 -11.09 -17.35 -10.05
CA LEU D 149 -9.89 -17.86 -9.40
C LEU D 149 -9.80 -17.13 -8.04
N PHE D 150 -9.76 -17.91 -6.96
CA PHE D 150 -9.81 -17.38 -5.61
C PHE D 150 -8.46 -17.59 -4.96
N PHE D 151 -7.91 -16.52 -4.37
CA PHE D 151 -6.61 -16.57 -3.73
C PHE D 151 -6.37 -15.20 -3.12
N ASN D 152 -5.61 -15.18 -2.02
CA ASN D 152 -5.18 -13.94 -1.34
C ASN D 152 -6.35 -13.08 -0.89
N ASN D 153 -7.43 -13.71 -0.49
CA ASN D 153 -8.64 -12.98 -0.05
C ASN D 153 -9.33 -12.17 -1.14
N ARG D 154 -9.06 -12.48 -2.42
CA ARG D 154 -9.74 -11.86 -3.54
C ARG D 154 -10.22 -12.89 -4.59
N LEU D 155 -11.42 -12.68 -5.13
CA LEU D 155 -11.93 -13.47 -6.24
C LEU D 155 -11.64 -12.72 -7.52
N MSE D 156 -10.84 -13.29 -8.37
CA MSE D 156 -10.37 -12.64 -9.57
C MSE D 156 -11.00 -13.31 -10.75
O MSE D 156 -11.35 -14.47 -10.70
CB MSE D 156 -8.85 -12.71 -9.66
CG MSE D 156 -8.21 -12.07 -8.47
SE MSE D 156 -6.30 -12.40 -8.38
CE MSE D 156 -6.29 -14.12 -7.38
N ARG D 157 -11.19 -12.53 -11.82
CA ARG D 157 -11.69 -13.15 -13.02
C ARG D 157 -10.58 -14.07 -13.56
N GLY D 158 -10.97 -15.33 -13.87
CA GLY D 158 -10.09 -16.42 -14.26
C GLY D 158 -9.07 -16.07 -15.31
N ASN D 159 -9.58 -15.55 -16.42
CA ASN D 159 -8.80 -15.21 -17.60
C ASN D 159 -8.17 -13.85 -17.46
N ARG D 160 -8.19 -13.33 -16.24
CA ARG D 160 -7.47 -12.13 -15.97
C ARG D 160 -6.33 -12.34 -14.97
N SER D 161 -6.24 -13.55 -14.40
CA SER D 161 -5.31 -13.82 -13.30
C SER D 161 -3.93 -14.39 -13.71
N ARG D 162 -2.96 -14.14 -12.85
CA ARG D 162 -1.58 -14.59 -13.08
C ARG D 162 -0.91 -14.77 -11.77
N LYS D 163 0.02 -15.72 -11.73
CA LYS D 163 0.81 -15.98 -10.54
C LYS D 163 1.83 -14.84 -10.39
N SER D 164 1.72 -14.09 -9.32
CA SER D 164 2.54 -12.90 -9.12
C SER D 164 3.87 -13.28 -8.57
N HIS D 165 3.82 -14.07 -7.49
CA HIS D 165 5.00 -14.40 -6.73
C HIS D 165 5.08 -15.92 -6.62
N ALA D 166 6.32 -16.44 -6.60
CA ALA D 166 6.63 -17.81 -6.16
C ALA D 166 7.80 -17.68 -5.15
N ASP D 167 7.42 -17.83 -3.89
CA ASP D 167 8.10 -17.21 -2.75
C ASP D 167 7.54 -18.02 -1.55
N GLY D 168 8.04 -17.76 -0.34
CA GLY D 168 7.30 -18.09 0.88
C GLY D 168 5.87 -17.60 0.73
N PHE D 169 5.68 -16.42 0.11
CA PHE D 169 4.34 -15.88 -0.17
C PHE D 169 4.04 -15.79 -1.66
N SER D 170 3.50 -16.89 -2.17
CA SER D 170 2.90 -16.95 -3.50
C SER D 170 1.49 -16.35 -3.61
N ALA D 171 1.25 -15.73 -4.76
CA ALA D 171 0.05 -14.97 -4.93
C ALA D 171 -0.25 -14.83 -6.42
N PHE D 172 -1.49 -14.43 -6.66
CA PHE D 172 -2.01 -14.25 -7.99
C PHE D 172 -2.61 -12.86 -8.03
N SER D 173 -2.48 -12.20 -9.17
CA SER D 173 -3.13 -10.91 -9.36
C SER D 173 -3.91 -10.86 -10.64
N SER D 174 -4.85 -9.91 -10.65
CA SER D 174 -5.59 -9.48 -11.84
C SER D 174 -5.07 -8.09 -12.22
N PRO D 175 -3.95 -8.03 -12.93
CA PRO D 175 -3.31 -6.73 -13.13
C PRO D 175 -4.11 -5.75 -13.99
N ASN D 176 -4.93 -6.23 -14.93
CA ASN D 176 -5.68 -5.32 -15.84
C ASN D 176 -7.20 -5.26 -15.57
N LEU D 177 -7.67 -5.97 -14.56
CA LEU D 177 -9.04 -5.80 -14.07
C LEU D 177 -9.01 -5.97 -12.56
N PRO D 178 -9.64 -5.04 -11.80
CA PRO D 178 -9.74 -5.25 -10.36
C PRO D 178 -10.40 -6.60 -10.08
N PRO D 179 -10.17 -7.16 -8.87
CA PRO D 179 -10.92 -8.35 -8.46
C PRO D 179 -12.44 -8.13 -8.46
N LEU D 180 -13.17 -9.19 -8.78
CA LEU D 180 -14.63 -9.14 -8.83
C LEU D 180 -15.21 -8.97 -7.44
N LEU D 181 -14.43 -9.33 -6.43
CA LEU D 181 -14.97 -9.46 -5.10
C LEU D 181 -13.80 -9.55 -4.13
N GLU D 182 -13.86 -8.86 -2.99
CA GLU D 182 -12.84 -9.01 -1.92
C GLU D 182 -13.41 -9.70 -0.68
N ALA D 183 -12.79 -10.82 -0.29
CA ALA D 183 -13.15 -11.60 0.93
C ALA D 183 -12.44 -11.06 2.15
N GLY D 184 -12.94 -9.98 2.72
CA GLY D 184 -12.29 -9.39 3.88
C GLY D 184 -12.98 -9.83 5.14
N ILE D 185 -12.92 -9.00 6.17
CA ILE D 185 -13.76 -9.20 7.33
C ILE D 185 -15.20 -9.26 6.78
N ASN D 186 -15.50 -8.38 5.83
CA ASN D 186 -16.77 -8.49 5.11
C ASN D 186 -16.54 -8.80 3.63
N ILE D 187 -17.55 -9.35 2.97
CA ILE D 187 -17.47 -9.61 1.52
C ILE D 187 -18.01 -8.44 0.69
N GLU D 188 -17.14 -7.85 -0.13
CA GLU D 188 -17.46 -6.68 -0.94
C GLU D 188 -17.48 -7.00 -2.40
N LEU D 189 -18.66 -7.15 -2.98
CA LEU D 189 -18.78 -7.22 -4.40
C LEU D 189 -18.31 -5.91 -5.02
N SER D 190 -17.47 -5.99 -6.05
CA SER D 190 -17.10 -4.77 -6.79
C SER D 190 -18.27 -4.21 -7.63
N THR D 191 -18.05 -3.07 -8.29
CA THR D 191 -19.15 -2.37 -8.98
C THR D 191 -19.58 -3.02 -10.30
N ASN D 192 -18.63 -3.53 -11.03
CA ASN D 192 -18.92 -4.02 -12.38
C ASN D 192 -19.54 -5.44 -12.37
N VAL D 193 -19.81 -5.97 -11.17
CA VAL D 193 -20.16 -7.37 -10.97
C VAL D 193 -21.64 -7.50 -10.77
N LYS D 194 -22.25 -8.49 -11.40
CA LYS D 194 -23.63 -8.82 -11.06
C LYS D 194 -23.73 -10.26 -10.57
N VAL D 195 -24.41 -10.43 -9.45
CA VAL D 195 -24.65 -11.73 -8.89
C VAL D 195 -25.63 -12.47 -9.77
N ASP D 196 -25.28 -13.70 -10.11
CA ASP D 196 -26.19 -14.61 -10.77
C ASP D 196 -26.75 -14.02 -12.08
N GLU D 197 -25.85 -13.56 -12.95
CA GLU D 197 -26.26 -13.12 -14.28
C GLU D 197 -26.76 -14.35 -15.04
N LYS D 198 -27.95 -14.22 -15.58
CA LYS D 198 -28.62 -15.30 -16.29
C LYS D 198 -27.98 -15.24 -17.66
N PRO D 199 -27.54 -16.39 -18.21
CA PRO D 199 -26.93 -16.25 -19.52
C PRO D 199 -28.05 -16.35 -20.55
N SER D 200 -27.76 -15.97 -21.79
CA SER D 200 -28.71 -16.12 -22.89
C SER D 200 -29.12 -17.60 -23.12
N GLY D 201 -28.28 -18.34 -23.83
CA GLY D 201 -28.62 -19.68 -24.27
C GLY D 201 -28.24 -20.76 -23.27
N GLU D 202 -27.96 -21.94 -23.80
CA GLU D 202 -27.73 -23.14 -23.02
C GLU D 202 -26.24 -23.44 -22.82
N PHE D 203 -25.95 -24.01 -21.67
CA PHE D 203 -24.60 -24.34 -21.30
C PHE D 203 -24.12 -25.48 -22.17
N LYS D 204 -22.87 -25.37 -22.61
CA LYS D 204 -22.22 -26.33 -23.52
C LYS D 204 -20.72 -26.25 -23.25
N VAL D 205 -20.04 -27.39 -23.38
CA VAL D 205 -18.59 -27.43 -23.30
C VAL D 205 -18.02 -27.58 -24.71
N ASN D 206 -17.29 -26.55 -25.15
CA ASN D 206 -16.54 -26.58 -26.42
C ASN D 206 -15.23 -27.33 -26.17
N PRO D 207 -14.89 -28.27 -27.03
CA PRO D 207 -13.70 -29.06 -26.72
C PRO D 207 -12.43 -28.25 -27.00
N ILE D 208 -11.27 -28.86 -26.67
CA ILE D 208 -10.03 -28.15 -26.75
C ILE D 208 -8.95 -29.20 -26.90
N THR D 209 -8.08 -29.05 -27.92
CA THR D 209 -6.95 -29.97 -28.15
C THR D 209 -5.69 -29.14 -28.19
N PRO D 210 -4.52 -29.74 -27.87
CA PRO D 210 -3.34 -28.91 -27.79
C PRO D 210 -2.93 -28.43 -29.15
N GLN D 211 -2.34 -27.24 -29.13
CA GLN D 211 -2.05 -26.46 -30.30
C GLN D 211 -0.60 -26.00 -30.22
N PRO D 212 0.11 -26.03 -31.38
CA PRO D 212 1.50 -25.60 -31.50
C PRO D 212 1.64 -24.09 -31.55
N ILE D 213 1.76 -23.47 -30.38
CA ILE D 213 1.85 -22.01 -30.29
C ILE D 213 3.28 -21.60 -29.97
N GLY D 214 3.80 -20.67 -30.76
CA GLY D 214 5.12 -20.05 -30.50
C GLY D 214 4.92 -18.85 -29.61
N VAL D 215 5.70 -18.74 -28.55
CA VAL D 215 5.66 -17.52 -27.70
C VAL D 215 7.04 -16.98 -27.75
N ILE D 216 7.19 -15.70 -27.96
CA ILE D 216 8.51 -15.21 -28.23
C ILE D 216 8.60 -13.78 -27.70
N THR D 217 9.57 -13.60 -26.80
CA THR D 217 9.87 -12.32 -26.20
C THR D 217 10.81 -11.49 -27.10
N MSE D 218 10.35 -10.34 -27.59
CA MSE D 218 11.27 -9.39 -28.22
C MSE D 218 12.37 -8.95 -27.23
O MSE D 218 12.14 -8.87 -26.02
CB MSE D 218 10.53 -8.12 -28.67
CG MSE D 218 9.40 -8.35 -29.63
SE MSE D 218 9.93 -8.88 -31.42
CE MSE D 218 9.92 -10.84 -31.15
N TYR D 219 13.55 -8.68 -27.77
CA TYR D 219 14.69 -8.09 -27.05
C TYR D 219 15.57 -7.39 -28.06
N PRO D 220 16.27 -6.35 -27.65
CA PRO D 220 17.11 -5.58 -28.59
C PRO D 220 18.04 -6.40 -29.46
N GLY D 221 17.89 -6.24 -30.77
CA GLY D 221 18.66 -6.94 -31.75
C GLY D 221 18.17 -8.34 -32.05
N ILE D 222 16.99 -8.69 -31.57
CA ILE D 222 16.43 -10.01 -31.87
C ILE D 222 16.48 -10.31 -33.37
N SER D 223 17.13 -11.40 -33.74
CA SER D 223 17.33 -11.81 -35.13
C SER D 223 16.13 -12.44 -35.87
N HIS D 224 15.97 -12.10 -37.14
CA HIS D 224 14.91 -12.65 -37.92
C HIS D 224 15.05 -14.13 -38.10
N GLU D 225 16.29 -14.65 -38.10
CA GLU D 225 16.54 -16.11 -38.05
C GLU D 225 15.97 -16.80 -36.78
N VAL D 226 16.07 -16.17 -35.63
CA VAL D 226 15.43 -16.72 -34.45
C VAL D 226 13.90 -16.78 -34.64
N ILE D 227 13.35 -15.68 -35.16
CA ILE D 227 11.91 -15.57 -35.33
C ILE D 227 11.46 -16.58 -36.39
N ARG D 228 12.19 -16.62 -37.49
CA ARG D 228 11.94 -17.58 -38.56
C ARG D 228 11.80 -18.99 -38.08
N ASN D 229 12.76 -19.36 -37.26
CA ASN D 229 12.82 -20.70 -36.76
C ASN D 229 11.59 -21.04 -35.92
N THR D 230 11.19 -20.09 -35.07
CA THR D 230 10.04 -20.25 -34.22
C THR D 230 8.77 -20.40 -35.01
N LEU D 231 8.74 -19.88 -36.23
CA LEU D 231 7.52 -19.95 -37.06
C LEU D 231 7.48 -21.11 -38.05
N LEU D 232 8.39 -22.08 -37.92
CA LEU D 232 8.37 -23.27 -38.79
C LEU D 232 7.27 -24.23 -38.38
N GLN D 233 6.70 -24.95 -39.36
CA GLN D 233 5.69 -26.00 -39.07
C GLN D 233 6.17 -26.79 -37.84
N PRO D 234 5.26 -27.23 -36.98
CA PRO D 234 3.82 -27.17 -37.17
C PRO D 234 3.18 -25.91 -36.60
N VAL D 235 3.95 -24.93 -36.18
CA VAL D 235 3.43 -23.76 -35.50
C VAL D 235 2.27 -23.18 -36.29
N ASN D 236 1.09 -23.12 -35.65
CA ASN D 236 -0.15 -22.55 -36.21
C ASN D 236 -0.49 -21.18 -35.60
N ALA D 237 0.25 -20.81 -34.57
CA ALA D 237 0.07 -19.51 -33.98
C ALA D 237 1.31 -19.07 -33.18
N MSE D 238 1.33 -17.78 -32.90
CA MSE D 238 2.48 -17.16 -32.40
C MSE D 238 2.07 -15.90 -31.61
O MSE D 238 1.36 -15.03 -32.10
CB MSE D 238 3.34 -16.92 -33.62
CG MSE D 238 4.07 -15.65 -33.62
SE MSE D 238 5.50 -15.85 -32.44
CE MSE D 238 6.90 -16.00 -33.79
N ILE D 239 2.45 -15.87 -30.34
CA ILE D 239 2.29 -14.69 -29.53
C ILE D 239 3.60 -13.94 -29.41
N LEU D 240 3.61 -12.70 -29.87
CA LEU D 240 4.73 -11.81 -29.72
C LEU D 240 4.64 -10.97 -28.46
N LEU D 241 5.63 -11.06 -27.60
CA LEU D 241 5.71 -10.19 -26.43
C LEU D 241 6.58 -8.96 -26.74
N THR D 242 5.93 -7.81 -26.93
CA THR D 242 6.61 -6.59 -27.37
C THR D 242 6.82 -5.53 -26.26
N PHE D 243 7.52 -4.47 -26.60
CA PHE D 243 7.80 -3.36 -25.68
C PHE D 243 6.64 -2.38 -25.55
N GLY D 244 6.35 -2.06 -24.31
CA GLY D 244 5.47 -0.94 -23.99
C GLY D 244 4.09 -1.16 -24.52
N VAL D 245 3.55 -0.15 -25.19
CA VAL D 245 2.18 -0.18 -25.63
C VAL D 245 2.08 -0.95 -26.96
N GLY D 246 3.19 -1.59 -27.35
CA GLY D 246 3.16 -2.59 -28.43
C GLY D 246 4.22 -2.43 -29.51
N ASN D 247 5.37 -1.85 -29.17
CA ASN D 247 6.41 -1.58 -30.19
C ASN D 247 7.31 -2.76 -30.42
N ALA D 248 7.39 -3.22 -31.67
CA ALA D 248 8.44 -4.14 -32.14
C ALA D 248 9.59 -3.33 -32.75
N PRO D 249 10.78 -3.96 -32.88
CA PRO D 249 11.86 -3.33 -33.62
C PRO D 249 11.47 -3.19 -35.06
N GLN D 250 12.01 -2.19 -35.73
CA GLN D 250 11.71 -1.94 -37.14
C GLN D 250 12.58 -2.64 -38.15
N ASN D 251 13.25 -3.76 -37.87
CA ASN D 251 14.05 -4.32 -38.95
C ASN D 251 13.10 -4.99 -39.93
N PRO D 252 13.23 -4.62 -41.20
CA PRO D 252 12.54 -5.16 -42.36
C PRO D 252 12.41 -6.68 -42.38
N GLU D 253 13.51 -7.41 -42.24
CA GLU D 253 13.49 -8.87 -42.47
C GLU D 253 12.74 -9.62 -41.36
N LEU D 254 12.58 -8.99 -40.22
CA LEU D 254 11.79 -9.51 -39.14
C LEU D 254 10.33 -9.35 -39.49
N LEU D 255 9.94 -8.12 -39.85
CA LEU D 255 8.57 -7.86 -40.25
C LEU D 255 8.17 -8.78 -41.44
N ALA D 256 9.12 -9.01 -42.35
CA ALA D 256 8.89 -9.91 -43.47
C ALA D 256 8.69 -11.32 -42.97
N GLN D 257 9.45 -11.77 -41.99
CA GLN D 257 9.19 -13.11 -41.48
C GLN D 257 7.78 -13.21 -40.90
N LEU D 258 7.35 -12.18 -40.20
CA LEU D 258 5.96 -12.14 -39.70
C LEU D 258 4.88 -12.18 -40.81
N LYS D 259 5.00 -11.27 -41.76
CA LYS D 259 4.09 -11.17 -42.89
C LYS D 259 3.98 -12.55 -43.56
N ALA D 260 5.09 -13.20 -43.83
CA ALA D 260 5.03 -14.44 -44.60
C ALA D 260 4.29 -15.52 -43.78
N ALA D 261 4.56 -15.52 -42.48
CA ALA D 261 3.88 -16.39 -41.54
C ALA D 261 2.36 -16.24 -41.65
N SER D 262 1.88 -15.00 -41.61
CA SER D 262 0.46 -14.78 -41.66
C SER D 262 -0.11 -15.24 -42.99
N GLU D 263 0.67 -15.13 -44.05
CA GLU D 263 0.27 -15.57 -45.38
C GLU D 263 0.29 -17.09 -45.57
N ARG D 264 1.02 -17.82 -44.74
CA ARG D 264 0.87 -19.28 -44.66
C ARG D 264 -0.27 -19.67 -43.72
N GLY D 265 -0.92 -18.68 -43.11
CA GLY D 265 -2.05 -18.91 -42.23
C GLY D 265 -1.70 -18.97 -40.75
N VAL D 266 -0.54 -18.47 -40.35
CA VAL D 266 -0.19 -18.45 -38.95
C VAL D 266 -0.70 -17.15 -38.37
N ILE D 267 -1.43 -17.23 -37.26
CA ILE D 267 -1.85 -16.05 -36.50
C ILE D 267 -0.78 -15.51 -35.58
N VAL D 268 -0.59 -14.22 -35.60
CA VAL D 268 0.41 -13.60 -34.81
C VAL D 268 -0.25 -12.53 -33.92
N VAL D 269 -0.26 -12.84 -32.64
CA VAL D 269 -0.81 -11.92 -31.66
C VAL D 269 0.28 -11.12 -30.96
N ASN D 270 0.00 -9.84 -30.78
CA ASN D 270 0.90 -8.93 -30.08
C ASN D 270 0.40 -8.59 -28.65
N LEU D 271 1.08 -9.09 -27.63
CA LEU D 271 0.83 -8.75 -26.25
C LEU D 271 2.05 -7.97 -25.79
N THR D 272 1.82 -7.07 -24.82
CA THR D 272 2.93 -6.37 -24.17
C THR D 272 3.66 -7.29 -23.18
N GLN D 273 4.95 -7.04 -22.99
CA GLN D 273 5.76 -7.76 -21.98
C GLN D 273 5.79 -7.10 -20.57
N CYS D 274 5.13 -5.94 -20.43
CA CYS D 274 4.90 -5.30 -19.10
C CYS D 274 3.76 -5.96 -18.35
N LEU D 275 3.88 -6.12 -17.04
CA LEU D 275 2.83 -6.83 -16.27
C LEU D 275 1.41 -6.21 -16.48
N ALA D 276 1.25 -4.91 -16.20
CA ALA D 276 -0.02 -4.19 -16.43
C ALA D 276 0.22 -3.33 -17.63
N GLY D 277 -0.77 -3.20 -18.52
CA GLY D 277 -0.57 -2.53 -19.82
C GLY D 277 -1.37 -3.17 -20.97
N LYS D 278 -1.68 -2.35 -21.97
CA LYS D 278 -2.52 -2.71 -23.08
C LYS D 278 -1.75 -2.38 -24.35
N VAL D 279 -1.79 -3.27 -25.33
CA VAL D 279 -1.23 -3.00 -26.63
C VAL D 279 -2.12 -2.01 -27.37
N ASN D 280 -1.54 -0.93 -27.82
CA ASN D 280 -2.22 -0.03 -28.66
C ASN D 280 -1.61 -0.02 -30.05
N MSE D 281 -2.15 -0.85 -30.92
CA MSE D 281 -1.79 -0.84 -32.31
C MSE D 281 -2.58 0.20 -33.12
O MSE D 281 -3.26 1.09 -32.58
CB MSE D 281 -1.90 -2.25 -32.90
CG MSE D 281 -0.68 -3.10 -32.57
SE MSE D 281 -0.86 -4.96 -33.06
CE MSE D 281 -0.87 -4.74 -35.01
N GLY D 282 -2.39 0.17 -34.44
CA GLY D 282 -3.36 0.75 -35.36
C GLY D 282 -3.32 2.28 -35.65
N GLY D 283 -2.29 2.96 -35.14
CA GLY D 283 -1.99 4.27 -35.66
C GLY D 283 -0.99 5.11 -34.92
N TYR D 284 -1.50 5.99 -34.06
CA TYR D 284 -0.68 7.06 -33.49
C TYR D 284 0.34 6.54 -32.50
N ALA D 285 -0.10 5.67 -31.59
CA ALA D 285 0.77 5.21 -30.50
C ALA D 285 2.02 4.47 -31.04
N THR D 286 1.83 3.46 -31.90
CA THR D 286 2.95 2.59 -32.34
C THR D 286 3.20 2.50 -33.84
N GLY D 287 2.46 3.29 -34.63
CA GLY D 287 2.53 3.15 -36.09
C GLY D 287 1.98 1.82 -36.61
N CYS D 288 2.10 1.61 -37.92
CA CYS D 288 1.42 0.49 -38.61
C CYS D 288 2.25 -0.71 -39.08
N ALA D 289 3.54 -0.72 -38.76
CA ALA D 289 4.42 -1.79 -39.19
C ALA D 289 3.78 -3.18 -38.96
N LEU D 290 3.43 -3.49 -37.72
CA LEU D 290 2.90 -4.80 -37.37
C LEU D 290 1.49 -5.07 -37.91
N ALA D 291 0.62 -4.08 -37.94
CA ALA D 291 -0.68 -4.32 -38.55
C ALA D 291 -0.42 -4.64 -40.03
N ASP D 292 0.51 -3.93 -40.67
CA ASP D 292 0.73 -4.21 -42.11
C ASP D 292 1.23 -5.61 -42.36
N ALA D 293 1.94 -6.19 -41.38
CA ALA D 293 2.46 -7.55 -41.49
C ALA D 293 1.43 -8.65 -41.04
N GLY D 294 0.19 -8.27 -40.80
CA GLY D 294 -0.85 -9.23 -40.50
C GLY D 294 -0.95 -9.57 -39.01
N VAL D 295 -0.26 -8.80 -38.18
CA VAL D 295 -0.23 -9.05 -36.73
C VAL D 295 -1.51 -8.46 -36.16
N ILE D 296 -2.12 -9.12 -35.17
CA ILE D 296 -3.31 -8.58 -34.49
C ILE D 296 -3.03 -8.21 -33.04
N SER D 297 -3.83 -7.28 -32.52
CA SER D 297 -3.61 -6.79 -31.16
C SER D 297 -4.28 -7.75 -30.24
N GLY D 298 -3.59 -8.04 -29.17
CA GLY D 298 -4.14 -8.82 -28.09
C GLY D 298 -4.57 -7.96 -26.93
N TYR D 299 -4.59 -6.66 -27.11
CA TYR D 299 -5.10 -5.76 -26.13
C TYR D 299 -4.38 -5.91 -24.78
N ASP D 300 -5.08 -6.06 -23.64
CA ASP D 300 -4.47 -6.10 -22.30
C ASP D 300 -4.60 -7.49 -21.74
N MSE D 301 -4.61 -8.42 -22.68
CA MSE D 301 -4.81 -9.82 -22.45
C MSE D 301 -3.62 -10.35 -21.68
O MSE D 301 -2.51 -10.02 -21.99
CB MSE D 301 -4.95 -10.45 -23.83
CG MSE D 301 -5.32 -11.92 -23.88
SE MSE D 301 -6.79 -12.39 -25.13
CE MSE D 301 -5.98 -11.89 -26.87
N THR D 302 -3.82 -11.19 -20.68
CA THR D 302 -2.68 -11.93 -20.14
C THR D 302 -2.16 -12.97 -21.18
N PRO D 303 -0.90 -13.41 -21.07
CA PRO D 303 -0.45 -14.55 -21.87
C PRO D 303 -1.24 -15.84 -21.61
N GLU D 304 -1.63 -16.06 -20.36
CA GLU D 304 -2.51 -17.16 -20.07
C GLU D 304 -3.80 -17.07 -20.86
N ALA D 305 -4.43 -15.88 -20.87
CA ALA D 305 -5.71 -15.68 -21.59
C ALA D 305 -5.47 -15.88 -23.08
N ALA D 306 -4.48 -15.15 -23.58
CA ALA D 306 -4.10 -15.23 -24.97
C ALA D 306 -3.87 -16.69 -25.38
N LEU D 307 -3.10 -17.47 -24.60
CA LEU D 307 -2.86 -18.89 -24.90
C LEU D 307 -4.11 -19.74 -24.92
N ALA D 308 -4.97 -19.54 -23.93
CA ALA D 308 -6.18 -20.35 -23.81
C ALA D 308 -7.12 -20.09 -25.00
N LYS D 309 -7.20 -18.83 -25.35
CA LYS D 309 -8.15 -18.30 -26.31
C LYS D 309 -7.79 -18.79 -27.72
N LEU D 310 -6.50 -18.84 -28.07
CA LEU D 310 -6.04 -19.48 -29.33
C LEU D 310 -6.30 -20.98 -29.30
N HIS D 311 -5.91 -21.65 -28.20
CA HIS D 311 -6.33 -23.05 -28.02
C HIS D 311 -7.83 -23.24 -28.26
N TYR D 312 -8.65 -22.38 -27.69
CA TYR D 312 -10.11 -22.48 -27.89
C TYR D 312 -10.53 -22.30 -29.35
N LEU D 313 -10.09 -21.23 -30.00
CA LEU D 313 -10.51 -20.94 -31.36
C LEU D 313 -9.96 -21.92 -32.39
N LEU D 314 -8.68 -22.23 -32.30
CA LEU D 314 -8.03 -23.17 -33.21
C LEU D 314 -8.49 -24.55 -32.99
N SER D 315 -9.03 -24.83 -31.81
CA SER D 315 -9.52 -26.18 -31.56
C SER D 315 -10.90 -26.38 -32.17
N GLN D 316 -11.57 -25.30 -32.60
CA GLN D 316 -12.82 -25.39 -33.37
C GLN D 316 -12.41 -25.65 -34.78
N ASN D 317 -13.40 -25.70 -35.66
CA ASN D 317 -13.03 -25.74 -37.05
C ASN D 317 -13.40 -24.49 -37.84
N LEU D 318 -12.74 -23.39 -37.47
CA LEU D 318 -12.99 -22.06 -38.05
C LEU D 318 -11.91 -21.70 -39.07
N SER D 319 -12.26 -20.90 -40.07
CA SER D 319 -11.25 -20.41 -41.00
C SER D 319 -10.18 -19.53 -40.32
N TYR D 320 -9.02 -19.41 -40.95
CA TYR D 320 -8.02 -18.44 -40.49
C TYR D 320 -8.60 -17.05 -40.13
N GLU D 321 -9.52 -16.55 -40.96
N GLU D 321 -9.54 -16.61 -40.96
CA GLU D 321 -10.01 -15.16 -40.80
CA GLU D 321 -10.09 -15.27 -40.95
C GLU D 321 -10.98 -15.05 -39.65
C GLU D 321 -11.01 -15.07 -39.75
N GLU D 322 -11.69 -16.13 -39.37
CA GLU D 322 -12.58 -16.15 -38.21
C GLU D 322 -11.86 -16.18 -36.91
N VAL D 323 -10.84 -17.02 -36.84
CA VAL D 323 -10.03 -17.13 -35.64
C VAL D 323 -9.47 -15.76 -35.39
N LYS D 324 -8.87 -15.22 -36.44
CA LYS D 324 -8.39 -13.86 -36.45
C LYS D 324 -9.43 -12.90 -35.91
N ALA D 325 -10.61 -12.86 -36.51
CA ALA D 325 -11.63 -11.90 -36.06
C ALA D 325 -11.98 -12.14 -34.60
N LYS D 326 -12.08 -13.41 -34.24
CA LYS D 326 -12.51 -13.71 -32.91
C LYS D 326 -11.46 -13.37 -31.85
N MSE D 327 -10.19 -13.61 -32.16
CA MSE D 327 -9.16 -13.19 -31.24
C MSE D 327 -9.37 -11.78 -30.79
O MSE D 327 -9.04 -11.44 -29.64
CB MSE D 327 -7.79 -13.32 -31.86
CG MSE D 327 -7.32 -14.74 -31.90
SE MSE D 327 -7.14 -15.36 -30.08
CE MSE D 327 -5.51 -14.45 -29.48
N GLN D 328 -9.92 -10.96 -31.69
CA GLN D 328 -10.11 -9.55 -31.47
C GLN D 328 -11.49 -9.13 -30.91
N GLN D 329 -12.42 -10.04 -30.68
CA GLN D 329 -13.59 -9.64 -29.88
C GLN D 329 -13.53 -10.19 -28.48
N VAL D 330 -14.19 -9.45 -27.60
CA VAL D 330 -14.23 -9.78 -26.19
C VAL D 330 -15.23 -10.91 -26.08
N LEU D 331 -14.76 -12.13 -25.77
CA LEU D 331 -15.64 -13.30 -25.63
C LEU D 331 -16.05 -13.64 -24.20
N ARG D 332 -15.19 -13.40 -23.20
CA ARG D 332 -15.44 -13.82 -21.81
C ARG D 332 -14.83 -12.91 -20.79
N GLY D 333 -14.91 -11.61 -21.06
CA GLY D 333 -14.24 -10.58 -20.28
C GLY D 333 -12.71 -10.59 -20.22
N GLU D 334 -12.03 -11.29 -21.12
CA GLU D 334 -10.57 -11.42 -21.05
C GLU D 334 -9.80 -10.11 -21.24
N MSE D 335 -10.46 -9.08 -21.76
CA MSE D 335 -9.78 -7.87 -22.24
C MSE D 335 -10.81 -6.84 -22.49
O MSE D 335 -11.97 -7.18 -22.63
CB MSE D 335 -9.03 -8.12 -23.58
CG MSE D 335 -9.91 -8.32 -24.76
SE MSE D 335 -9.06 -9.13 -26.35
CE MSE D 335 -10.50 -9.00 -27.64
N THR D 336 -10.40 -5.59 -22.49
CA THR D 336 -11.29 -4.54 -22.99
C THR D 336 -10.63 -3.84 -24.17
N LEU D 337 -11.52 -3.45 -25.09
CA LEU D 337 -11.32 -2.59 -26.27
C LEU D 337 -11.49 -3.51 -27.52
C ACT E . 4.35 26.59 10.40
O ACT E . 5.31 26.36 9.60
OXT ACT E . 3.70 25.62 10.89
CH3 ACT E . 4.03 28.05 10.71
C ACT F . -11.04 -13.57 38.04
O ACT F . -12.26 -13.85 37.85
OXT ACT F . -10.72 -12.39 37.81
CH3 ACT F . -10.01 -14.58 38.50
C ACT G . -16.64 -4.18 22.90
O ACT G . -16.80 -5.43 22.90
OXT ACT G . -15.66 -3.74 22.25
CH3 ACT G . -17.55 -3.21 23.61
C ACT H . 9.93 5.57 -26.27
O ACT H . 10.49 6.71 -26.42
OXT ACT H . 10.06 5.04 -25.13
CH3 ACT H . 9.16 4.89 -27.38
C1 GOL I . 1.03 -27.96 -6.31
O1 GOL I . 0.64 -29.03 -7.15
C2 GOL I . 1.84 -26.90 -7.08
O2 GOL I . 1.70 -27.10 -8.49
C3 GOL I . 3.32 -26.94 -6.70
O3 GOL I . 3.62 -26.16 -5.55
#